data_6MYP
#
_entry.id   6MYP
#
_cell.length_a   69.951
_cell.length_b   84.303
_cell.length_c   290.194
_cell.angle_alpha   90.00
_cell.angle_beta   90.00
_cell.angle_gamma   90.00
#
_symmetry.space_group_name_H-M   'P 21 21 21'
#
loop_
_entity.id
_entity.type
_entity.pdbx_description
1 polymer 'Succinate dehydrogenase [ubiquinone] flavoprotein subunit, mitochondrial'
2 polymer 'Succinate dehydrogenase [ubiquinone] iron-sulfur subunit, mitochondrial'
3 polymer 'Succinate dehydrogenase cytochrome b, large subunit'
4 polymer 'Succinate dehydrogenase [ubiquinone] cytochrome b small subunit, mitochondrial'
5 non-polymer 'FLAVIN-ADENINE DINUCLEOTIDE'
6 non-polymer 'OXALOACETATE ION'
7 non-polymer 'POTASSIUM ION'
8 non-polymer 'MAGNESIUM ION'
9 non-polymer 'BICARBONATE ION'
10 non-polymer DI(HYDROXYETHYL)ETHER
11 non-polymer 'UNKNOWN LIGAND'
12 non-polymer 'FE2/S2 (INORGANIC) CLUSTER'
13 non-polymer 'IRON/SULFUR CLUSTER'
14 non-polymer 'FE3-S4 CLUSTER'
15 non-polymer 4,4,4-TRIFLUORO-1-THIEN-2-YLBUTANE-1,3-DIONE
16 non-polymer 'PROTOPORPHYRIN IX CONTAINING FE'
17 non-polymer UNDECYL-MALTOSIDE
18 non-polymer 1,2-Distearoyl-sn-glycerophosphoethanolamine
19 water water
#
loop_
_entity_poly.entity_id
_entity_poly.type
_entity_poly.pdbx_seq_one_letter_code
_entity_poly.pdbx_strand_id
1 'polypeptide(L)'
;STKVSDSISTQYPVVDHEFDAVVVGAGGAGLRAAFGLSEAGFNTACVTKLFPTRSHTVAAQGGINAALGNMEDDNWRWHF
YDTVKGSDWLGDQDAIHYMTEQAPAAVIELENYGMPFSRTEEGKIYQRAFGGQSLQFGKGGQAHRCCCVADRTGHSLLHT
LYGRSLRYDTSYFVEYFALDLLMENGECRGVIALCIEDGTIHRFRAKNTVIATGGYGRTYFSCTSAHTSTGDGTAMVTRA
GLPCQDLEFVQFHPTGIYGAGCLITEGCRGEGGILINSQGERFMERYAPVAKDLASRDVVSRSMTIEIREGRGCGPEKDH
VYLQLHHLPPQQLATRLPGISETAMIFAGVDVTKEPIPVLPTVHYNMGGIPTNYKGQVITHVNGEDKVVPGLYACGEAAS
ASVHGANRLGANSLLDLVVFGRACALTIAETCKPGEPVPSIKPNAGEESVANLDKLRFADGTIRTSEARLNMQKTMQSHA
AVFRTGSILQEGCEKLSQIYRDLAHLKTFDRGIVWNTDLVETLELQNLMLCALQTIYGAEARKESRGAHAREDYKLRIDE
FDYSKPLQGQQKRPFEEHWRKHTLSYVDVKSGKVTLKYRPVIDRTLNEEDCSSVPPAIRSY
;
A
2 'polypeptide(L)'
;AQTAAAATSRIKKFSIYRWDPDKPGDKPRMQTYEVDLNKCGPMVLDALIKIKNELDSTLTFRRSCREGICGSCAMNIAGG
NTLACTKKIDPDLSKTTKIYPLPHMYVVKDLVPDLSNFYAQYKSIEPYLKKKDESKQGKEQYLQSIEDRQKLDGLYECIL
CACCSTSCPSYWWNGDKYLGPAVLMQAYRWMIDSRDDYTEERLAQLQDPFSLYRCHTIMNCTRTCPKGLNPGKAIAEIKK
MMATYKEKAAAA
;
B
3 'polypeptide(L)'
;MATTAKEEMARFWE(MLZ)NTKSSRPLSPHISIYKWSLPMAMSITHRGTGVALSLGVSLFSLAALLLPEQFPHYVAVVKS
LSLSPALIYSAKFALVFPLSYHTWNGIRHLVWDMGKGFKLSQVEQSGVVVLILTLLSSAAIAAM
;
C
4 'polypeptide(L)'
;GSSKAASLHWTSERAVSALLLGLLPAAYLYPGPAVDYSLAAALTLHGHWGLGQVITDYVHGDTPIKVANTGLYVLSAITF
TGLCYFNYYDVGICKAVAMLWSI
;
D
#
loop_
_chem_comp.id
_chem_comp.type
_chem_comp.name
_chem_comp.formula
3PE non-polymer 1,2-Distearoyl-sn-glycerophosphoethanolamine 'C41 H82 N O8 P'
BCT non-polymer 'BICARBONATE ION' 'C H O3 -1'
F3S non-polymer 'FE3-S4 CLUSTER' 'Fe3 S4'
FAD non-polymer 'FLAVIN-ADENINE DINUCLEOTIDE' 'C27 H33 N9 O15 P2'
FES non-polymer 'FE2/S2 (INORGANIC) CLUSTER' 'Fe2 S2'
HEM non-polymer 'PROTOPORPHYRIN IX CONTAINING FE' 'C34 H32 Fe N4 O4'
K non-polymer 'POTASSIUM ION' 'K 1'
MG non-polymer 'MAGNESIUM ION' 'Mg 2'
OAA non-polymer 'OXALOACETATE ION' 'C4 H3 O5 -1'
PEG non-polymer DI(HYDROXYETHYL)ETHER 'C4 H10 O3'
SF4 non-polymer 'IRON/SULFUR CLUSTER' 'Fe4 S4'
TTF non-polymer 4,4,4-TRIFLUORO-1-THIEN-2-YLBUTANE-1,3-DIONE 'C8 H5 F3 O2 S'
UMQ non-polymer UNDECYL-MALTOSIDE 'C23 H44 O11'
UNL non-polymer 'UNKNOWN LIGAND' ?
#
# COMPACT_ATOMS: atom_id res chain seq x y z
N THR A 10 -18.70 10.41 30.17
CA THR A 10 -17.81 10.52 31.32
C THR A 10 -16.35 10.55 30.89
N GLN A 11 -15.73 11.74 31.01
CA GLN A 11 -14.32 11.96 30.70
C GLN A 11 -14.02 11.79 29.21
N TYR A 12 -14.66 10.82 28.57
CA TYR A 12 -14.51 10.60 27.13
C TYR A 12 -15.80 10.97 26.42
N PRO A 13 -15.78 11.91 25.47
CA PRO A 13 -17.01 12.24 24.74
C PRO A 13 -17.42 11.09 23.83
N VAL A 14 -18.64 10.57 24.05
CA VAL A 14 -19.15 9.42 23.32
C VAL A 14 -20.06 9.93 22.21
N VAL A 15 -19.81 9.45 20.99
CA VAL A 15 -20.59 9.83 19.81
C VAL A 15 -21.35 8.60 19.32
N ASP A 16 -22.67 8.73 19.20
CA ASP A 16 -23.51 7.64 18.76
C ASP A 16 -23.84 7.79 17.28
N HIS A 17 -23.77 6.67 16.55
CA HIS A 17 -24.13 6.60 15.14
C HIS A 17 -25.20 5.55 14.93
N GLU A 18 -26.00 5.74 13.88
CA GLU A 18 -27.06 4.81 13.54
C GLU A 18 -26.96 4.48 12.05
N PHE A 19 -26.80 3.19 11.73
CA PHE A 19 -26.70 2.73 10.37
C PHE A 19 -27.54 1.46 10.22
N ASP A 20 -27.71 1.02 8.98
CA ASP A 20 -28.35 -0.27 8.72
C ASP A 20 -27.38 -1.42 8.99
N ALA A 21 -26.11 -1.24 8.67
CA ALA A 21 -25.10 -2.26 8.90
C ALA A 21 -23.76 -1.59 9.15
N VAL A 22 -22.87 -2.33 9.80
N VAL A 22 -22.87 -2.33 9.81
CA VAL A 22 -21.53 -1.85 10.13
CA VAL A 22 -21.53 -1.85 10.12
C VAL A 22 -20.53 -2.95 9.81
C VAL A 22 -20.55 -2.97 9.78
N VAL A 23 -19.46 -2.61 9.09
CA VAL A 23 -18.42 -3.56 8.70
C VAL A 23 -17.13 -3.15 9.40
N VAL A 24 -16.61 -4.02 10.25
CA VAL A 24 -15.34 -3.78 10.92
C VAL A 24 -14.25 -4.46 10.09
N GLY A 25 -13.43 -3.65 9.42
CA GLY A 25 -12.38 -4.17 8.56
C GLY A 25 -12.49 -3.69 7.14
N ALA A 26 -11.37 -3.32 6.53
CA ALA A 26 -11.33 -2.81 5.17
C ALA A 26 -10.31 -3.56 4.31
N GLY A 27 -10.10 -4.84 4.60
CA GLY A 27 -9.27 -5.68 3.76
C GLY A 27 -10.02 -6.17 2.55
N GLY A 28 -9.61 -7.32 2.03
CA GLY A 28 -10.31 -7.90 0.89
C GLY A 28 -11.74 -8.24 1.22
N ALA A 29 -11.96 -8.91 2.35
CA ALA A 29 -13.32 -9.32 2.72
C ALA A 29 -14.14 -8.13 3.21
N GLY A 30 -13.53 -7.20 3.95
CA GLY A 30 -14.27 -6.08 4.49
C GLY A 30 -14.78 -5.14 3.42
N LEU A 31 -13.95 -4.86 2.41
CA LEU A 31 -14.39 -3.97 1.33
C LEU A 31 -15.50 -4.60 0.50
N ARG A 32 -15.37 -5.88 0.17
CA ARG A 32 -16.38 -6.54 -0.65
C ARG A 32 -17.74 -6.55 0.05
N ALA A 33 -17.74 -6.76 1.38
CA ALA A 33 -18.99 -6.70 2.12
C ALA A 33 -19.49 -5.28 2.28
N ALA A 34 -18.57 -4.30 2.36
CA ALA A 34 -18.95 -2.92 2.62
C ALA A 34 -19.79 -2.35 1.48
N PHE A 35 -19.21 -2.20 0.29
CA PHE A 35 -19.97 -1.61 -0.80
C PHE A 35 -21.00 -2.57 -1.39
N GLY A 36 -20.89 -3.87 -1.09
CA GLY A 36 -21.95 -4.78 -1.47
C GLY A 36 -23.25 -4.49 -0.74
N LEU A 37 -23.16 -4.09 0.53
CA LEU A 37 -24.35 -3.66 1.26
C LEU A 37 -24.88 -2.33 0.74
N SER A 38 -23.98 -1.38 0.44
CA SER A 38 -24.41 -0.11 -0.13
C SER A 38 -25.00 -0.32 -1.52
N GLU A 39 -24.47 -1.27 -2.29
CA GLU A 39 -25.04 -1.59 -3.59
C GLU A 39 -26.46 -2.13 -3.46
N ALA A 40 -26.75 -2.83 -2.36
CA ALA A 40 -28.09 -3.34 -2.11
C ALA A 40 -29.02 -2.29 -1.50
N GLY A 41 -28.53 -1.07 -1.28
CA GLY A 41 -29.34 0.00 -0.76
C GLY A 41 -29.28 0.23 0.73
N PHE A 42 -28.31 -0.38 1.42
CA PHE A 42 -28.19 -0.25 2.87
C PHE A 42 -27.23 0.88 3.22
N ASN A 43 -27.64 1.72 4.17
CA ASN A 43 -26.77 2.75 4.73
C ASN A 43 -25.70 2.05 5.56
N THR A 44 -24.50 1.95 5.00
CA THR A 44 -23.44 1.10 5.55
C THR A 44 -22.29 1.95 6.06
N ALA A 45 -21.69 1.50 7.16
CA ALA A 45 -20.49 2.12 7.73
C ALA A 45 -19.36 1.10 7.76
N CYS A 46 -18.17 1.53 7.36
CA CYS A 46 -16.98 0.67 7.34
C CYS A 46 -15.96 1.23 8.33
N VAL A 47 -15.74 0.50 9.41
CA VAL A 47 -14.81 0.90 10.47
C VAL A 47 -13.52 0.11 10.32
N THR A 48 -12.39 0.81 10.26
CA THR A 48 -11.10 0.17 10.04
C THR A 48 -10.03 0.96 10.77
N LYS A 49 -9.13 0.23 11.44
CA LYS A 49 -8.04 0.88 12.17
C LYS A 49 -6.90 1.32 11.25
N LEU A 50 -6.91 0.89 10.00
CA LEU A 50 -5.92 1.31 9.01
C LEU A 50 -6.62 1.90 7.80
N PHE A 51 -5.86 2.62 6.99
CA PHE A 51 -6.36 2.98 5.68
C PHE A 51 -6.54 1.70 4.86
N PRO A 52 -7.64 1.57 4.12
CA PRO A 52 -7.95 0.27 3.49
C PRO A 52 -6.81 -0.36 2.71
N THR A 53 -6.06 0.43 1.94
CA THR A 53 -4.99 -0.15 1.12
C THR A 53 -3.77 -0.58 1.94
N ARG A 54 -3.75 -0.34 3.24
CA ARG A 54 -2.66 -0.80 4.10
C ARG A 54 -2.88 -2.19 4.65
N SER A 55 -4.09 -2.75 4.52
CA SER A 55 -4.42 -4.03 5.11
C SER A 55 -3.54 -5.14 4.54
N HIS A 56 -3.44 -6.25 5.28
CA HIS A 56 -2.51 -7.30 4.91
C HIS A 56 -2.83 -7.93 3.57
N THR A 57 -4.07 -7.79 3.08
CA THR A 57 -4.39 -8.29 1.75
C THR A 57 -3.49 -7.70 0.68
N VAL A 58 -3.03 -6.46 0.88
CA VAL A 58 -2.16 -5.80 -0.09
C VAL A 58 -0.84 -6.54 -0.26
N ALA A 59 -0.46 -7.37 0.71
CA ALA A 59 0.79 -8.11 0.66
C ALA A 59 0.66 -9.47 -0.01
N ALA A 60 -0.54 -9.86 -0.43
CA ALA A 60 -0.73 -11.17 -1.05
C ALA A 60 -0.08 -11.21 -2.43
N GLN A 61 0.55 -12.34 -2.73
CA GLN A 61 1.41 -12.47 -3.91
C GLN A 61 0.94 -13.53 -4.89
N GLY A 62 0.73 -14.77 -4.42
CA GLY A 62 0.49 -15.91 -5.28
C GLY A 62 -0.62 -15.77 -6.30
N GLY A 63 -1.84 -15.54 -5.84
CA GLY A 63 -2.96 -15.40 -6.74
C GLY A 63 -4.26 -15.82 -6.06
N ILE A 64 -5.26 -16.08 -6.88
CA ILE A 64 -6.59 -16.44 -6.42
C ILE A 64 -7.14 -17.56 -7.31
N ASN A 65 -7.62 -18.63 -6.69
CA ASN A 65 -8.02 -19.82 -7.42
C ASN A 65 -9.42 -19.66 -8.01
N ALA A 66 -9.58 -20.17 -9.24
CA ALA A 66 -10.87 -20.22 -9.91
C ALA A 66 -10.79 -21.13 -11.13
N ALA A 67 -11.76 -22.02 -11.28
CA ALA A 67 -11.77 -22.96 -12.41
C ALA A 67 -12.29 -22.26 -13.67
N LEU A 68 -11.48 -21.32 -14.15
CA LEU A 68 -11.85 -20.57 -15.35
C LEU A 68 -11.62 -21.38 -16.62
N GLY A 69 -10.66 -22.31 -16.60
CA GLY A 69 -10.37 -23.09 -17.79
C GLY A 69 -9.62 -22.33 -18.86
N ASN A 70 -8.75 -21.39 -18.48
CA ASN A 70 -8.02 -20.58 -19.44
C ASN A 70 -6.74 -21.26 -19.93
N MET A 71 -6.15 -22.14 -19.13
CA MET A 71 -4.95 -22.85 -19.54
C MET A 71 -5.24 -24.25 -20.07
N GLU A 72 -6.25 -24.91 -19.53
CA GLU A 72 -6.72 -26.19 -20.05
C GLU A 72 -8.17 -26.37 -19.61
N ASP A 73 -8.74 -27.53 -19.91
CA ASP A 73 -10.10 -27.83 -19.47
C ASP A 73 -10.11 -28.07 -17.97
N ASP A 74 -10.99 -27.38 -17.27
CA ASP A 74 -11.08 -27.45 -15.82
C ASP A 74 -12.53 -27.70 -15.41
N ASN A 75 -12.75 -27.85 -14.11
CA ASN A 75 -14.07 -28.03 -13.55
C ASN A 75 -14.02 -27.67 -12.08
N TRP A 76 -14.97 -26.83 -11.63
CA TRP A 76 -14.94 -26.35 -10.25
C TRP A 76 -15.12 -27.48 -9.25
N ARG A 77 -15.72 -28.60 -9.65
CA ARG A 77 -15.81 -29.75 -8.76
C ARG A 77 -14.46 -30.38 -8.51
N TRP A 78 -13.54 -30.27 -9.47
CA TRP A 78 -12.16 -30.68 -9.21
C TRP A 78 -11.51 -29.79 -8.16
N HIS A 79 -11.72 -28.47 -8.27
CA HIS A 79 -11.27 -27.54 -7.24
C HIS A 79 -11.95 -27.83 -5.90
N PHE A 80 -13.20 -28.28 -5.95
CA PHE A 80 -13.90 -28.68 -4.73
C PHE A 80 -13.18 -29.86 -4.06
N TYR A 81 -12.82 -30.87 -4.85
CA TYR A 81 -12.13 -32.04 -4.30
C TYR A 81 -10.78 -31.67 -3.71
N ASP A 82 -10.04 -30.78 -4.40
CA ASP A 82 -8.72 -30.38 -3.90
C ASP A 82 -8.83 -29.72 -2.54
N THR A 83 -9.81 -28.84 -2.36
CA THR A 83 -9.96 -28.12 -1.10
C THR A 83 -10.38 -29.07 0.02
N VAL A 84 -11.28 -30.01 -0.27
CA VAL A 84 -11.74 -30.94 0.76
C VAL A 84 -10.59 -31.84 1.20
N LYS A 85 -9.82 -32.38 0.24
CA LYS A 85 -8.66 -33.18 0.60
C LYS A 85 -7.58 -32.33 1.25
N GLY A 86 -7.43 -31.08 0.81
CA GLY A 86 -6.45 -30.21 1.43
C GLY A 86 -6.78 -29.90 2.88
N SER A 87 -8.07 -29.75 3.18
CA SER A 87 -8.51 -29.50 4.56
C SER A 87 -8.36 -30.72 5.46
N ASP A 88 -7.96 -31.86 4.91
CA ASP A 88 -7.84 -33.12 5.67
C ASP A 88 -9.18 -33.50 6.29
N TRP A 89 -10.26 -33.22 5.58
CA TRP A 89 -11.62 -33.60 5.97
C TRP A 89 -12.02 -33.00 7.31
N LEU A 90 -11.57 -31.78 7.56
CA LEU A 90 -12.07 -30.98 8.68
C LEU A 90 -12.91 -29.80 8.22
N GLY A 91 -12.82 -29.41 6.95
CA GLY A 91 -13.62 -28.31 6.46
C GLY A 91 -15.05 -28.70 6.18
N ASP A 92 -15.94 -27.71 6.26
CA ASP A 92 -17.35 -27.93 5.99
C ASP A 92 -17.57 -27.97 4.48
N GLN A 93 -17.99 -29.13 3.97
CA GLN A 93 -18.09 -29.32 2.52
C GLN A 93 -19.19 -28.49 1.90
N ASP A 94 -20.18 -28.03 2.67
CA ASP A 94 -21.19 -27.16 2.12
C ASP A 94 -20.65 -25.75 1.89
N ALA A 95 -19.74 -25.29 2.76
CA ALA A 95 -19.08 -24.00 2.53
C ALA A 95 -18.06 -24.11 1.41
N ILE A 96 -17.36 -25.25 1.32
CA ILE A 96 -16.41 -25.46 0.23
C ILE A 96 -17.14 -25.52 -1.11
N HIS A 97 -18.30 -26.15 -1.14
CA HIS A 97 -19.12 -26.18 -2.35
C HIS A 97 -19.45 -24.76 -2.82
N TYR A 98 -19.91 -23.92 -1.91
CA TYR A 98 -20.30 -22.56 -2.29
C TYR A 98 -19.10 -21.76 -2.79
N MET A 99 -17.94 -21.90 -2.13
CA MET A 99 -16.79 -21.09 -2.51
C MET A 99 -16.25 -21.51 -3.88
N THR A 100 -16.13 -22.81 -4.12
CA THR A 100 -15.55 -23.27 -5.38
C THR A 100 -16.50 -23.07 -6.56
N GLU A 101 -17.81 -23.09 -6.32
CA GLU A 101 -18.76 -22.87 -7.40
C GLU A 101 -18.84 -21.40 -7.78
N GLN A 102 -18.77 -20.51 -6.79
CA GLN A 102 -18.77 -19.07 -7.05
C GLN A 102 -17.43 -18.55 -7.50
N ALA A 103 -16.38 -19.38 -7.46
CA ALA A 103 -15.03 -18.91 -7.78
C ALA A 103 -14.91 -18.31 -9.18
N PRO A 104 -15.43 -18.92 -10.24
CA PRO A 104 -15.31 -18.28 -11.56
C PRO A 104 -16.01 -16.94 -11.64
N ALA A 105 -17.24 -16.84 -11.13
CA ALA A 105 -17.96 -15.57 -11.19
C ALA A 105 -17.30 -14.51 -10.31
N ALA A 106 -16.62 -14.92 -9.23
CA ALA A 106 -15.98 -13.96 -8.36
C ALA A 106 -14.75 -13.34 -9.03
N VAL A 107 -13.93 -14.16 -9.68
CA VAL A 107 -12.74 -13.64 -10.35
C VAL A 107 -13.12 -12.80 -11.56
N ILE A 108 -14.16 -13.22 -12.29
CA ILE A 108 -14.65 -12.42 -13.41
C ILE A 108 -15.13 -11.06 -12.92
N GLU A 109 -15.77 -11.02 -11.75
CA GLU A 109 -16.20 -9.75 -11.17
C GLU A 109 -15.00 -8.86 -10.87
N LEU A 110 -13.90 -9.46 -10.40
CA LEU A 110 -12.70 -8.68 -10.09
C LEU A 110 -12.06 -8.12 -11.35
N GLU A 111 -11.96 -8.94 -12.40
CA GLU A 111 -11.38 -8.46 -13.65
C GLU A 111 -12.25 -7.37 -14.26
N ASN A 112 -13.58 -7.54 -14.20
CA ASN A 112 -14.48 -6.52 -14.71
C ASN A 112 -14.43 -5.23 -13.89
N TYR A 113 -13.96 -5.31 -12.64
CA TYR A 113 -13.73 -4.11 -11.85
C TYR A 113 -12.53 -3.32 -12.33
N GLY A 114 -11.58 -3.97 -13.00
CA GLY A 114 -10.41 -3.30 -13.52
C GLY A 114 -9.10 -3.88 -13.03
N MET A 115 -9.17 -5.05 -12.41
CA MET A 115 -7.98 -5.69 -11.87
C MET A 115 -7.05 -6.11 -13.00
N PRO A 116 -5.79 -5.69 -13.00
CA PRO A 116 -4.87 -5.94 -14.13
C PRO A 116 -4.25 -7.33 -14.10
N PHE A 117 -5.09 -8.34 -14.26
CA PHE A 117 -4.62 -9.72 -14.31
C PHE A 117 -3.61 -9.91 -15.43
N SER A 118 -2.67 -10.83 -15.21
CA SER A 118 -1.79 -11.26 -16.29
C SER A 118 -2.60 -11.95 -17.38
N ARG A 119 -2.07 -11.92 -18.60
CA ARG A 119 -2.83 -12.31 -19.77
C ARG A 119 -2.13 -13.44 -20.52
N THR A 120 -2.92 -14.18 -21.29
CA THR A 120 -2.44 -15.25 -22.15
C THR A 120 -2.41 -14.77 -23.60
N GLU A 121 -2.05 -15.68 -24.50
CA GLU A 121 -2.07 -15.35 -25.93
C GLU A 121 -3.47 -15.16 -26.46
N GLU A 122 -4.49 -15.63 -25.74
CA GLU A 122 -5.88 -15.45 -26.15
C GLU A 122 -6.52 -14.21 -25.55
N GLY A 123 -5.83 -13.50 -24.67
CA GLY A 123 -6.38 -12.34 -24.01
C GLY A 123 -7.12 -12.63 -22.72
N LYS A 124 -7.08 -13.86 -22.22
CA LYS A 124 -7.77 -14.25 -21.01
C LYS A 124 -6.83 -14.18 -19.81
N ILE A 125 -7.38 -14.46 -18.63
CA ILE A 125 -6.61 -14.36 -17.40
C ILE A 125 -5.58 -15.49 -17.33
N TYR A 126 -4.33 -15.13 -17.08
CA TYR A 126 -3.28 -16.13 -16.93
C TYR A 126 -3.42 -16.85 -15.60
N GLN A 127 -3.21 -18.16 -15.62
CA GLN A 127 -3.30 -19.00 -14.44
C GLN A 127 -2.05 -19.86 -14.33
N ARG A 128 -1.52 -19.97 -13.12
CA ARG A 128 -0.35 -20.78 -12.84
C ARG A 128 -0.72 -21.96 -11.94
N ALA A 129 0.20 -22.90 -11.82
CA ALA A 129 0.02 -24.02 -10.92
C ALA A 129 0.31 -23.59 -9.48
N PHE A 130 -0.22 -24.37 -8.53
CA PHE A 130 -0.02 -24.10 -7.12
C PHE A 130 -0.04 -25.41 -6.35
N GLY A 131 0.27 -25.33 -5.07
CA GLY A 131 0.43 -26.53 -4.27
C GLY A 131 -0.90 -27.18 -3.96
N GLY A 132 -0.99 -28.49 -4.19
CA GLY A 132 -2.15 -29.27 -3.79
C GLY A 132 -3.35 -29.17 -4.71
N GLN A 133 -3.15 -28.86 -5.98
CA GLN A 133 -4.24 -28.75 -6.94
C GLN A 133 -4.01 -29.72 -8.09
N SER A 134 -5.09 -30.34 -8.56
CA SER A 134 -4.98 -31.37 -9.60
C SER A 134 -6.27 -31.41 -10.41
N LEU A 135 -6.23 -32.17 -11.49
CA LEU A 135 -7.36 -32.36 -12.38
C LEU A 135 -7.93 -33.76 -12.22
N GLN A 136 -9.18 -33.93 -12.67
CA GLN A 136 -9.85 -35.22 -12.70
C GLN A 136 -9.97 -35.84 -11.30
N PHE A 137 -10.39 -35.01 -10.34
CA PHE A 137 -10.59 -35.45 -8.95
C PHE A 137 -9.33 -36.09 -8.38
N GLY A 138 -8.19 -35.46 -8.64
CA GLY A 138 -6.92 -35.95 -8.12
C GLY A 138 -6.25 -37.03 -8.95
N LYS A 139 -6.64 -37.19 -10.22
CA LYS A 139 -6.07 -38.23 -11.07
C LYS A 139 -5.54 -37.73 -12.41
N GLY A 140 -5.78 -36.46 -12.76
CA GLY A 140 -5.43 -35.99 -14.10
C GLY A 140 -4.27 -35.03 -14.17
N GLY A 141 -3.34 -35.11 -13.23
CA GLY A 141 -2.14 -34.30 -13.26
C GLY A 141 -2.32 -32.95 -12.60
N GLN A 142 -1.27 -32.13 -12.70
CA GLN A 142 -1.25 -30.83 -12.05
C GLN A 142 -2.24 -29.87 -12.70
N ALA A 143 -2.94 -29.11 -11.88
CA ALA A 143 -3.91 -28.13 -12.33
C ALA A 143 -3.27 -26.74 -12.36
N HIS A 144 -3.83 -25.87 -13.21
CA HIS A 144 -3.37 -24.48 -13.37
C HIS A 144 -4.60 -23.57 -13.31
N ARG A 145 -5.04 -23.25 -12.08
CA ARG A 145 -6.21 -22.41 -11.90
C ARG A 145 -5.95 -21.25 -10.95
N CYS A 146 -4.69 -20.91 -10.70
CA CYS A 146 -4.33 -19.81 -9.81
C CYS A 146 -4.21 -18.54 -10.63
N CYS A 147 -5.28 -17.74 -10.66
CA CYS A 147 -5.26 -16.47 -11.37
C CYS A 147 -4.44 -15.45 -10.58
N CYS A 148 -3.53 -14.77 -11.28
CA CYS A 148 -2.57 -13.91 -10.60
C CYS A 148 -2.28 -12.66 -11.41
N VAL A 149 -1.85 -11.61 -10.70
CA VAL A 149 -1.27 -10.42 -11.30
C VAL A 149 0.22 -10.46 -11.03
N ALA A 150 0.98 -11.13 -11.92
CA ALA A 150 2.37 -11.47 -11.66
C ALA A 150 2.50 -12.13 -10.30
N ASP A 151 3.12 -11.45 -9.34
CA ASP A 151 3.15 -11.89 -7.96
C ASP A 151 2.75 -10.77 -7.02
N ARG A 152 1.87 -9.89 -7.48
CA ARG A 152 1.32 -8.79 -6.69
C ARG A 152 -0.20 -8.85 -6.68
N THR A 153 -0.74 -10.08 -6.63
CA THR A 153 -2.17 -10.26 -6.83
C THR A 153 -2.99 -9.56 -5.74
N GLY A 154 -2.57 -9.71 -4.49
CA GLY A 154 -3.29 -9.06 -3.41
C GLY A 154 -3.18 -7.55 -3.44
N HIS A 155 -2.01 -7.05 -3.86
CA HIS A 155 -1.85 -5.60 -4.02
C HIS A 155 -2.88 -5.04 -5.01
N SER A 156 -3.02 -5.69 -6.17
CA SER A 156 -3.96 -5.21 -7.16
C SER A 156 -5.40 -5.53 -6.78
N LEU A 157 -5.63 -6.65 -6.11
CA LEU A 157 -6.99 -7.00 -5.69
C LEU A 157 -7.53 -5.97 -4.72
N LEU A 158 -6.72 -5.56 -3.75
CA LEU A 158 -7.19 -4.61 -2.73
C LEU A 158 -7.35 -3.22 -3.31
N HIS A 159 -6.40 -2.77 -4.15
CA HIS A 159 -6.52 -1.45 -4.75
C HIS A 159 -7.69 -1.39 -5.72
N THR A 160 -8.00 -2.49 -6.40
CA THR A 160 -9.18 -2.50 -7.26
C THR A 160 -10.46 -2.44 -6.44
N LEU A 161 -10.51 -3.19 -5.33
CA LEU A 161 -11.68 -3.16 -4.47
C LEU A 161 -11.86 -1.79 -3.82
N TYR A 162 -10.77 -1.13 -3.44
CA TYR A 162 -10.89 0.19 -2.83
C TYR A 162 -11.36 1.22 -3.86
N GLY A 163 -10.87 1.13 -5.10
CA GLY A 163 -11.35 2.03 -6.12
C GLY A 163 -12.82 1.85 -6.42
N ARG A 164 -13.28 0.60 -6.44
CA ARG A 164 -14.70 0.32 -6.70
C ARG A 164 -15.58 0.85 -5.58
N SER A 165 -15.11 0.78 -4.34
CA SER A 165 -15.91 1.24 -3.21
C SER A 165 -16.16 2.75 -3.24
N LEU A 166 -15.39 3.49 -4.02
CA LEU A 166 -15.57 4.94 -4.09
C LEU A 166 -16.81 5.33 -4.89
N ARG A 167 -17.51 4.38 -5.50
CA ARG A 167 -18.69 4.68 -6.31
C ARG A 167 -19.99 4.60 -5.52
N TYR A 168 -19.93 4.23 -4.24
CA TYR A 168 -21.13 4.05 -3.44
C TYR A 168 -21.06 4.95 -2.21
N ASP A 169 -22.22 5.16 -1.59
CA ASP A 169 -22.34 6.07 -0.45
C ASP A 169 -21.96 5.43 0.88
N THR A 170 -20.94 4.58 0.89
CA THR A 170 -20.49 3.96 2.12
C THR A 170 -19.81 4.99 3.01
N SER A 171 -20.29 5.11 4.25
CA SER A 171 -19.71 6.04 5.21
C SER A 171 -18.49 5.39 5.85
N TYR A 172 -17.30 5.84 5.47
CA TYR A 172 -16.06 5.26 5.96
C TYR A 172 -15.61 5.96 7.24
N PHE A 173 -14.97 5.18 8.12
CA PHE A 173 -14.42 5.67 9.38
C PHE A 173 -13.01 5.10 9.49
N VAL A 174 -12.06 5.79 8.85
CA VAL A 174 -10.69 5.30 8.72
C VAL A 174 -9.93 5.58 10.00
N GLU A 175 -9.07 4.63 10.39
CA GLU A 175 -8.25 4.73 11.59
C GLU A 175 -9.14 4.84 12.84
N TYR A 176 -10.13 3.95 12.92
CA TYR A 176 -10.94 3.75 14.12
C TYR A 176 -10.66 2.35 14.65
N PHE A 177 -10.39 2.25 15.95
CA PHE A 177 -10.04 0.98 16.58
C PHE A 177 -11.26 0.42 17.30
N ALA A 178 -11.83 -0.65 16.75
CA ALA A 178 -12.98 -1.29 17.37
C ALA A 178 -12.57 -1.96 18.68
N LEU A 179 -13.36 -1.75 19.73
CA LEU A 179 -13.05 -2.25 21.06
C LEU A 179 -13.83 -3.52 21.40
N ASP A 180 -15.16 -3.46 21.33
CA ASP A 180 -16.00 -4.59 21.69
C ASP A 180 -17.29 -4.53 20.88
N LEU A 181 -18.05 -5.62 20.96
CA LEU A 181 -19.36 -5.69 20.34
C LEU A 181 -20.44 -5.25 21.32
N LEU A 182 -21.47 -4.62 20.79
CA LEU A 182 -22.65 -4.23 21.57
C LEU A 182 -23.63 -5.39 21.53
N MET A 183 -23.63 -6.21 22.58
CA MET A 183 -24.47 -7.39 22.66
C MET A 183 -25.64 -7.14 23.61
N GLU A 184 -26.80 -7.70 23.27
CA GLU A 184 -27.97 -7.62 24.14
C GLU A 184 -28.89 -8.79 23.83
N ASN A 185 -29.10 -9.66 24.82
CA ASN A 185 -29.99 -10.82 24.69
C ASN A 185 -29.55 -11.73 23.54
N GLY A 186 -28.24 -12.00 23.49
CA GLY A 186 -27.69 -12.89 22.49
C GLY A 186 -27.66 -12.34 21.08
N GLU A 187 -28.01 -11.07 20.89
CA GLU A 187 -28.01 -10.44 19.58
C GLU A 187 -27.00 -9.29 19.57
N CYS A 188 -26.42 -9.05 18.40
CA CYS A 188 -25.44 -7.98 18.24
C CYS A 188 -26.14 -6.69 17.85
N ARG A 189 -25.87 -5.63 18.61
CA ARG A 189 -26.46 -4.32 18.36
C ARG A 189 -25.53 -3.37 17.61
N GLY A 190 -24.28 -3.74 17.44
CA GLY A 190 -23.31 -2.90 16.75
C GLY A 190 -21.94 -3.05 17.37
N VAL A 191 -21.11 -2.00 17.21
CA VAL A 191 -19.75 -2.00 17.72
C VAL A 191 -19.49 -0.68 18.44
N ILE A 192 -18.46 -0.69 19.28
CA ILE A 192 -17.93 0.50 19.93
C ILE A 192 -16.46 0.63 19.59
N ALA A 193 -16.02 1.84 19.30
CA ALA A 193 -14.67 2.03 18.79
C ALA A 193 -14.09 3.35 19.31
N LEU A 194 -12.78 3.49 19.14
CA LEU A 194 -12.05 4.70 19.50
C LEU A 194 -11.54 5.37 18.25
N CYS A 195 -11.77 6.68 18.13
CA CYS A 195 -11.24 7.46 17.03
C CYS A 195 -9.80 7.84 17.36
N ILE A 196 -8.85 7.30 16.58
CA ILE A 196 -7.44 7.52 16.88
C ILE A 196 -7.03 8.98 16.60
N GLU A 197 -7.74 9.67 15.71
CA GLU A 197 -7.33 11.03 15.35
C GLU A 197 -7.62 12.01 16.47
N ASP A 198 -8.85 12.06 16.96
CA ASP A 198 -9.23 13.00 18.01
C ASP A 198 -9.39 12.37 19.38
N GLY A 199 -9.30 11.05 19.50
CA GLY A 199 -9.37 10.42 20.80
C GLY A 199 -10.75 10.34 21.40
N THR A 200 -11.80 10.22 20.59
CA THR A 200 -13.16 10.15 21.07
C THR A 200 -13.72 8.75 20.91
N ILE A 201 -14.64 8.38 21.81
CA ILE A 201 -15.30 7.09 21.78
C ILE A 201 -16.53 7.18 20.87
N HIS A 202 -16.74 6.14 20.06
CA HIS A 202 -17.83 6.12 19.10
C HIS A 202 -18.59 4.80 19.24
N ARG A 203 -19.92 4.90 19.27
CA ARG A 203 -20.80 3.73 19.31
C ARG A 203 -21.59 3.67 18.01
N PHE A 204 -21.41 2.58 17.26
CA PHE A 204 -22.08 2.37 15.99
C PHE A 204 -23.24 1.41 16.20
N ARG A 205 -24.46 1.91 16.07
CA ARG A 205 -25.66 1.09 16.18
C ARG A 205 -26.10 0.65 14.80
N ALA A 206 -26.42 -0.64 14.66
CA ALA A 206 -26.83 -1.19 13.38
C ALA A 206 -27.55 -2.51 13.61
N LYS A 207 -28.41 -2.87 12.65
CA LYS A 207 -29.12 -4.14 12.73
C LYS A 207 -28.19 -5.32 12.48
N ASN A 208 -27.13 -5.13 11.70
CA ASN A 208 -26.23 -6.21 11.36
C ASN A 208 -24.79 -5.71 11.46
N THR A 209 -23.89 -6.64 11.79
CA THR A 209 -22.48 -6.34 11.98
C THR A 209 -21.65 -7.41 11.29
N VAL A 210 -20.64 -6.98 10.54
CA VAL A 210 -19.75 -7.88 9.80
C VAL A 210 -18.34 -7.69 10.31
N ILE A 211 -17.68 -8.79 10.67
CA ILE A 211 -16.35 -8.77 11.26
C ILE A 211 -15.39 -9.36 10.24
N ALA A 212 -14.49 -8.52 9.71
CA ALA A 212 -13.45 -8.95 8.75
C ALA A 212 -12.13 -8.30 9.17
N THR A 213 -11.62 -8.69 10.33
CA THR A 213 -10.47 -8.05 10.95
C THR A 213 -9.16 -8.79 10.71
N GLY A 214 -9.17 -9.83 9.90
CA GLY A 214 -7.94 -10.55 9.60
C GLY A 214 -7.58 -11.58 10.65
N GLY A 215 -6.35 -12.09 10.54
CA GLY A 215 -5.86 -13.11 11.43
C GLY A 215 -5.07 -12.55 12.60
N TYR A 216 -4.33 -13.44 13.26
CA TYR A 216 -3.54 -13.10 14.44
C TYR A 216 -2.16 -13.74 14.35
N GLY A 217 -1.49 -13.55 13.20
CA GLY A 217 -0.18 -14.13 13.02
C GLY A 217 0.88 -13.58 13.96
N ARG A 218 0.64 -12.42 14.57
CA ARG A 218 1.61 -11.79 15.45
C ARG A 218 1.67 -12.44 16.83
N THR A 219 0.95 -13.53 17.06
CA THR A 219 1.12 -14.28 18.30
C THR A 219 2.46 -15.00 18.34
N TYR A 220 3.12 -15.16 17.20
CA TYR A 220 4.39 -15.85 17.11
C TYR A 220 5.54 -14.86 16.96
N PHE A 221 6.76 -15.38 17.17
CA PHE A 221 7.95 -14.55 17.07
C PHE A 221 8.31 -14.26 15.61
N SER A 222 8.22 -15.26 14.74
CA SER A 222 8.53 -15.11 13.33
C SER A 222 7.28 -15.40 12.51
N CYS A 223 6.78 -14.40 11.79
CA CYS A 223 5.58 -14.57 11.00
C CYS A 223 5.69 -13.74 9.73
N THR A 224 4.88 -14.12 8.73
CA THR A 224 4.79 -13.34 7.50
C THR A 224 3.77 -12.21 7.60
N SER A 225 2.93 -12.21 8.63
CA SER A 225 1.86 -11.25 8.74
C SER A 225 2.40 -9.87 9.12
N ALA A 226 1.57 -8.85 8.89
CA ALA A 226 1.92 -7.49 9.22
C ALA A 226 1.83 -7.26 10.73
N HIS A 227 2.38 -6.13 11.18
CA HIS A 227 2.32 -5.78 12.58
C HIS A 227 0.90 -5.52 13.06
N THR A 228 -0.04 -5.28 12.15
CA THR A 228 -1.41 -4.96 12.49
C THR A 228 -2.32 -6.18 12.47
N SER A 229 -1.79 -7.37 12.18
CA SER A 229 -2.58 -8.60 12.20
C SER A 229 -2.58 -9.15 13.62
N THR A 230 -3.43 -8.56 14.46
CA THR A 230 -3.46 -8.86 15.89
C THR A 230 -4.75 -9.52 16.34
N GLY A 231 -5.61 -9.94 15.41
CA GLY A 231 -6.84 -10.61 15.76
C GLY A 231 -7.75 -9.83 16.68
N ASP A 232 -8.09 -8.60 16.29
CA ASP A 232 -8.91 -7.76 17.15
C ASP A 232 -10.38 -8.17 17.12
N GLY A 233 -10.88 -8.58 15.96
CA GLY A 233 -12.28 -8.96 15.86
C GLY A 233 -12.58 -10.29 16.54
N THR A 234 -11.67 -11.26 16.42
CA THR A 234 -11.87 -12.54 17.08
C THR A 234 -11.75 -12.40 18.60
N ALA A 235 -11.01 -11.40 19.07
CA ALA A 235 -10.95 -11.14 20.51
C ALA A 235 -12.25 -10.53 21.01
N MET A 236 -12.87 -9.67 20.20
CA MET A 236 -14.17 -9.11 20.58
C MET A 236 -15.22 -10.21 20.70
N VAL A 237 -15.16 -11.20 19.81
CA VAL A 237 -16.06 -12.35 19.90
C VAL A 237 -15.83 -13.10 21.20
N THR A 238 -14.56 -13.27 21.58
CA THR A 238 -14.25 -13.96 22.82
C THR A 238 -14.76 -13.18 24.03
N ARG A 239 -14.61 -11.85 24.02
CA ARG A 239 -15.09 -11.04 25.14
C ARG A 239 -16.61 -10.97 25.18
N ALA A 240 -17.28 -11.20 24.06
CA ALA A 240 -18.73 -11.24 24.03
C ALA A 240 -19.31 -12.55 24.55
N GLY A 241 -18.45 -13.48 24.97
CA GLY A 241 -18.90 -14.78 25.44
C GLY A 241 -19.09 -15.82 24.36
N LEU A 242 -18.91 -15.46 23.08
CA LEU A 242 -19.08 -16.35 21.95
C LEU A 242 -17.81 -17.15 21.69
N PRO A 243 -17.92 -18.35 21.13
CA PRO A 243 -16.74 -19.19 20.91
C PRO A 243 -16.01 -18.89 19.61
N CYS A 244 -14.76 -19.36 19.56
CA CYS A 244 -13.97 -19.38 18.35
C CYS A 244 -13.64 -20.83 18.00
N GLN A 245 -13.35 -21.06 16.72
CA GLN A 245 -13.29 -22.41 16.17
C GLN A 245 -11.93 -22.67 15.56
N ASP A 246 -11.34 -23.84 15.88
CA ASP A 246 -10.17 -24.39 15.19
C ASP A 246 -8.96 -23.47 15.27
N LEU A 247 -8.80 -22.74 16.38
CA LEU A 247 -7.69 -21.80 16.49
C LEU A 247 -6.34 -22.50 16.61
N GLU A 248 -6.31 -23.78 16.93
CA GLU A 248 -5.05 -24.50 17.07
C GLU A 248 -4.43 -24.90 15.73
N PHE A 249 -5.11 -24.63 14.61
CA PHE A 249 -4.61 -24.96 13.28
C PHE A 249 -3.98 -23.70 12.69
N VAL A 250 -2.66 -23.60 12.80
CA VAL A 250 -1.89 -22.45 12.29
C VAL A 250 -1.05 -22.93 11.12
N GLN A 251 -1.23 -22.30 9.97
CA GLN A 251 -0.52 -22.71 8.76
C GLN A 251 0.90 -22.13 8.75
N PHE A 252 1.88 -23.00 8.54
CA PHE A 252 3.27 -22.60 8.36
C PHE A 252 3.58 -22.63 6.86
N HIS A 253 3.73 -21.47 6.25
CA HIS A 253 4.07 -21.42 4.84
C HIS A 253 5.48 -21.97 4.64
N PRO A 254 5.70 -22.79 3.62
CA PRO A 254 7.01 -23.44 3.46
C PRO A 254 8.16 -22.46 3.28
N THR A 255 8.00 -21.46 2.41
CA THR A 255 9.10 -20.60 2.00
C THR A 255 8.89 -19.18 2.54
N GLY A 256 9.33 -18.96 3.78
CA GLY A 256 9.47 -17.63 4.34
C GLY A 256 10.95 -17.28 4.43
N ILE A 257 11.29 -16.08 3.98
CA ILE A 257 12.69 -15.70 3.87
C ILE A 257 13.35 -15.69 5.26
N TYR A 258 14.63 -16.07 5.29
CA TYR A 258 15.35 -16.20 6.56
C TYR A 258 15.66 -14.82 7.13
N GLY A 259 15.37 -14.64 8.42
CA GLY A 259 15.64 -13.39 9.09
C GLY A 259 14.43 -12.50 9.26
N ALA A 260 14.07 -11.75 8.20
CA ALA A 260 12.96 -10.82 8.31
C ALA A 260 11.61 -11.52 8.25
N GLY A 261 11.56 -12.76 7.76
CA GLY A 261 10.32 -13.50 7.71
C GLY A 261 9.39 -13.13 6.57
N CYS A 262 9.83 -12.26 5.66
CA CYS A 262 9.00 -11.88 4.52
C CYS A 262 8.67 -13.11 3.67
N LEU A 263 7.49 -13.08 3.06
CA LEU A 263 7.00 -14.25 2.32
C LEU A 263 7.61 -14.29 0.93
N ILE A 264 8.11 -15.47 0.56
CA ILE A 264 8.46 -15.79 -0.82
C ILE A 264 7.31 -16.63 -1.38
N THR A 265 6.66 -16.15 -2.43
CA THR A 265 5.40 -16.73 -2.87
C THR A 265 5.58 -18.20 -3.27
N GLU A 266 4.52 -18.98 -3.03
CA GLU A 266 4.50 -20.37 -3.48
C GLU A 266 4.48 -20.47 -4.99
N GLY A 267 4.16 -19.39 -5.69
CA GLY A 267 4.23 -19.39 -7.14
C GLY A 267 5.61 -19.63 -7.70
N CYS A 268 6.66 -19.41 -6.90
CA CYS A 268 8.01 -19.73 -7.32
C CYS A 268 8.13 -21.22 -7.64
N ARG A 269 7.63 -22.07 -6.75
CA ARG A 269 7.60 -23.50 -7.02
C ARG A 269 6.57 -23.86 -8.08
N GLY A 270 5.56 -23.02 -8.30
CA GLY A 270 4.59 -23.26 -9.35
C GLY A 270 5.10 -22.95 -10.74
N GLU A 271 6.13 -22.12 -10.85
CA GLU A 271 6.72 -21.79 -12.15
C GLU A 271 7.93 -22.67 -12.48
N GLY A 272 8.43 -23.45 -11.53
CA GLY A 272 9.55 -24.33 -11.77
C GLY A 272 10.57 -24.36 -10.66
N GLY A 273 10.31 -23.63 -9.58
CA GLY A 273 11.24 -23.58 -8.47
C GLY A 273 11.24 -24.86 -7.66
N ILE A 274 12.42 -25.21 -7.14
CA ILE A 274 12.61 -26.42 -6.36
C ILE A 274 13.36 -26.08 -5.08
N LEU A 275 13.32 -27.01 -4.14
CA LEU A 275 14.00 -26.89 -2.86
C LEU A 275 15.17 -27.86 -2.79
N ILE A 276 16.31 -27.39 -2.27
CA ILE A 276 17.50 -28.22 -2.13
C ILE A 276 18.03 -28.05 -0.71
N ASN A 277 18.71 -29.09 -0.23
CA ASN A 277 19.32 -29.06 1.10
C ASN A 277 20.82 -28.85 1.01
N SER A 278 21.56 -29.34 2.01
CA SER A 278 23.00 -29.13 2.04
C SER A 278 23.71 -29.94 0.95
N GLN A 279 23.14 -31.07 0.54
CA GLN A 279 23.72 -31.89 -0.51
C GLN A 279 23.14 -31.59 -1.88
N GLY A 280 22.41 -30.49 -2.03
CA GLY A 280 21.81 -30.16 -3.30
C GLY A 280 20.72 -31.11 -3.75
N GLU A 281 20.15 -31.88 -2.83
CA GLU A 281 19.12 -32.86 -3.17
C GLU A 281 17.75 -32.21 -3.17
N ARG A 282 16.99 -32.44 -4.24
CA ARG A 282 15.58 -32.05 -4.29
C ARG A 282 14.81 -33.04 -3.41
N PHE A 283 14.85 -32.79 -2.10
CA PHE A 283 14.37 -33.76 -1.12
C PHE A 283 12.87 -33.95 -1.17
N MET A 284 12.11 -33.03 -1.79
CA MET A 284 10.67 -33.20 -1.87
C MET A 284 10.27 -34.36 -2.77
N GLU A 285 11.16 -34.81 -3.66
CA GLU A 285 10.89 -36.01 -4.44
C GLU A 285 10.86 -37.25 -3.57
N ARG A 286 11.47 -37.21 -2.38
CA ARG A 286 11.46 -38.33 -1.45
C ARG A 286 10.25 -38.30 -0.53
N TYR A 287 9.85 -37.11 -0.07
CA TYR A 287 8.67 -37.00 0.78
C TYR A 287 7.38 -37.10 -0.03
N ALA A 288 7.31 -36.43 -1.17
CA ALA A 288 6.15 -36.46 -2.05
C ALA A 288 6.60 -36.83 -3.45
N PRO A 289 6.60 -38.13 -3.78
CA PRO A 289 7.09 -38.55 -5.10
C PRO A 289 6.26 -38.03 -6.26
N VAL A 290 4.98 -37.72 -6.04
CA VAL A 290 4.09 -37.27 -7.11
C VAL A 290 4.01 -35.75 -7.17
N ALA A 291 3.72 -35.10 -6.03
CA ALA A 291 3.56 -33.66 -6.02
C ALA A 291 4.89 -32.92 -5.99
N LYS A 292 5.96 -33.56 -5.53
CA LYS A 292 7.31 -32.98 -5.47
C LYS A 292 7.24 -31.72 -4.61
N ASP A 293 7.65 -30.56 -5.10
CA ASP A 293 7.63 -29.32 -4.33
C ASP A 293 6.27 -28.67 -4.30
N LEU A 294 5.28 -29.19 -5.03
CA LEU A 294 3.94 -28.62 -5.07
C LEU A 294 2.95 -29.43 -4.23
N ALA A 295 3.42 -30.02 -3.13
CA ALA A 295 2.52 -30.70 -2.22
C ALA A 295 1.82 -29.68 -1.31
N SER A 296 1.00 -30.18 -0.40
CA SER A 296 0.32 -29.29 0.54
C SER A 296 1.34 -28.65 1.49
N ARG A 297 0.98 -27.47 1.99
CA ARG A 297 1.92 -26.69 2.79
C ARG A 297 2.27 -27.39 4.10
N ASP A 298 1.30 -28.07 4.70
CA ASP A 298 1.59 -28.79 5.95
C ASP A 298 2.57 -29.94 5.72
N VAL A 299 2.54 -30.55 4.53
CA VAL A 299 3.48 -31.63 4.22
C VAL A 299 4.84 -31.07 3.86
N VAL A 300 4.89 -30.00 3.06
CA VAL A 300 6.17 -29.42 2.68
C VAL A 300 6.86 -28.81 3.89
N SER A 301 6.10 -28.15 4.77
CA SER A 301 6.70 -27.54 5.95
C SER A 301 7.27 -28.59 6.90
N ARG A 302 6.53 -29.69 7.13
CA ARG A 302 7.06 -30.76 7.96
C ARG A 302 8.27 -31.43 7.32
N SER A 303 8.29 -31.53 5.98
CA SER A 303 9.43 -32.12 5.30
C SER A 303 10.68 -31.26 5.45
N MET A 304 10.51 -29.93 5.36
CA MET A 304 11.65 -29.03 5.52
C MET A 304 12.17 -29.06 6.95
N THR A 305 11.27 -29.15 7.93
CA THR A 305 11.69 -29.13 9.34
C THR A 305 12.51 -30.37 9.68
N ILE A 306 12.15 -31.53 9.13
CA ILE A 306 12.89 -32.74 9.43
C ILE A 306 14.28 -32.68 8.80
N GLU A 307 14.40 -32.13 7.59
CA GLU A 307 15.69 -32.00 6.95
C GLU A 307 16.63 -31.09 7.73
N ILE A 308 16.09 -30.11 8.45
CA ILE A 308 16.92 -29.19 9.21
C ILE A 308 17.35 -29.81 10.54
N ARG A 309 16.40 -30.38 11.27
CA ARG A 309 16.70 -30.90 12.60
C ARG A 309 17.54 -32.18 12.55
N GLU A 310 17.58 -32.86 11.40
CA GLU A 310 18.42 -34.05 11.30
C GLU A 310 19.88 -33.68 11.04
N GLY A 311 20.13 -32.62 10.28
CA GLY A 311 21.49 -32.16 10.08
C GLY A 311 21.85 -31.87 8.64
N ARG A 312 20.85 -31.58 7.80
CA ARG A 312 21.07 -31.25 6.41
C ARG A 312 20.58 -29.86 6.06
N GLY A 313 20.68 -28.93 7.02
CA GLY A 313 20.30 -27.55 6.78
C GLY A 313 21.33 -26.82 5.93
N CYS A 314 21.01 -25.56 5.63
CA CYS A 314 21.87 -24.71 4.82
C CYS A 314 22.29 -23.49 5.62
N GLY A 315 23.32 -22.80 5.12
CA GLY A 315 23.84 -21.63 5.78
C GLY A 315 24.89 -21.97 6.82
N PRO A 316 25.40 -20.95 7.51
CA PRO A 316 26.40 -21.22 8.55
C PRO A 316 25.85 -21.91 9.78
N GLU A 317 24.60 -21.63 10.15
CA GLU A 317 23.98 -22.23 11.33
C GLU A 317 23.22 -23.51 11.01
N LYS A 318 23.09 -23.88 9.73
CA LYS A 318 22.38 -25.09 9.32
C LYS A 318 20.94 -25.09 9.82
N ASP A 319 20.28 -23.93 9.71
CA ASP A 319 18.93 -23.75 10.24
C ASP A 319 17.91 -23.42 9.17
N HIS A 320 18.24 -23.60 7.90
CA HIS A 320 17.31 -23.30 6.81
C HIS A 320 17.73 -24.11 5.59
N VAL A 321 16.98 -23.96 4.50
CA VAL A 321 17.27 -24.59 3.23
C VAL A 321 17.14 -23.55 2.12
N TYR A 322 17.49 -23.97 0.91
CA TYR A 322 17.53 -23.08 -0.24
C TYR A 322 16.31 -23.28 -1.14
N LEU A 323 15.89 -22.20 -1.78
CA LEU A 323 14.84 -22.22 -2.80
C LEU A 323 15.49 -21.82 -4.12
N GLN A 324 15.74 -22.82 -4.97
CA GLN A 324 16.48 -22.59 -6.21
C GLN A 324 15.57 -22.05 -7.29
N LEU A 325 15.98 -20.95 -7.93
CA LEU A 325 15.24 -20.35 -9.02
C LEU A 325 16.10 -20.02 -10.24
N HIS A 326 17.43 -20.09 -10.13
CA HIS A 326 18.31 -19.65 -11.21
C HIS A 326 18.30 -20.57 -12.41
N HIS A 327 17.73 -21.77 -12.30
CA HIS A 327 17.65 -22.67 -13.44
C HIS A 327 16.59 -22.27 -14.45
N LEU A 328 15.68 -21.35 -14.08
CA LEU A 328 14.62 -20.86 -14.94
C LEU A 328 15.11 -19.70 -15.81
N PRO A 329 14.52 -19.51 -16.99
CA PRO A 329 14.92 -18.40 -17.85
C PRO A 329 14.68 -17.06 -17.16
N PRO A 330 15.56 -16.08 -17.37
CA PRO A 330 15.40 -14.79 -16.67
C PRO A 330 14.17 -14.02 -17.09
N GLN A 331 13.68 -14.21 -18.32
CA GLN A 331 12.48 -13.51 -18.76
C GLN A 331 11.26 -13.96 -17.97
N GLN A 332 11.14 -15.26 -17.70
CA GLN A 332 10.03 -15.75 -16.90
C GLN A 332 10.11 -15.24 -15.47
N LEU A 333 11.33 -15.13 -14.93
CA LEU A 333 11.49 -14.62 -13.58
C LEU A 333 11.08 -13.16 -13.46
N ALA A 334 11.29 -12.37 -14.51
CA ALA A 334 10.93 -10.96 -14.47
C ALA A 334 9.46 -10.73 -14.77
N THR A 335 8.85 -11.61 -15.57
CA THR A 335 7.44 -11.47 -15.92
C THR A 335 6.51 -12.11 -14.89
N ARG A 336 6.86 -13.30 -14.39
CA ARG A 336 5.98 -14.02 -13.48
C ARG A 336 6.25 -13.71 -12.01
N LEU A 337 7.51 -13.47 -11.63
CA LEU A 337 7.88 -13.24 -10.24
C LEU A 337 8.75 -11.99 -10.09
N PRO A 338 8.23 -10.80 -10.46
CA PRO A 338 9.04 -9.59 -10.30
C PRO A 338 9.07 -9.09 -8.86
N GLY A 339 8.01 -9.40 -8.09
CA GLY A 339 7.93 -8.89 -6.73
C GLY A 339 8.95 -9.53 -5.81
N ILE A 340 9.02 -10.86 -5.81
CA ILE A 340 9.96 -11.56 -4.94
C ILE A 340 11.41 -11.36 -5.39
N SER A 341 11.62 -11.03 -6.67
CA SER A 341 12.98 -10.76 -7.13
C SER A 341 13.54 -9.52 -6.47
N GLU A 342 12.71 -8.49 -6.27
CA GLU A 342 13.14 -7.31 -5.54
C GLU A 342 13.24 -7.57 -4.05
N THR A 343 12.32 -8.37 -3.50
CA THR A 343 12.32 -8.66 -2.07
C THR A 343 13.52 -9.52 -1.69
N ALA A 344 13.87 -10.49 -2.52
CA ALA A 344 15.03 -11.33 -2.24
C ALA A 344 16.33 -10.54 -2.26
N MET A 345 16.36 -9.43 -3.01
CA MET A 345 17.55 -8.59 -3.04
C MET A 345 17.59 -7.62 -1.87
N ILE A 346 16.44 -7.14 -1.41
CA ILE A 346 16.41 -6.16 -0.33
C ILE A 346 16.64 -6.82 1.02
N PHE A 347 15.98 -7.95 1.27
CA PHE A 347 16.01 -8.59 2.58
C PHE A 347 16.92 -9.82 2.63
N ALA A 348 17.80 -9.97 1.64
CA ALA A 348 18.73 -11.10 1.66
C ALA A 348 19.96 -10.82 0.79
N GLY A 349 19.87 -9.81 -0.07
CA GLY A 349 20.97 -9.52 -0.98
C GLY A 349 21.25 -10.66 -1.94
N VAL A 350 20.20 -11.34 -2.40
CA VAL A 350 20.33 -12.51 -3.26
C VAL A 350 19.75 -12.18 -4.63
N ASP A 351 20.50 -12.50 -5.68
CA ASP A 351 20.01 -12.38 -7.05
C ASP A 351 19.44 -13.74 -7.48
N VAL A 352 18.13 -13.77 -7.72
CA VAL A 352 17.44 -15.03 -7.99
C VAL A 352 17.92 -15.70 -9.28
N THR A 353 18.53 -14.95 -10.18
CA THR A 353 19.02 -15.52 -11.43
C THR A 353 20.38 -16.20 -11.30
N LYS A 354 20.97 -16.20 -10.11
CA LYS A 354 22.29 -16.79 -9.91
C LYS A 354 22.36 -17.64 -8.65
N GLU A 355 21.72 -17.19 -7.58
CA GLU A 355 21.80 -17.85 -6.29
C GLU A 355 20.42 -18.13 -5.73
N PRO A 356 20.25 -19.23 -5.00
CA PRO A 356 18.95 -19.55 -4.41
C PRO A 356 18.64 -18.67 -3.21
N ILE A 357 17.38 -18.72 -2.80
CA ILE A 357 16.87 -17.91 -1.69
C ILE A 357 16.84 -18.78 -0.43
N PRO A 358 17.40 -18.31 0.69
CA PRO A 358 17.28 -19.05 1.95
C PRO A 358 15.88 -18.88 2.54
N VAL A 359 15.20 -20.01 2.78
CA VAL A 359 13.82 -19.99 3.26
C VAL A 359 13.66 -21.03 4.37
N LEU A 360 12.59 -20.86 5.14
CA LEU A 360 12.24 -21.79 6.21
C LEU A 360 10.76 -21.63 6.50
N PRO A 361 10.12 -22.67 7.06
CA PRO A 361 8.70 -22.56 7.41
C PRO A 361 8.44 -21.39 8.37
N THR A 362 7.39 -20.64 8.08
CA THR A 362 7.08 -19.43 8.83
C THR A 362 5.57 -19.34 9.04
N VAL A 363 5.17 -18.88 10.23
CA VAL A 363 3.76 -18.68 10.52
C VAL A 363 3.17 -17.72 9.51
N HIS A 364 2.07 -18.13 8.87
CA HIS A 364 1.54 -17.41 7.72
C HIS A 364 0.05 -17.11 7.83
N TYR A 365 -0.76 -18.15 8.02
CA TYR A 365 -2.21 -18.02 7.94
C TYR A 365 -2.85 -18.77 9.11
N ASN A 366 -4.00 -18.24 9.55
CA ASN A 366 -4.78 -18.84 10.64
C ASN A 366 -6.01 -19.52 10.03
N MET A 367 -6.03 -20.85 10.08
CA MET A 367 -7.20 -21.58 9.60
C MET A 367 -8.42 -21.33 10.48
N GLY A 368 -8.22 -21.23 11.78
CA GLY A 368 -9.32 -21.02 12.69
C GLY A 368 -9.86 -19.60 12.63
N GLY A 369 -10.95 -19.39 13.37
CA GLY A 369 -11.56 -18.08 13.44
C GLY A 369 -12.95 -18.16 14.01
N ILE A 370 -13.72 -17.11 13.74
CA ILE A 370 -15.12 -17.04 14.20
C ILE A 370 -15.94 -18.05 13.41
N PRO A 371 -16.61 -18.99 14.08
CA PRO A 371 -17.40 -19.99 13.35
C PRO A 371 -18.62 -19.36 12.70
N THR A 372 -18.82 -19.65 11.42
CA THR A 372 -19.96 -19.18 10.66
C THR A 372 -20.55 -20.34 9.86
N ASN A 373 -21.74 -20.12 9.30
CA ASN A 373 -22.29 -21.03 8.31
C ASN A 373 -21.77 -20.62 6.94
N TYR A 374 -22.28 -21.25 5.87
CA TYR A 374 -21.81 -20.91 4.54
C TYR A 374 -22.34 -19.57 4.05
N LYS A 375 -23.29 -18.97 4.75
CA LYS A 375 -23.84 -17.67 4.38
C LYS A 375 -23.11 -16.51 5.03
N GLY A 376 -22.22 -16.77 5.99
CA GLY A 376 -21.51 -15.73 6.71
C GLY A 376 -22.07 -15.42 8.09
N GLN A 377 -23.21 -16.02 8.45
CA GLN A 377 -23.79 -15.78 9.76
C GLN A 377 -22.98 -16.45 10.85
N VAL A 378 -22.61 -15.68 11.88
CA VAL A 378 -21.90 -16.24 13.02
C VAL A 378 -22.84 -17.17 13.78
N ILE A 379 -22.32 -18.33 14.18
CA ILE A 379 -23.11 -19.34 14.86
C ILE A 379 -22.49 -19.68 16.21
N THR A 380 -23.34 -20.12 17.14
CA THR A 380 -22.92 -20.72 18.38
C THR A 380 -23.43 -22.16 18.42
N HIS A 381 -22.94 -22.93 19.38
CA HIS A 381 -23.26 -24.35 19.47
C HIS A 381 -23.73 -24.65 20.89
N VAL A 382 -25.03 -24.92 21.05
CA VAL A 382 -25.63 -25.21 22.34
C VAL A 382 -26.43 -26.50 22.22
N ASN A 383 -26.05 -27.51 23.02
CA ASN A 383 -26.76 -28.79 23.10
C ASN A 383 -26.81 -29.48 21.74
N GLY A 384 -25.65 -29.55 21.08
CA GLY A 384 -25.51 -30.33 19.87
C GLY A 384 -26.14 -29.74 18.62
N GLU A 385 -26.60 -28.50 18.67
CA GLU A 385 -27.18 -27.84 17.51
C GLU A 385 -26.56 -26.46 17.32
N ASP A 386 -26.51 -26.03 16.07
CA ASP A 386 -25.97 -24.72 15.73
C ASP A 386 -27.08 -23.67 15.78
N LYS A 387 -26.75 -22.51 16.33
CA LYS A 387 -27.70 -21.41 16.47
C LYS A 387 -27.07 -20.15 15.89
N VAL A 388 -27.73 -19.59 14.86
CA VAL A 388 -27.22 -18.39 14.21
C VAL A 388 -27.34 -17.21 15.18
N VAL A 389 -26.23 -16.54 15.43
CA VAL A 389 -26.20 -15.36 16.30
C VAL A 389 -26.84 -14.20 15.55
N PRO A 390 -27.97 -13.68 16.01
CA PRO A 390 -28.69 -12.65 15.24
C PRO A 390 -27.89 -11.37 15.12
N GLY A 391 -27.80 -10.85 13.90
CA GLY A 391 -27.18 -9.57 13.65
C GLY A 391 -25.68 -9.56 13.62
N LEU A 392 -25.03 -10.73 13.60
CA LEU A 392 -23.58 -10.82 13.62
C LEU A 392 -23.10 -11.68 12.46
N TYR A 393 -22.19 -11.14 11.66
CA TYR A 393 -21.62 -11.83 10.51
C TYR A 393 -20.09 -11.78 10.60
N ALA A 394 -19.44 -12.59 9.76
CA ALA A 394 -17.99 -12.61 9.70
C ALA A 394 -17.57 -13.22 8.36
N CYS A 395 -16.46 -12.70 7.83
CA CYS A 395 -15.91 -13.20 6.57
C CYS A 395 -14.43 -12.86 6.53
N GLY A 396 -13.71 -13.62 5.71
CA GLY A 396 -12.27 -13.44 5.58
C GLY A 396 -11.50 -14.36 6.51
N GLU A 397 -10.25 -13.97 6.75
CA GLU A 397 -9.38 -14.76 7.61
C GLU A 397 -9.88 -14.79 9.05
N ALA A 398 -10.60 -13.75 9.48
CA ALA A 398 -11.12 -13.72 10.84
C ALA A 398 -12.27 -14.70 11.06
N ALA A 399 -12.80 -15.31 10.00
CA ALA A 399 -13.94 -16.20 10.09
C ALA A 399 -13.50 -17.64 9.84
N SER A 400 -14.35 -18.58 10.28
CA SER A 400 -14.14 -20.02 10.08
C SER A 400 -15.40 -20.57 9.41
N ALA A 401 -15.35 -20.72 8.08
CA ALA A 401 -16.53 -21.11 7.31
C ALA A 401 -17.06 -22.49 7.72
N SER A 402 -16.22 -23.53 7.78
CA SER A 402 -14.78 -23.54 7.52
C SER A 402 -14.45 -24.16 6.17
N VAL A 403 -13.93 -23.35 5.25
CA VAL A 403 -13.56 -23.88 3.94
C VAL A 403 -12.14 -24.44 3.95
N HIS A 404 -11.30 -24.06 4.91
CA HIS A 404 -9.91 -24.46 4.93
C HIS A 404 -9.62 -25.60 5.88
N GLY A 405 -10.42 -25.77 6.92
CA GLY A 405 -10.27 -26.91 7.81
C GLY A 405 -8.93 -26.89 8.52
N ALA A 406 -8.17 -27.98 8.38
CA ALA A 406 -6.90 -28.14 9.05
C ALA A 406 -5.71 -27.66 8.20
N ASN A 407 -5.93 -27.36 6.93
CA ASN A 407 -4.84 -26.90 6.06
C ASN A 407 -5.45 -26.22 4.85
N ARG A 408 -5.12 -24.95 4.64
CA ARG A 408 -5.62 -24.19 3.50
C ARG A 408 -4.73 -24.38 2.30
N LEU A 409 -5.35 -24.53 1.12
CA LEU A 409 -4.60 -24.55 -0.12
C LEU A 409 -4.22 -23.14 -0.54
N GLY A 410 -3.07 -23.02 -1.19
CA GLY A 410 -2.63 -21.72 -1.69
C GLY A 410 -3.64 -21.12 -2.65
N ALA A 411 -3.74 -19.79 -2.62
CA ALA A 411 -4.62 -18.98 -3.45
C ALA A 411 -6.10 -19.18 -3.14
N ASN A 412 -6.43 -19.87 -2.04
CA ASN A 412 -7.82 -20.04 -1.64
C ASN A 412 -8.32 -18.96 -0.69
N SER A 413 -7.41 -18.20 -0.07
CA SER A 413 -7.84 -17.19 0.90
C SER A 413 -8.41 -15.95 0.20
N LEU A 414 -7.71 -15.43 -0.82
CA LEU A 414 -8.25 -14.31 -1.58
C LEU A 414 -9.61 -14.65 -2.18
N LEU A 415 -9.81 -15.92 -2.57
CA LEU A 415 -11.13 -16.37 -3.00
C LEU A 415 -12.12 -16.27 -1.84
N ASP A 416 -11.73 -16.79 -0.67
CA ASP A 416 -12.56 -16.69 0.53
C ASP A 416 -12.98 -15.25 0.79
N LEU A 417 -12.05 -14.31 0.67
CA LEU A 417 -12.32 -12.91 0.98
C LEU A 417 -13.52 -12.39 0.20
N VAL A 418 -13.47 -12.50 -1.13
CA VAL A 418 -14.51 -11.89 -1.96
C VAL A 418 -15.76 -12.75 -2.01
N VAL A 419 -15.63 -14.08 -1.94
CA VAL A 419 -16.80 -14.95 -2.04
C VAL A 419 -17.68 -14.80 -0.81
N PHE A 420 -17.09 -14.91 0.37
CA PHE A 420 -17.87 -14.82 1.61
C PHE A 420 -18.07 -13.38 2.07
N GLY A 421 -17.26 -12.44 1.59
CA GLY A 421 -17.59 -11.04 1.79
C GLY A 421 -18.85 -10.65 1.04
N ARG A 422 -19.00 -11.16 -0.20
CA ARG A 422 -20.23 -10.96 -0.94
C ARG A 422 -21.38 -11.75 -0.35
N ALA A 423 -21.10 -12.93 0.20
CA ALA A 423 -22.15 -13.75 0.80
C ALA A 423 -22.80 -13.05 1.98
N CYS A 424 -22.00 -12.32 2.77
CA CYS A 424 -22.56 -11.58 3.89
C CYS A 424 -23.53 -10.50 3.42
N ALA A 425 -23.16 -9.78 2.35
CA ALA A 425 -24.04 -8.74 1.83
C ALA A 425 -25.30 -9.33 1.22
N LEU A 426 -25.18 -10.48 0.57
CA LEU A 426 -26.35 -11.13 -0.03
C LEU A 426 -27.28 -11.68 1.04
N THR A 427 -26.71 -12.23 2.13
CA THR A 427 -27.54 -12.80 3.19
C THR A 427 -28.33 -11.71 3.92
N ILE A 428 -27.69 -10.57 4.18
CA ILE A 428 -28.40 -9.47 4.83
C ILE A 428 -29.47 -8.91 3.91
N ALA A 429 -29.19 -8.84 2.60
CA ALA A 429 -30.14 -8.28 1.66
C ALA A 429 -31.39 -9.14 1.53
N GLU A 430 -31.26 -10.45 1.72
CA GLU A 430 -32.40 -11.35 1.65
C GLU A 430 -33.04 -11.62 3.00
N THR A 431 -32.53 -11.01 4.07
CA THR A 431 -33.06 -11.19 5.42
C THR A 431 -33.70 -9.92 5.96
N CYS A 432 -33.04 -8.78 5.82
CA CYS A 432 -33.53 -7.51 6.34
C CYS A 432 -33.79 -6.54 5.19
N LYS A 433 -34.52 -5.46 5.51
CA LYS A 433 -34.79 -4.39 4.57
C LYS A 433 -34.06 -3.12 4.99
N PRO A 434 -33.54 -2.35 4.04
CA PRO A 434 -32.89 -1.09 4.39
C PRO A 434 -33.88 -0.11 5.02
N GLY A 435 -33.38 0.67 5.96
CA GLY A 435 -34.21 1.66 6.64
C GLY A 435 -35.05 1.13 7.78
N GLU A 436 -34.92 -0.15 8.12
CA GLU A 436 -35.66 -0.71 9.25
C GLU A 436 -35.21 -0.05 10.54
N PRO A 437 -36.07 -0.06 11.57
CA PRO A 437 -35.71 0.62 12.83
C PRO A 437 -34.42 0.09 13.42
N VAL A 438 -33.51 1.01 13.71
CA VAL A 438 -32.23 0.65 14.32
C VAL A 438 -32.48 0.12 15.74
N PRO A 439 -31.94 -1.03 16.11
CA PRO A 439 -32.18 -1.57 17.46
C PRO A 439 -31.54 -0.70 18.51
N SER A 440 -32.37 -0.20 19.44
CA SER A 440 -31.88 0.66 20.49
C SER A 440 -30.99 -0.11 21.46
N ILE A 441 -30.12 0.63 22.16
CA ILE A 441 -29.21 0.03 23.12
C ILE A 441 -29.49 0.63 24.50
N LYS A 442 -28.62 0.35 25.45
CA LYS A 442 -28.77 0.92 26.78
CA LYS A 442 -28.75 0.91 26.79
C LYS A 442 -27.91 2.16 26.93
N PRO A 443 -28.31 3.11 27.78
CA PRO A 443 -27.52 4.35 27.93
C PRO A 443 -26.09 4.14 28.43
N ASN A 444 -25.71 2.92 28.79
CA ASN A 444 -24.36 2.63 29.27
C ASN A 444 -23.68 1.53 28.47
N ALA A 445 -24.18 1.23 27.28
CA ALA A 445 -23.62 0.16 26.46
C ALA A 445 -22.16 0.47 26.13
N GLY A 446 -21.28 -0.50 26.41
CA GLY A 446 -19.87 -0.34 26.12
C GLY A 446 -19.08 0.44 27.13
N GLU A 447 -19.60 0.61 28.35
CA GLU A 447 -18.86 1.37 29.36
C GLU A 447 -17.64 0.61 29.87
N GLU A 448 -17.71 -0.73 29.86
CA GLU A 448 -16.55 -1.52 30.29
C GLU A 448 -15.42 -1.45 29.27
N SER A 449 -15.74 -1.19 28.01
CA SER A 449 -14.69 -1.02 27.01
C SER A 449 -13.87 0.24 27.28
N VAL A 450 -14.54 1.33 27.66
CA VAL A 450 -13.85 2.56 27.98
C VAL A 450 -13.06 2.42 29.28
N ALA A 451 -13.63 1.69 30.25
CA ALA A 451 -12.94 1.49 31.52
C ALA A 451 -11.65 0.69 31.33
N ASN A 452 -11.63 -0.25 30.39
CA ASN A 452 -10.41 -1.00 30.11
C ASN A 452 -9.38 -0.11 29.39
N LEU A 453 -9.84 0.70 28.44
CA LEU A 453 -8.93 1.57 27.71
C LEU A 453 -8.29 2.61 28.64
N ASP A 454 -9.09 3.18 29.54
CA ASP A 454 -8.55 4.17 30.47
C ASP A 454 -7.59 3.53 31.47
N LYS A 455 -7.85 2.28 31.86
CA LYS A 455 -6.94 1.57 32.76
C LYS A 455 -5.58 1.34 32.11
N LEU A 456 -5.58 0.90 30.84
CA LEU A 456 -4.32 0.70 30.13
C LEU A 456 -3.66 2.02 29.78
N ARG A 457 -4.44 3.07 29.56
CA ARG A 457 -3.88 4.37 29.21
C ARG A 457 -3.01 4.93 30.33
N PHE A 458 -3.37 4.65 31.58
CA PHE A 458 -2.64 5.16 32.74
C PHE A 458 -1.94 4.04 33.51
N ALA A 459 -1.66 2.91 32.86
CA ALA A 459 -1.02 1.80 33.54
C ALA A 459 0.43 2.14 33.86
N ASP A 460 0.82 1.91 35.13
CA ASP A 460 2.15 2.21 35.63
C ASP A 460 2.63 1.02 36.47
N GLY A 461 2.82 -0.12 35.82
CA GLY A 461 3.21 -1.36 36.45
C GLY A 461 4.67 -1.69 36.28
N THR A 462 4.97 -2.99 36.27
CA THR A 462 6.34 -3.48 36.24
C THR A 462 6.77 -4.00 34.87
N ILE A 463 5.86 -4.59 34.10
CA ILE A 463 6.17 -5.17 32.80
C ILE A 463 5.58 -4.26 31.73
N ARG A 464 6.44 -3.70 30.89
CA ARG A 464 5.97 -2.86 29.80
C ARG A 464 5.35 -3.72 28.70
N THR A 465 4.54 -3.07 27.87
CA THR A 465 3.76 -3.80 26.87
C THR A 465 4.64 -4.59 25.92
N SER A 466 5.75 -3.98 25.46
CA SER A 466 6.65 -4.70 24.56
C SER A 466 7.32 -5.87 25.26
N GLU A 467 7.57 -5.77 26.57
CA GLU A 467 8.19 -6.86 27.29
C GLU A 467 7.24 -8.07 27.40
N ALA A 468 5.95 -7.81 27.55
CA ALA A 468 4.98 -8.90 27.65
C ALA A 468 4.68 -9.51 26.28
N ARG A 469 4.73 -8.71 25.21
CA ARG A 469 4.47 -9.25 23.88
C ARG A 469 5.56 -10.21 23.44
N LEU A 470 6.83 -9.88 23.74
CA LEU A 470 7.93 -10.75 23.34
C LEU A 470 7.87 -12.09 24.08
N ASN A 471 7.45 -12.08 25.35
CA ASN A 471 7.33 -13.33 26.09
C ASN A 471 6.24 -14.22 25.49
N MET A 472 5.16 -13.62 25.00
CA MET A 472 4.10 -14.39 24.35
C MET A 472 4.60 -14.98 23.03
N GLN A 473 5.35 -14.21 22.25
CA GLN A 473 5.75 -14.66 20.93
C GLN A 473 6.77 -15.79 21.01
N LYS A 474 7.74 -15.69 21.90
CA LYS A 474 8.73 -16.76 22.06
C LYS A 474 8.10 -18.00 22.68
N THR A 475 7.06 -17.84 23.48
CA THR A 475 6.36 -18.99 24.05
C THR A 475 5.64 -19.79 22.96
N MET A 476 4.92 -19.08 22.08
CA MET A 476 4.26 -19.76 20.97
C MET A 476 5.26 -20.36 20.00
N GLN A 477 6.37 -19.67 19.77
CA GLN A 477 7.35 -20.11 18.78
C GLN A 477 8.02 -21.41 19.20
N SER A 478 8.27 -21.59 20.49
CA SER A 478 8.99 -22.76 20.97
C SER A 478 8.09 -23.88 21.47
N HIS A 479 6.82 -23.58 21.80
CA HIS A 479 5.93 -24.59 22.35
C HIS A 479 4.83 -25.05 21.39
N ALA A 480 4.46 -24.22 20.40
CA ALA A 480 3.43 -24.56 19.43
C ALA A 480 3.98 -24.37 18.02
N ALA A 481 5.03 -25.13 17.70
CA ALA A 481 5.70 -25.00 16.43
C ALA A 481 5.12 -26.01 15.43
N VAL A 482 5.89 -26.36 14.39
CA VAL A 482 5.41 -27.30 13.38
C VAL A 482 5.13 -28.66 14.02
N PHE A 483 6.12 -29.22 14.69
CA PHE A 483 5.97 -30.47 15.42
C PHE A 483 5.72 -30.16 16.89
N ARG A 484 4.69 -30.80 17.45
CA ARG A 484 4.28 -30.56 18.83
C ARG A 484 4.19 -31.89 19.57
N THR A 485 4.24 -31.80 20.90
CA THR A 485 4.10 -32.97 21.75
C THR A 485 3.39 -32.55 23.03
N GLY A 486 2.97 -33.55 23.81
CA GLY A 486 2.15 -33.28 24.99
C GLY A 486 2.89 -32.49 26.05
N SER A 487 4.12 -32.90 26.37
CA SER A 487 4.86 -32.27 27.46
C SER A 487 5.20 -30.82 27.13
N ILE A 488 5.56 -30.54 25.88
CA ILE A 488 5.95 -29.18 25.50
C ILE A 488 4.72 -28.29 25.40
N LEU A 489 3.60 -28.83 24.89
CA LEU A 489 2.37 -28.03 24.80
C LEU A 489 1.84 -27.66 26.18
N GLN A 490 1.97 -28.58 27.15
CA GLN A 490 1.53 -28.28 28.51
C GLN A 490 2.40 -27.21 29.15
N GLU A 491 3.72 -27.24 28.87
CA GLU A 491 4.60 -26.22 29.42
C GLU A 491 4.29 -24.83 28.85
N GLY A 492 3.82 -24.77 27.61
CA GLY A 492 3.45 -23.49 27.04
C GLY A 492 2.13 -22.96 27.57
N CYS A 493 1.23 -23.86 27.97
CA CYS A 493 -0.05 -23.42 28.53
C CYS A 493 0.14 -22.75 29.88
N GLU A 494 0.97 -23.33 30.74
CA GLU A 494 1.21 -22.74 32.05
C GLU A 494 1.99 -21.43 31.96
N LYS A 495 2.73 -21.22 30.87
CA LYS A 495 3.45 -19.97 30.69
C LYS A 495 2.51 -18.85 30.24
N LEU A 496 1.71 -19.11 29.20
CA LEU A 496 0.79 -18.09 28.70
C LEU A 496 -0.23 -17.68 29.74
N SER A 497 -0.71 -18.65 30.53
CA SER A 497 -1.63 -18.31 31.62
C SER A 497 -0.93 -17.46 32.67
N GLN A 498 0.35 -17.73 32.93
CA GLN A 498 1.13 -16.86 33.81
C GLN A 498 1.36 -15.49 33.17
N ILE A 499 1.63 -15.46 31.87
CA ILE A 499 1.79 -14.19 31.16
C ILE A 499 0.49 -13.40 31.16
N TYR A 500 -0.64 -14.08 30.95
CA TYR A 500 -1.94 -13.40 30.94
C TYR A 500 -2.25 -12.81 32.32
N ARG A 501 -1.90 -13.53 33.39
CA ARG A 501 -2.06 -12.98 34.72
C ARG A 501 -1.10 -11.81 34.96
N ASP A 502 0.08 -11.86 34.35
CA ASP A 502 1.06 -10.77 34.47
C ASP A 502 0.63 -9.51 33.73
N LEU A 503 -0.50 -9.54 33.01
CA LEU A 503 -1.00 -8.33 32.38
C LEU A 503 -1.50 -7.29 33.39
N ALA A 504 -1.70 -7.68 34.65
CA ALA A 504 -2.03 -6.70 35.68
C ALA A 504 -0.85 -5.83 36.04
N HIS A 505 0.37 -6.23 35.67
CA HIS A 505 1.58 -5.46 35.91
C HIS A 505 1.98 -4.60 34.71
N LEU A 506 1.06 -4.38 33.78
CA LEU A 506 1.39 -3.64 32.57
C LEU A 506 1.72 -2.19 32.88
N LYS A 507 2.59 -1.61 32.04
CA LYS A 507 3.04 -0.24 32.20
C LYS A 507 3.09 0.43 30.84
N THR A 508 2.37 1.53 30.70
CA THR A 508 2.45 2.39 29.52
C THR A 508 3.07 3.72 29.91
N PHE A 509 3.60 4.41 28.90
CA PHE A 509 4.27 5.69 29.11
C PHE A 509 3.53 6.87 28.51
N ASP A 510 2.89 6.69 27.36
CA ASP A 510 2.15 7.76 26.71
C ASP A 510 0.81 7.93 27.41
N ARG A 511 0.61 9.09 28.03
CA ARG A 511 -0.65 9.41 28.70
C ARG A 511 -1.61 10.17 27.81
N GLY A 512 -1.21 10.53 26.59
CA GLY A 512 -2.09 11.18 25.65
C GLY A 512 -3.15 10.23 25.12
N ILE A 513 -4.06 10.79 24.33
CA ILE A 513 -5.16 10.02 23.77
C ILE A 513 -5.13 10.11 22.25
N VAL A 514 -4.55 11.18 21.72
CA VAL A 514 -4.44 11.36 20.28
C VAL A 514 -3.26 10.53 19.76
N TRP A 515 -3.56 9.56 18.90
CA TRP A 515 -2.56 8.68 18.29
C TRP A 515 -1.61 8.11 19.34
N ASN A 516 -2.19 7.57 20.40
CA ASN A 516 -1.43 6.89 21.46
C ASN A 516 -1.21 5.45 21.00
N THR A 517 -0.21 5.27 20.13
CA THR A 517 0.11 3.93 19.65
C THR A 517 0.58 3.02 20.77
N ASP A 518 1.15 3.61 21.84
CA ASP A 518 1.46 2.83 23.03
C ASP A 518 0.19 2.23 23.62
N LEU A 519 -0.90 3.00 23.65
CA LEU A 519 -2.17 2.49 24.15
C LEU A 519 -2.80 1.51 23.16
N VAL A 520 -2.69 1.80 21.87
CA VAL A 520 -3.31 0.94 20.85
C VAL A 520 -2.64 -0.42 20.83
N GLU A 521 -1.30 -0.44 20.83
CA GLU A 521 -0.58 -1.71 20.83
C GLU A 521 -0.75 -2.47 22.14
N THR A 522 -1.13 -1.79 23.22
CA THR A 522 -1.47 -2.48 24.45
C THR A 522 -2.81 -3.19 24.33
N LEU A 523 -3.78 -2.55 23.67
CA LEU A 523 -5.06 -3.22 23.39
C LEU A 523 -4.86 -4.42 22.48
N GLU A 524 -3.94 -4.32 21.52
CA GLU A 524 -3.66 -5.45 20.64
C GLU A 524 -3.00 -6.60 21.38
N LEU A 525 -2.24 -6.29 22.43
CA LEU A 525 -1.65 -7.34 23.25
C LEU A 525 -2.72 -8.15 23.96
N GLN A 526 -3.75 -7.49 24.48
CA GLN A 526 -4.88 -8.20 25.06
C GLN A 526 -5.56 -9.09 24.03
N ASN A 527 -5.64 -8.61 22.79
CA ASN A 527 -6.26 -9.41 21.73
C ASN A 527 -5.37 -10.57 21.32
N LEU A 528 -4.06 -10.33 21.20
CA LEU A 528 -3.14 -11.40 20.82
C LEU A 528 -3.11 -12.50 21.88
N MET A 529 -3.18 -12.12 23.15
CA MET A 529 -3.11 -13.11 24.22
C MET A 529 -4.35 -14.00 24.23
N LEU A 530 -5.53 -13.42 24.03
CA LEU A 530 -6.75 -14.22 24.00
C LEU A 530 -6.71 -15.22 22.84
N CYS A 531 -6.14 -14.82 21.71
CA CYS A 531 -5.98 -15.75 20.60
C CYS A 531 -4.91 -16.78 20.89
N ALA A 532 -3.85 -16.39 21.60
CA ALA A 532 -2.76 -17.32 21.89
C ALA A 532 -3.19 -18.37 22.91
N LEU A 533 -4.03 -17.99 23.87
CA LEU A 533 -4.49 -18.94 24.87
C LEU A 533 -5.31 -20.05 24.24
N GLN A 534 -6.32 -19.70 23.44
CA GLN A 534 -7.18 -20.70 22.82
C GLN A 534 -6.41 -21.55 21.83
N THR A 535 -5.41 -20.99 21.16
CA THR A 535 -4.65 -21.74 20.17
C THR A 535 -3.87 -22.87 20.82
N ILE A 536 -3.11 -22.57 21.88
CA ILE A 536 -2.22 -23.57 22.46
C ILE A 536 -2.97 -24.53 23.37
N TYR A 537 -4.08 -24.10 23.99
CA TYR A 537 -4.86 -25.01 24.81
C TYR A 537 -5.61 -26.02 23.96
N GLY A 538 -6.18 -25.58 22.84
CA GLY A 538 -6.81 -26.51 21.93
C GLY A 538 -5.83 -27.48 21.29
N ALA A 539 -4.59 -27.01 21.05
CA ALA A 539 -3.57 -27.89 20.50
C ALA A 539 -3.19 -28.99 21.48
N GLU A 540 -3.10 -28.66 22.76
CA GLU A 540 -2.75 -29.66 23.77
C GLU A 540 -3.88 -30.67 23.93
N ALA A 541 -5.13 -30.23 23.85
CA ALA A 541 -6.25 -31.14 24.02
C ALA A 541 -6.40 -32.07 22.82
N ARG A 542 -6.22 -31.55 21.61
CA ARG A 542 -6.37 -32.35 20.39
C ARG A 542 -5.23 -33.36 20.33
N LYS A 543 -5.54 -34.62 20.65
CA LYS A 543 -4.54 -35.68 20.68
C LYS A 543 -4.63 -36.51 19.39
N GLU A 544 -4.24 -35.87 18.30
CA GLU A 544 -4.21 -36.52 16.99
C GLU A 544 -3.29 -35.71 16.08
N SER A 545 -3.17 -36.17 14.83
CA SER A 545 -2.40 -35.47 13.80
C SER A 545 -3.29 -35.26 12.59
N ARG A 546 -3.62 -34.00 12.30
CA ARG A 546 -4.52 -33.68 11.20
C ARG A 546 -4.09 -32.34 10.61
N GLY A 547 -3.77 -32.34 9.31
CA GLY A 547 -3.41 -31.10 8.65
C GLY A 547 -2.10 -30.53 9.19
N ALA A 548 -2.14 -29.25 9.56
CA ALA A 548 -0.97 -28.57 10.08
C ALA A 548 -0.68 -28.91 11.54
N HIS A 549 -1.61 -29.55 12.23
CA HIS A 549 -1.43 -29.92 13.63
C HIS A 549 -0.79 -31.31 13.68
N ALA A 550 0.50 -31.35 13.96
CA ALA A 550 1.26 -32.60 14.00
C ALA A 550 1.69 -32.87 15.44
N ARG A 551 1.17 -33.96 16.00
CA ARG A 551 1.54 -34.39 17.35
C ARG A 551 2.47 -35.59 17.23
N GLU A 552 3.70 -35.43 17.72
CA GLU A 552 4.66 -36.54 17.69
C GLU A 552 4.34 -37.60 18.72
N ASP A 553 3.41 -37.35 19.65
CA ASP A 553 2.92 -38.36 20.56
C ASP A 553 1.61 -38.99 20.11
N TYR A 554 0.92 -38.38 19.13
CA TYR A 554 -0.29 -38.93 18.51
C TYR A 554 -0.17 -38.68 17.01
N LYS A 555 0.60 -39.53 16.34
CA LYS A 555 0.98 -39.33 14.95
C LYS A 555 -0.08 -39.80 13.95
N LEU A 556 -1.25 -40.23 14.42
CA LEU A 556 -2.28 -40.76 13.53
C LEU A 556 -3.50 -39.85 13.52
N ARG A 557 -4.24 -39.90 12.42
CA ARG A 557 -5.49 -39.15 12.27
C ARG A 557 -6.64 -40.01 12.80
N ILE A 558 -7.40 -39.46 13.74
CA ILE A 558 -8.44 -40.21 14.45
C ILE A 558 -9.79 -39.71 13.94
N ASP A 559 -10.42 -40.50 13.06
CA ASP A 559 -11.74 -40.20 12.52
C ASP A 559 -12.76 -41.15 13.16
N GLU A 560 -14.03 -40.95 12.79
CA GLU A 560 -15.08 -41.81 13.33
C GLU A 560 -14.99 -43.23 12.78
N PHE A 561 -14.28 -43.44 11.67
CA PHE A 561 -14.02 -44.76 11.14
C PHE A 561 -12.54 -44.87 10.78
N ASP A 562 -12.07 -46.11 10.71
CA ASP A 562 -10.72 -46.39 10.23
C ASP A 562 -10.77 -46.45 8.70
N TYR A 563 -10.68 -45.28 8.07
CA TYR A 563 -10.84 -45.19 6.63
C TYR A 563 -9.65 -45.75 5.84
N SER A 564 -8.64 -46.29 6.52
CA SER A 564 -7.56 -46.99 5.86
C SER A 564 -7.89 -48.46 5.59
N LYS A 565 -9.13 -48.86 5.86
CA LYS A 565 -9.60 -50.23 5.67
C LYS A 565 -11.05 -50.17 5.23
N PRO A 566 -11.54 -51.23 4.58
CA PRO A 566 -12.96 -51.25 4.18
C PRO A 566 -13.88 -51.12 5.39
N LEU A 567 -14.84 -50.22 5.29
CA LEU A 567 -15.74 -49.94 6.40
C LEU A 567 -16.76 -51.05 6.63
N GLN A 568 -16.79 -52.07 5.78
CA GLN A 568 -17.72 -53.18 5.96
C GLN A 568 -17.39 -53.95 7.23
N GLY A 569 -18.29 -53.87 8.22
CA GLY A 569 -18.08 -54.56 9.47
C GLY A 569 -17.31 -53.78 10.52
N GLN A 570 -17.22 -52.47 10.39
CA GLN A 570 -16.52 -51.64 11.36
C GLN A 570 -17.50 -51.00 12.33
N GLN A 571 -17.04 -50.81 13.57
CA GLN A 571 -17.82 -50.15 14.59
C GLN A 571 -17.49 -48.65 14.58
N LYS A 572 -18.53 -47.82 14.48
CA LYS A 572 -18.32 -46.38 14.44
C LYS A 572 -17.85 -45.88 15.81
N ARG A 573 -16.83 -45.03 15.80
CA ARG A 573 -16.34 -44.47 17.05
C ARG A 573 -17.28 -43.38 17.55
N PRO A 574 -17.60 -43.38 18.85
CA PRO A 574 -18.46 -42.31 19.38
C PRO A 574 -17.85 -40.94 19.19
N PHE A 575 -18.72 -39.93 19.15
CA PHE A 575 -18.28 -38.56 18.89
C PHE A 575 -17.27 -38.08 19.93
N GLU A 576 -17.36 -38.58 21.15
CA GLU A 576 -16.45 -38.20 22.21
C GLU A 576 -15.17 -39.02 22.22
N GLU A 577 -15.01 -39.95 21.26
CA GLU A 577 -13.82 -40.79 21.20
C GLU A 577 -12.97 -40.57 19.95
N HIS A 578 -13.48 -39.84 18.95
CA HIS A 578 -12.70 -39.50 17.77
C HIS A 578 -12.51 -37.99 17.71
N TRP A 579 -11.67 -37.54 16.77
CA TRP A 579 -11.27 -36.14 16.71
C TRP A 579 -11.63 -35.46 15.39
N ARG A 580 -12.46 -36.07 14.55
CA ARG A 580 -12.93 -35.39 13.35
C ARG A 580 -14.10 -34.49 13.73
N LYS A 581 -13.75 -33.35 14.32
CA LYS A 581 -14.72 -32.40 14.83
C LYS A 581 -14.04 -31.06 15.05
N HIS A 582 -14.81 -29.98 14.95
CA HIS A 582 -14.27 -28.66 15.17
C HIS A 582 -14.04 -28.43 16.66
N THR A 583 -12.96 -27.71 16.98
CA THR A 583 -12.67 -27.32 18.35
C THR A 583 -13.29 -25.95 18.61
N LEU A 584 -14.11 -25.86 19.66
CA LEU A 584 -14.75 -24.61 20.05
C LEU A 584 -14.17 -24.17 21.39
N SER A 585 -13.65 -22.95 21.44
CA SER A 585 -12.95 -22.43 22.61
C SER A 585 -13.72 -21.28 23.24
N TYR A 586 -13.70 -21.24 24.57
CA TYR A 586 -14.26 -20.14 25.34
C TYR A 586 -13.21 -19.68 26.35
N VAL A 587 -13.25 -18.40 26.69
CA VAL A 587 -12.29 -17.82 27.64
C VAL A 587 -13.02 -16.89 28.60
N ASP A 588 -12.84 -17.12 29.89
CA ASP A 588 -13.24 -16.16 30.91
C ASP A 588 -12.18 -15.06 30.93
N VAL A 589 -12.54 -13.89 30.41
CA VAL A 589 -11.57 -12.82 30.22
C VAL A 589 -11.03 -12.30 31.55
N LYS A 590 -11.73 -12.54 32.65
CA LYS A 590 -11.27 -12.06 33.96
C LYS A 590 -10.08 -12.88 34.45
N SER A 591 -10.24 -14.20 34.48
CA SER A 591 -9.19 -15.08 34.98
C SER A 591 -8.28 -15.61 33.86
N GLY A 592 -8.82 -15.85 32.68
CA GLY A 592 -8.06 -16.39 31.58
C GLY A 592 -8.18 -17.88 31.37
N LYS A 593 -9.13 -18.54 32.04
CA LYS A 593 -9.30 -19.98 31.87
C LYS A 593 -9.95 -20.27 30.52
N VAL A 594 -9.48 -21.33 29.87
CA VAL A 594 -9.98 -21.72 28.56
C VAL A 594 -10.88 -22.94 28.71
N THR A 595 -12.08 -22.86 28.15
CA THR A 595 -13.03 -23.96 28.14
C THR A 595 -13.23 -24.42 26.71
N LEU A 596 -13.15 -25.73 26.48
CA LEU A 596 -13.18 -26.31 25.14
C LEU A 596 -14.40 -27.20 24.97
N LYS A 597 -15.09 -27.04 23.84
CA LYS A 597 -16.18 -27.92 23.43
C LYS A 597 -16.00 -28.22 21.95
N TYR A 598 -16.83 -29.11 21.42
CA TYR A 598 -16.65 -29.59 20.06
C TYR A 598 -17.99 -29.71 19.34
N ARG A 599 -17.95 -29.52 18.02
CA ARG A 599 -19.10 -29.66 17.14
C ARG A 599 -18.73 -30.47 15.92
N PRO A 600 -19.67 -31.22 15.36
CA PRO A 600 -19.34 -32.09 14.22
C PRO A 600 -19.02 -31.30 12.97
N VAL A 601 -18.28 -31.96 12.08
CA VAL A 601 -17.91 -31.37 10.79
C VAL A 601 -19.04 -31.62 9.79
N ILE A 602 -19.44 -30.58 9.08
CA ILE A 602 -20.49 -30.69 8.08
C ILE A 602 -19.95 -31.40 6.85
N ASP A 603 -20.50 -32.58 6.56
CA ASP A 603 -20.06 -33.39 5.43
C ASP A 603 -20.95 -33.25 4.20
N ARG A 604 -22.15 -32.69 4.36
CA ARG A 604 -23.07 -32.54 3.24
C ARG A 604 -22.67 -31.33 2.38
N THR A 605 -23.08 -31.38 1.12
CA THR A 605 -22.89 -30.28 0.20
C THR A 605 -24.21 -29.53 0.02
N LEU A 606 -24.19 -28.53 -0.86
CA LEU A 606 -25.41 -27.79 -1.17
C LEU A 606 -26.33 -28.55 -2.13
N ASN A 607 -25.80 -29.54 -2.83
CA ASN A 607 -26.57 -30.36 -3.76
C ASN A 607 -25.79 -31.63 -4.08
N GLU A 608 -26.24 -32.78 -3.56
CA GLU A 608 -25.52 -34.03 -3.78
C GLU A 608 -25.49 -34.41 -5.25
N GLU A 609 -26.60 -34.17 -5.97
CA GLU A 609 -26.64 -34.50 -7.38
C GLU A 609 -25.69 -33.63 -8.20
N ASP A 610 -25.51 -32.37 -7.79
CA ASP A 610 -24.62 -31.46 -8.49
C ASP A 610 -23.16 -31.62 -8.06
N CYS A 611 -22.92 -31.88 -6.77
CA CYS A 611 -21.56 -32.03 -6.26
C CYS A 611 -21.58 -33.11 -5.18
N SER A 612 -20.92 -34.24 -5.46
CA SER A 612 -20.94 -35.36 -4.53
C SER A 612 -20.06 -35.07 -3.32
N SER A 613 -20.54 -35.47 -2.15
CA SER A 613 -19.75 -35.36 -0.93
C SER A 613 -18.57 -36.32 -0.99
N VAL A 614 -17.42 -35.89 -0.47
CA VAL A 614 -16.19 -36.66 -0.51
C VAL A 614 -15.99 -37.30 0.86
N PRO A 615 -16.04 -38.63 0.98
CA PRO A 615 -15.80 -39.27 2.27
C PRO A 615 -14.32 -39.19 2.64
N PRO A 616 -14.00 -39.30 3.92
CA PRO A 616 -12.59 -39.27 4.32
C PRO A 616 -11.82 -40.45 3.74
N ALA A 617 -10.54 -40.21 3.46
CA ALA A 617 -9.66 -41.23 2.92
C ALA A 617 -8.22 -40.86 3.27
N ILE A 618 -7.28 -41.72 2.86
CA ILE A 618 -5.88 -41.45 3.12
C ILE A 618 -5.46 -40.21 2.35
N ARG A 619 -4.58 -39.41 2.95
CA ARG A 619 -4.14 -38.13 2.40
C ARG A 619 -2.65 -38.24 2.08
N SER A 620 -2.32 -38.24 0.80
CA SER A 620 -0.94 -38.36 0.36
C SER A 620 -0.72 -37.48 -0.87
N TYR A 621 0.53 -37.06 -1.07
CA TYR A 621 0.89 -36.23 -2.21
C TYR A 621 2.16 -36.77 -2.88
N THR B 8 30.78 -4.84 23.05
CA THR B 8 31.04 -4.46 21.67
C THR B 8 29.80 -3.83 21.05
N SER B 9 29.54 -2.58 21.38
CA SER B 9 28.35 -1.87 20.91
C SER B 9 28.72 -0.88 19.81
N ARG B 10 27.86 -0.78 18.81
CA ARG B 10 28.02 0.17 17.71
C ARG B 10 26.86 1.16 17.80
N ILE B 11 27.09 2.26 18.51
CA ILE B 11 26.03 3.22 18.82
C ILE B 11 25.76 4.08 17.59
N LYS B 12 24.50 4.09 17.16
CA LYS B 12 24.03 4.94 16.07
C LYS B 12 23.06 5.96 16.62
N LYS B 13 23.22 7.22 16.21
CA LYS B 13 22.42 8.31 16.72
C LYS B 13 21.33 8.70 15.72
N PHE B 14 20.11 8.86 16.22
CA PHE B 14 18.97 9.27 15.41
C PHE B 14 18.34 10.51 16.02
N SER B 15 18.11 11.52 15.19
CA SER B 15 17.42 12.75 15.61
C SER B 15 16.05 12.76 14.93
N ILE B 16 14.99 12.65 15.74
CA ILE B 16 13.65 12.41 15.23
C ILE B 16 12.74 13.57 15.60
N TYR B 17 11.95 14.02 14.62
CA TYR B 17 10.97 15.07 14.84
C TYR B 17 9.92 14.63 15.86
N ARG B 18 9.63 15.50 16.82
CA ARG B 18 8.68 15.20 17.89
C ARG B 18 7.68 16.34 18.04
N TRP B 19 6.42 15.99 18.29
CA TRP B 19 5.39 16.97 18.63
C TRP B 19 4.20 16.23 19.22
N ASP B 20 3.67 16.76 20.33
CA ASP B 20 2.55 16.14 21.02
C ASP B 20 1.34 17.06 20.95
N PRO B 21 0.22 16.64 20.34
CA PRO B 21 -0.96 17.51 20.31
C PRO B 21 -1.69 17.60 21.63
N ASP B 22 -1.55 16.60 22.51
CA ASP B 22 -2.22 16.61 23.80
C ASP B 22 -1.52 17.48 24.83
N LYS B 23 -0.32 17.98 24.52
CA LYS B 23 0.37 18.91 25.40
C LYS B 23 0.03 20.33 24.96
N PRO B 24 -0.72 21.10 25.75
CA PRO B 24 -1.10 22.46 25.33
C PRO B 24 0.12 23.37 25.28
N GLY B 25 0.33 23.98 24.11
CA GLY B 25 1.48 24.85 23.92
C GLY B 25 2.76 24.14 23.57
N ASP B 26 2.69 22.87 23.16
CA ASP B 26 3.88 22.11 22.81
C ASP B 26 4.40 22.55 21.45
N LYS B 27 5.71 22.77 21.35
CA LYS B 27 6.35 23.19 20.13
C LYS B 27 7.19 22.06 19.54
N PRO B 28 7.29 21.98 18.22
CA PRO B 28 8.08 20.90 17.60
C PRO B 28 9.53 20.94 18.03
N ARG B 29 10.14 19.77 18.10
CA ARG B 29 11.50 19.63 18.59
C ARG B 29 12.13 18.39 17.95
N MET B 30 13.45 18.28 18.10
CA MET B 30 14.21 17.13 17.62
C MET B 30 14.81 16.41 18.82
N GLN B 31 14.46 15.14 18.98
CA GLN B 31 14.96 14.33 20.08
C GLN B 31 15.96 13.30 19.56
N THR B 32 17.07 13.14 20.29
CA THR B 32 18.15 12.26 19.88
C THR B 32 18.07 10.95 20.64
N TYR B 33 18.23 9.84 19.91
CA TYR B 33 18.24 8.51 20.49
C TYR B 33 19.54 7.80 20.13
N GLU B 34 19.94 6.86 20.98
CA GLU B 34 21.13 6.05 20.75
C GLU B 34 20.72 4.59 20.64
N VAL B 35 21.09 3.96 19.54
CA VAL B 35 20.69 2.58 19.24
C VAL B 35 21.95 1.77 18.91
N ASP B 36 22.05 0.59 19.51
CA ASP B 36 23.14 -0.33 19.21
C ASP B 36 22.77 -1.14 17.96
N LEU B 37 23.54 -0.96 16.88
CA LEU B 37 23.22 -1.63 15.63
C LEU B 37 23.46 -3.13 15.68
N ASN B 38 24.30 -3.61 16.59
CA ASN B 38 24.53 -5.04 16.71
C ASN B 38 23.31 -5.77 17.27
N LYS B 39 22.44 -5.06 18.00
CA LYS B 39 21.22 -5.64 18.55
C LYS B 39 19.98 -5.06 17.91
N CYS B 40 20.06 -4.72 16.62
CA CYS B 40 18.94 -4.12 15.90
C CYS B 40 18.92 -4.65 14.48
N GLY B 41 17.78 -4.45 13.82
CA GLY B 41 17.62 -4.85 12.44
C GLY B 41 18.36 -3.92 11.50
N PRO B 42 18.48 -4.33 10.23
CA PRO B 42 19.24 -3.52 9.27
C PRO B 42 18.47 -2.32 8.72
N MET B 43 17.18 -2.22 8.97
CA MET B 43 16.35 -1.16 8.39
C MET B 43 16.04 -0.09 9.41
N VAL B 44 15.69 1.10 8.90
CA VAL B 44 15.39 2.23 9.77
C VAL B 44 14.14 1.96 10.61
N LEU B 45 13.14 1.31 10.01
CA LEU B 45 11.94 0.98 10.78
C LEU B 45 12.27 0.04 11.93
N ASP B 46 13.23 -0.86 11.74
CA ASP B 46 13.68 -1.72 12.83
C ASP B 46 14.27 -0.89 13.97
N ALA B 47 14.90 0.24 13.66
CA ALA B 47 15.41 1.12 14.70
C ALA B 47 14.29 1.89 15.39
N LEU B 48 13.28 2.32 14.61
CA LEU B 48 12.15 3.03 15.20
C LEU B 48 11.33 2.11 16.12
N ILE B 49 11.12 0.86 15.69
CA ILE B 49 10.40 -0.09 16.52
C ILE B 49 11.20 -0.42 17.76
N LYS B 50 12.53 -0.52 17.63
CA LYS B 50 13.38 -0.79 18.79
C LYS B 50 13.36 0.38 19.77
N ILE B 51 13.34 1.61 19.26
CA ILE B 51 13.26 2.78 20.13
C ILE B 51 11.93 2.80 20.87
N LYS B 52 10.83 2.54 20.15
CA LYS B 52 9.51 2.58 20.78
C LYS B 52 9.36 1.49 21.83
N ASN B 53 9.92 0.31 21.58
CA ASN B 53 9.78 -0.82 22.50
C ASN B 53 10.69 -0.72 23.72
N GLU B 54 11.78 0.03 23.64
CA GLU B 54 12.77 0.02 24.71
C GLU B 54 13.11 1.40 25.26
N LEU B 55 13.16 2.42 24.41
CA LEU B 55 13.64 3.74 24.83
C LEU B 55 12.52 4.74 25.08
N ASP B 56 11.51 4.79 24.21
CA ASP B 56 10.49 5.83 24.32
C ASP B 56 9.20 5.30 23.67
N SER B 57 8.26 4.83 24.50
CA SER B 57 7.00 4.33 23.99
C SER B 57 6.08 5.43 23.47
N THR B 58 6.43 6.70 23.69
CA THR B 58 5.62 7.81 23.20
C THR B 58 5.90 8.15 21.74
N LEU B 59 6.95 7.58 21.15
CA LEU B 59 7.25 7.83 19.75
C LEU B 59 6.17 7.21 18.87
N THR B 60 5.58 8.01 17.99
CA THR B 60 4.42 7.61 17.20
C THR B 60 4.75 7.66 15.72
N PHE B 61 4.39 6.58 15.00
CA PHE B 61 4.61 6.49 13.57
C PHE B 61 3.74 5.38 13.01
N ARG B 62 3.45 5.48 11.71
CA ARG B 62 2.67 4.46 11.02
C ARG B 62 3.58 3.35 10.51
N ARG B 63 3.12 2.10 10.65
CA ARG B 63 3.83 0.96 10.12
C ARG B 63 2.87 -0.23 10.09
N SER B 64 3.17 -1.20 9.24
CA SER B 64 2.32 -2.38 9.11
C SER B 64 3.05 -3.55 8.47
N CYS B 65 3.27 -3.48 7.16
CA CYS B 65 3.77 -4.63 6.41
C CYS B 65 5.26 -4.88 6.62
N ARG B 66 6.01 -3.89 7.09
CA ARG B 66 7.47 -3.91 7.23
C ARG B 66 8.19 -4.56 6.05
N GLU B 67 7.59 -4.52 4.86
CA GLU B 67 8.24 -5.07 3.67
C GLU B 67 8.08 -4.18 2.45
N GLY B 68 7.61 -2.94 2.61
CA GLY B 68 7.55 -2.00 1.51
C GLY B 68 6.47 -2.28 0.48
N ILE B 69 5.29 -2.72 0.93
CA ILE B 69 4.21 -3.02 0.00
C ILE B 69 2.95 -2.26 0.41
N CYS B 70 2.82 -1.96 1.70
CA CYS B 70 1.63 -1.25 2.17
C CYS B 70 1.77 0.27 2.07
N GLY B 71 2.98 0.80 2.24
CA GLY B 71 3.19 2.23 2.12
C GLY B 71 2.87 3.03 3.36
N SER B 72 2.84 2.39 4.54
CA SER B 72 2.42 3.09 5.74
C SER B 72 3.54 3.96 6.31
N CYS B 73 4.78 3.48 6.28
CA CYS B 73 5.89 4.11 6.98
C CYS B 73 6.61 5.16 6.13
N ALA B 74 5.91 5.83 5.24
CA ALA B 74 6.52 6.88 4.43
C ALA B 74 6.96 8.04 5.32
N MET B 75 8.23 8.42 5.19
CA MET B 75 8.77 9.53 5.98
C MET B 75 10.03 10.04 5.29
N ASN B 76 10.54 11.16 5.79
CA ASN B 76 11.74 11.79 5.26
C ASN B 76 12.94 11.34 6.08
N ILE B 77 13.75 10.46 5.52
CA ILE B 77 14.92 9.90 6.20
C ILE B 77 16.16 10.42 5.50
N ALA B 78 17.05 11.07 6.26
CA ALA B 78 18.30 11.61 5.73
C ALA B 78 18.06 12.59 4.59
N GLY B 79 16.98 13.35 4.68
CA GLY B 79 16.66 14.38 3.71
C GLY B 79 15.79 13.94 2.56
N GLY B 80 15.54 12.66 2.41
CA GLY B 80 14.76 12.16 1.28
C GLY B 80 13.61 11.28 1.72
N ASN B 81 12.49 11.41 1.02
CA ASN B 81 11.31 10.60 1.33
C ASN B 81 11.51 9.16 0.87
N THR B 82 11.24 8.22 1.76
CA THR B 82 11.37 6.80 1.45
C THR B 82 10.55 6.00 2.46
N LEU B 83 10.61 4.69 2.34
CA LEU B 83 9.95 3.77 3.26
C LEU B 83 10.94 3.33 4.32
N ALA B 84 10.55 3.50 5.59
CA ALA B 84 11.47 3.18 6.69
C ALA B 84 11.80 1.69 6.72
N CYS B 85 10.86 0.83 6.30
CA CYS B 85 11.08 -0.61 6.34
C CYS B 85 12.01 -1.11 5.25
N THR B 86 12.32 -0.29 4.25
CA THR B 86 13.25 -0.68 3.19
C THR B 86 14.49 0.20 3.14
N LYS B 87 14.61 1.18 4.02
CA LYS B 87 15.75 2.08 4.04
C LYS B 87 16.82 1.50 4.96
N LYS B 88 17.96 1.14 4.38
CA LYS B 88 19.07 0.60 5.18
C LYS B 88 19.61 1.65 6.14
N ILE B 89 19.92 1.22 7.36
CA ILE B 89 20.51 2.11 8.35
C ILE B 89 21.93 2.46 7.91
N ASP B 90 22.25 3.74 7.93
CA ASP B 90 23.59 4.21 7.60
C ASP B 90 24.56 3.75 8.68
N PRO B 91 25.50 2.85 8.38
CA PRO B 91 26.40 2.33 9.43
C PRO B 91 27.46 3.32 9.86
N ASP B 92 27.60 4.46 9.19
CA ASP B 92 28.58 5.47 9.58
C ASP B 92 28.14 6.09 10.90
N LEU B 93 28.82 5.71 11.98
CA LEU B 93 28.45 6.17 13.32
C LEU B 93 28.86 7.61 13.60
N SER B 94 29.55 8.27 12.66
CA SER B 94 29.99 9.64 12.89
C SER B 94 28.89 10.66 12.64
N LYS B 95 27.95 10.36 11.75
CA LYS B 95 26.86 11.27 11.43
C LYS B 95 25.54 10.76 12.01
N THR B 96 24.69 11.70 12.39
CA THR B 96 23.40 11.40 12.99
C THR B 96 22.32 11.46 11.93
N THR B 97 21.56 10.38 11.79
CA THR B 97 20.47 10.34 10.83
C THR B 97 19.30 11.17 11.34
N LYS B 98 18.83 12.11 10.51
CA LYS B 98 17.67 12.92 10.82
C LYS B 98 16.43 12.30 10.19
N ILE B 99 15.35 12.23 10.96
CA ILE B 99 14.08 11.67 10.50
C ILE B 99 12.99 12.71 10.72
N TYR B 100 12.31 13.08 9.65
CA TYR B 100 11.22 14.04 9.67
C TYR B 100 9.96 13.42 9.07
N PRO B 101 8.78 13.98 9.37
CA PRO B 101 7.56 13.54 8.66
C PRO B 101 7.60 13.91 7.19
N LEU B 102 6.58 13.52 6.43
CA LEU B 102 6.51 13.91 5.04
C LEU B 102 6.46 15.44 4.95
N PRO B 103 7.22 16.04 4.04
CA PRO B 103 7.37 17.50 4.05
C PRO B 103 6.09 18.23 3.68
N HIS B 104 5.92 19.41 4.27
CA HIS B 104 4.83 20.33 3.97
C HIS B 104 3.46 19.65 4.16
N MET B 105 3.30 18.98 5.29
CA MET B 105 2.05 18.33 5.66
C MET B 105 1.69 18.71 7.09
N TYR B 106 0.39 18.86 7.34
CA TYR B 106 -0.06 19.10 8.71
C TYR B 106 0.22 17.88 9.56
N VAL B 107 0.95 18.07 10.66
CA VAL B 107 1.39 16.97 11.50
C VAL B 107 0.31 16.64 12.52
N VAL B 108 -0.20 15.41 12.46
CA VAL B 108 -1.14 14.95 13.47
C VAL B 108 -0.42 14.72 14.79
N LYS B 109 0.69 13.97 14.75
CA LYS B 109 1.51 13.72 15.93
C LYS B 109 2.84 13.10 15.50
N ASP B 110 3.96 13.64 16.01
CA ASP B 110 5.28 13.12 15.73
C ASP B 110 5.53 12.95 14.23
N LEU B 111 5.59 11.69 13.78
CA LEU B 111 5.87 11.37 12.39
C LEU B 111 4.62 10.93 11.63
N VAL B 112 3.45 11.37 12.07
CA VAL B 112 2.18 10.95 11.47
C VAL B 112 1.57 12.18 10.80
N PRO B 113 1.59 12.26 9.48
CA PRO B 113 0.96 13.39 8.78
C PRO B 113 -0.51 13.12 8.46
N ASP B 114 -1.19 14.17 8.03
CA ASP B 114 -2.59 14.09 7.61
C ASP B 114 -2.63 13.92 6.11
N LEU B 115 -3.07 12.74 5.66
CA LEU B 115 -3.12 12.40 4.24
C LEU B 115 -4.53 12.46 3.68
N SER B 116 -5.45 13.17 4.35
CA SER B 116 -6.84 13.20 3.91
C SER B 116 -6.98 13.88 2.55
N ASN B 117 -6.27 15.00 2.34
CA ASN B 117 -6.34 15.68 1.06
C ASN B 117 -5.71 14.84 -0.05
N PHE B 118 -4.61 14.15 0.25
CA PHE B 118 -3.99 13.26 -0.72
C PHE B 118 -4.95 12.16 -1.14
N TYR B 119 -5.72 11.62 -0.18
CA TYR B 119 -6.69 10.58 -0.50
C TYR B 119 -7.87 11.14 -1.29
N ALA B 120 -8.33 12.35 -0.93
CA ALA B 120 -9.46 12.95 -1.64
C ALA B 120 -9.12 13.26 -3.09
N GLN B 121 -7.85 13.61 -3.36
CA GLN B 121 -7.44 13.86 -4.74
C GLN B 121 -7.41 12.57 -5.55
N TYR B 122 -7.01 11.46 -4.93
CA TYR B 122 -7.02 10.18 -5.62
C TYR B 122 -8.44 9.74 -5.95
N LYS B 123 -9.43 10.15 -5.14
CA LYS B 123 -10.81 9.83 -5.42
C LYS B 123 -11.39 10.69 -6.54
N SER B 124 -10.87 11.91 -6.72
CA SER B 124 -11.45 12.83 -7.69
C SER B 124 -11.24 12.37 -9.12
N ILE B 125 -10.19 11.58 -9.38
CA ILE B 125 -9.92 11.11 -10.74
C ILE B 125 -10.69 9.82 -11.06
N GLU B 126 -11.52 9.34 -10.14
CA GLU B 126 -12.32 8.13 -10.31
C GLU B 126 -11.43 6.95 -10.70
N PRO B 127 -10.63 6.43 -9.76
CA PRO B 127 -9.65 5.38 -10.09
C PRO B 127 -10.29 3.99 -10.16
N TYR B 128 -11.20 3.81 -11.11
CA TYR B 128 -11.83 2.53 -11.32
C TYR B 128 -12.22 2.40 -12.79
N LEU B 129 -12.45 1.15 -13.21
CA LEU B 129 -12.79 0.87 -14.60
C LEU B 129 -14.19 1.37 -14.91
N LYS B 130 -14.33 2.08 -16.02
CA LYS B 130 -15.60 2.63 -16.46
C LYS B 130 -15.84 2.24 -17.91
N LYS B 131 -17.04 1.73 -18.20
CA LYS B 131 -17.42 1.34 -19.56
C LYS B 131 -18.72 2.03 -19.93
N LYS B 132 -18.93 2.16 -21.25
CA LYS B 132 -20.16 2.77 -21.73
C LYS B 132 -21.35 1.83 -21.56
N ASP B 133 -21.16 0.54 -21.79
CA ASP B 133 -22.20 -0.47 -21.65
C ASP B 133 -21.84 -1.35 -20.45
N GLU B 134 -22.10 -0.84 -19.25
CA GLU B 134 -21.84 -1.56 -18.02
C GLU B 134 -22.98 -2.47 -17.62
N SER B 135 -23.93 -2.75 -18.52
CA SER B 135 -25.03 -3.65 -18.22
C SER B 135 -24.61 -5.10 -18.15
N LYS B 136 -23.39 -5.44 -18.61
CA LYS B 136 -22.86 -6.78 -18.56
C LYS B 136 -21.74 -6.90 -17.52
N GLN B 137 -21.90 -6.20 -16.40
CA GLN B 137 -20.91 -6.26 -15.33
C GLN B 137 -20.98 -7.59 -14.61
N GLY B 138 -19.92 -8.38 -14.69
CA GLY B 138 -19.86 -9.66 -14.02
C GLY B 138 -20.34 -10.84 -14.82
N LYS B 139 -20.42 -10.71 -16.15
CA LYS B 139 -20.85 -11.82 -17.00
C LYS B 139 -19.67 -12.61 -17.53
N GLU B 140 -18.78 -11.96 -18.27
CA GLU B 140 -17.62 -12.62 -18.84
C GLU B 140 -16.38 -11.75 -18.65
N GLN B 141 -15.22 -12.39 -18.71
CA GLN B 141 -13.96 -11.67 -18.57
C GLN B 141 -13.68 -10.83 -19.81
N TYR B 142 -13.28 -9.58 -19.59
CA TYR B 142 -12.88 -8.71 -20.69
C TYR B 142 -11.58 -9.22 -21.30
N LEU B 143 -11.42 -8.97 -22.60
CA LEU B 143 -10.22 -9.37 -23.31
C LEU B 143 -9.19 -8.25 -23.27
N GLN B 144 -7.92 -8.64 -23.10
CA GLN B 144 -6.81 -7.69 -23.13
C GLN B 144 -5.56 -8.45 -23.53
N SER B 145 -4.93 -8.02 -24.62
CA SER B 145 -3.74 -8.70 -25.12
C SER B 145 -2.58 -8.53 -24.13
N ILE B 146 -1.56 -9.38 -24.31
CA ILE B 146 -0.35 -9.27 -23.50
C ILE B 146 0.32 -7.92 -23.71
N GLU B 147 0.30 -7.41 -24.95
CA GLU B 147 0.91 -6.12 -25.23
C GLU B 147 0.15 -4.98 -24.58
N ASP B 148 -1.19 -5.05 -24.59
CA ASP B 148 -1.98 -4.03 -23.90
C ASP B 148 -1.86 -4.15 -22.38
N ARG B 149 -1.55 -5.36 -21.89
CA ARG B 149 -1.30 -5.53 -20.46
C ARG B 149 0.08 -5.01 -20.07
N GLN B 150 1.05 -5.12 -20.97
CA GLN B 150 2.40 -4.62 -20.68
C GLN B 150 2.42 -3.10 -20.52
N LYS B 151 1.46 -2.41 -21.14
CA LYS B 151 1.41 -0.96 -20.99
C LYS B 151 1.13 -0.54 -19.56
N LEU B 152 0.48 -1.40 -18.77
CA LEU B 152 0.21 -1.10 -17.37
C LEU B 152 1.42 -1.31 -16.47
N ASP B 153 2.47 -1.98 -16.95
CA ASP B 153 3.67 -2.17 -16.15
C ASP B 153 4.32 -0.83 -15.84
N GLY B 154 4.80 -0.68 -14.60
CA GLY B 154 5.35 0.57 -14.15
C GLY B 154 4.35 1.59 -13.67
N LEU B 155 3.06 1.28 -13.71
CA LEU B 155 2.00 2.18 -13.26
C LEU B 155 1.14 1.60 -12.16
N TYR B 156 0.73 0.33 -12.29
CA TYR B 156 -0.17 -0.28 -11.31
C TYR B 156 0.54 -0.66 -10.01
N GLU B 157 1.86 -0.58 -9.95
CA GLU B 157 2.60 -0.97 -8.75
C GLU B 157 2.63 0.12 -7.69
N CYS B 158 2.01 1.27 -7.94
CA CYS B 158 2.03 2.36 -6.97
C CYS B 158 1.34 1.94 -5.68
N ILE B 159 2.02 2.16 -4.55
CA ILE B 159 1.50 1.79 -3.24
C ILE B 159 0.87 2.96 -2.52
N LEU B 160 0.77 4.12 -3.16
CA LEU B 160 0.11 5.30 -2.59
C LEU B 160 0.75 5.71 -1.25
N CYS B 161 2.07 5.68 -1.19
CA CYS B 161 2.79 6.10 0.01
C CYS B 161 2.95 7.61 0.08
N ALA B 162 2.74 8.32 -1.04
CA ALA B 162 2.84 9.77 -1.15
C ALA B 162 4.25 10.29 -0.93
N CYS B 163 5.27 9.42 -1.08
CA CYS B 163 6.64 9.91 -1.01
C CYS B 163 6.95 10.85 -2.18
N CYS B 164 6.39 10.56 -3.35
CA CYS B 164 6.66 11.39 -4.53
C CYS B 164 5.96 12.74 -4.42
N SER B 165 4.68 12.74 -4.09
CA SER B 165 3.92 13.99 -4.04
C SER B 165 4.44 14.92 -2.95
N THR B 166 4.80 14.35 -1.78
CA THR B 166 5.34 15.18 -0.70
C THR B 166 6.78 15.62 -0.97
N SER B 167 7.38 15.19 -2.07
CA SER B 167 8.70 15.68 -2.46
C SER B 167 8.65 16.70 -3.58
N CYS B 168 7.51 16.88 -4.22
CA CYS B 168 7.39 17.80 -5.34
C CYS B 168 7.19 19.23 -4.82
N PRO B 169 8.07 20.17 -5.18
CA PRO B 169 7.88 21.56 -4.71
C PRO B 169 6.58 22.18 -5.18
N SER B 170 6.11 21.84 -6.38
CA SER B 170 4.83 22.36 -6.85
C SER B 170 3.69 21.89 -5.96
N TYR B 171 3.77 20.67 -5.45
CA TYR B 171 2.76 20.18 -4.51
C TYR B 171 2.86 20.88 -3.16
N TRP B 172 4.02 21.42 -2.82
CA TRP B 172 4.14 22.21 -1.59
C TRP B 172 3.33 23.50 -1.68
N TRP B 173 3.52 24.25 -2.77
CA TRP B 173 2.92 25.57 -2.86
C TRP B 173 1.46 25.53 -3.32
N ASN B 174 1.09 24.52 -4.10
CA ASN B 174 -0.24 24.45 -4.70
C ASN B 174 -0.89 23.09 -4.45
N GLY B 175 -0.67 22.52 -3.27
CA GLY B 175 -1.25 21.22 -2.95
C GLY B 175 -2.76 21.21 -2.88
N ASP B 176 -3.39 22.38 -2.78
CA ASP B 176 -4.84 22.43 -2.69
C ASP B 176 -5.50 22.15 -4.02
N LYS B 177 -4.83 22.46 -5.13
CA LYS B 177 -5.41 22.29 -6.46
C LYS B 177 -4.55 21.47 -7.43
N TYR B 178 -3.26 21.27 -7.15
CA TYR B 178 -2.42 20.43 -7.96
C TYR B 178 -2.50 18.99 -7.45
N LEU B 179 -2.83 18.05 -8.34
CA LEU B 179 -3.11 16.68 -7.91
C LEU B 179 -1.87 15.98 -7.40
N GLY B 180 -0.70 16.27 -7.97
CA GLY B 180 0.53 15.64 -7.56
C GLY B 180 0.86 14.42 -8.42
N PRO B 181 2.14 14.03 -8.40
CA PRO B 181 2.56 12.93 -9.29
C PRO B 181 1.90 11.60 -9.01
N ALA B 182 1.60 11.29 -7.74
CA ALA B 182 0.98 10.00 -7.42
C ALA B 182 -0.40 9.88 -8.05
N VAL B 183 -1.26 10.88 -7.82
CA VAL B 183 -2.61 10.84 -8.36
C VAL B 183 -2.59 10.94 -9.88
N LEU B 184 -1.67 11.76 -10.42
CA LEU B 184 -1.64 11.96 -11.87
C LEU B 184 -1.21 10.69 -12.59
N MET B 185 -0.25 9.94 -12.04
CA MET B 185 0.18 8.71 -12.69
C MET B 185 -0.93 7.66 -12.67
N GLN B 186 -1.70 7.60 -11.59
CA GLN B 186 -2.84 6.69 -11.55
C GLN B 186 -3.93 7.13 -12.52
N ALA B 187 -4.13 8.45 -12.66
CA ALA B 187 -5.04 8.92 -13.70
C ALA B 187 -4.57 8.47 -15.07
N TYR B 188 -3.27 8.46 -15.30
CA TYR B 188 -2.71 7.94 -16.54
C TYR B 188 -2.84 6.43 -16.64
N ARG B 189 -2.76 5.73 -15.50
CA ARG B 189 -2.92 4.28 -15.49
C ARG B 189 -4.29 3.87 -16.02
N TRP B 190 -5.32 4.69 -15.77
CA TRP B 190 -6.64 4.41 -16.30
C TRP B 190 -6.87 4.99 -17.69
N MET B 191 -6.03 5.93 -18.12
CA MET B 191 -6.18 6.49 -19.45
C MET B 191 -5.76 5.50 -20.53
N ILE B 192 -4.69 4.73 -20.27
CA ILE B 192 -4.15 3.81 -21.26
C ILE B 192 -4.58 2.37 -21.00
N ASP B 193 -5.49 2.15 -20.05
CA ASP B 193 -6.08 0.83 -19.89
C ASP B 193 -7.02 0.57 -21.06
N SER B 194 -6.70 -0.44 -21.87
CA SER B 194 -7.48 -0.73 -23.07
C SER B 194 -8.91 -1.15 -22.76
N ARG B 195 -9.24 -1.42 -21.49
CA ARG B 195 -10.58 -1.79 -21.10
C ARG B 195 -11.44 -0.59 -20.71
N ASP B 196 -10.84 0.57 -20.49
CA ASP B 196 -11.57 1.77 -20.10
C ASP B 196 -12.06 2.52 -21.33
N ASP B 197 -13.25 3.11 -21.23
CA ASP B 197 -13.88 3.79 -22.35
C ASP B 197 -14.12 5.27 -22.08
N TYR B 198 -13.46 5.84 -21.08
CA TYR B 198 -13.62 7.23 -20.70
C TYR B 198 -12.30 7.99 -20.73
N THR B 199 -11.48 7.68 -21.74
CA THR B 199 -10.17 8.34 -21.83
C THR B 199 -10.31 9.83 -22.09
N GLU B 200 -11.27 10.23 -22.93
CA GLU B 200 -11.46 11.64 -23.22
C GLU B 200 -11.97 12.41 -22.00
N GLU B 201 -12.89 11.81 -21.24
CA GLU B 201 -13.43 12.48 -20.06
C GLU B 201 -12.36 12.66 -18.98
N ARG B 202 -11.44 11.72 -18.86
CA ARG B 202 -10.37 11.85 -17.87
C ARG B 202 -9.36 12.91 -18.27
N LEU B 203 -9.17 13.13 -19.56
CA LEU B 203 -8.30 14.21 -20.02
C LEU B 203 -8.94 15.57 -19.79
N ALA B 204 -10.23 15.70 -20.13
CA ALA B 204 -10.92 16.98 -19.98
C ALA B 204 -11.02 17.42 -18.53
N GLN B 205 -10.86 16.50 -17.57
CA GLN B 205 -10.87 16.87 -16.17
C GLN B 205 -9.67 17.74 -15.81
N LEU B 206 -8.55 17.57 -16.51
CA LEU B 206 -7.32 18.30 -16.23
C LEU B 206 -7.19 19.57 -17.08
N GLN B 207 -8.29 20.05 -17.67
CA GLN B 207 -8.26 21.26 -18.48
C GLN B 207 -8.43 22.48 -17.57
N ASP B 208 -7.40 22.73 -16.76
CA ASP B 208 -7.37 23.84 -15.84
C ASP B 208 -5.92 24.14 -15.51
N PRO B 209 -5.61 25.35 -15.03
CA PRO B 209 -4.20 25.74 -14.85
C PRO B 209 -3.47 24.99 -13.74
N PHE B 210 -4.17 24.27 -12.87
CA PHE B 210 -3.56 23.74 -11.65
C PHE B 210 -3.46 22.22 -11.60
N SER B 211 -4.52 21.50 -11.99
CA SER B 211 -4.60 20.07 -11.71
C SER B 211 -3.41 19.31 -12.28
N LEU B 212 -2.98 19.65 -13.49
CA LEU B 212 -1.89 18.97 -14.16
C LEU B 212 -0.72 19.88 -14.50
N TYR B 213 -0.98 21.10 -14.95
CA TYR B 213 0.06 21.95 -15.53
C TYR B 213 0.89 22.70 -14.50
N ARG B 214 0.76 22.37 -13.22
CA ARG B 214 1.72 22.86 -12.23
C ARG B 214 3.01 22.06 -12.22
N CYS B 215 3.09 21.00 -13.01
CA CYS B 215 4.30 20.19 -13.11
C CYS B 215 5.30 20.86 -14.04
N HIS B 216 6.46 21.23 -13.50
CA HIS B 216 7.53 21.84 -14.28
C HIS B 216 8.71 20.88 -14.49
N THR B 217 8.47 19.58 -14.35
CA THR B 217 9.48 18.54 -14.57
C THR B 217 10.68 18.73 -13.66
N ILE B 218 10.41 18.87 -12.36
CA ILE B 218 11.49 18.97 -11.38
C ILE B 218 12.12 17.60 -11.14
N MET B 219 11.33 16.53 -11.24
CA MET B 219 11.79 15.13 -11.18
C MET B 219 12.28 14.73 -9.79
N ASN B 220 11.85 15.41 -8.74
CA ASN B 220 12.04 14.87 -7.40
C ASN B 220 11.21 13.63 -7.18
N CYS B 221 10.08 13.52 -7.89
CA CYS B 221 9.16 12.40 -7.68
C CYS B 221 9.79 11.07 -8.10
N THR B 222 10.37 11.01 -9.29
CA THR B 222 10.95 9.75 -9.77
C THR B 222 12.17 9.35 -8.96
N ARG B 223 12.96 10.33 -8.50
CA ARG B 223 14.15 10.02 -7.71
C ARG B 223 13.79 9.32 -6.40
N THR B 224 12.70 9.77 -5.76
CA THR B 224 12.39 9.35 -4.40
C THR B 224 11.42 8.17 -4.33
N CYS B 225 10.91 7.68 -5.45
CA CYS B 225 9.93 6.60 -5.43
C CYS B 225 10.57 5.32 -4.92
N PRO B 226 10.10 4.74 -3.81
CA PRO B 226 10.69 3.48 -3.32
C PRO B 226 10.36 2.27 -4.18
N LYS B 227 9.40 2.38 -5.10
CA LYS B 227 9.05 1.29 -5.99
C LYS B 227 9.79 1.35 -7.33
N GLY B 228 10.68 2.33 -7.52
CA GLY B 228 11.38 2.45 -8.77
C GLY B 228 10.52 2.90 -9.94
N LEU B 229 9.38 3.52 -9.66
CA LEU B 229 8.49 3.99 -10.71
C LEU B 229 8.92 5.37 -11.20
N ASN B 230 8.27 5.83 -12.27
CA ASN B 230 8.61 7.09 -12.91
C ASN B 230 7.34 7.92 -13.08
N PRO B 231 6.87 8.55 -12.00
CA PRO B 231 5.69 9.41 -12.13
C PRO B 231 5.95 10.66 -12.97
N GLY B 232 7.21 11.11 -13.05
CA GLY B 232 7.51 12.24 -13.91
C GLY B 232 7.29 11.95 -15.37
N LYS B 233 7.68 10.74 -15.81
CA LYS B 233 7.47 10.35 -17.20
C LYS B 233 5.98 10.20 -17.51
N ALA B 234 5.21 9.69 -16.55
CA ALA B 234 3.78 9.51 -16.79
C ALA B 234 3.07 10.84 -16.95
N ILE B 235 3.48 11.86 -16.18
CA ILE B 235 2.90 13.19 -16.32
C ILE B 235 3.15 13.74 -17.73
N ALA B 236 4.35 13.50 -18.26
CA ALA B 236 4.67 13.99 -19.59
C ALA B 236 3.86 13.29 -20.67
N GLU B 237 3.53 12.01 -20.48
CA GLU B 237 2.68 11.31 -21.44
C GLU B 237 1.26 11.84 -21.39
N ILE B 238 0.80 12.27 -20.20
CA ILE B 238 -0.51 12.90 -20.11
C ILE B 238 -0.53 14.21 -20.88
N LYS B 239 0.53 15.02 -20.74
CA LYS B 239 0.61 16.29 -21.45
C LYS B 239 0.56 16.09 -22.95
N LYS B 240 1.28 15.08 -23.46
CA LYS B 240 1.24 14.78 -24.88
C LYS B 240 -0.18 14.42 -25.33
N MET B 241 -0.89 13.63 -24.51
CA MET B 241 -2.26 13.27 -24.84
C MET B 241 -3.19 14.47 -24.77
N MET B 242 -2.94 15.41 -23.85
CA MET B 242 -3.81 16.57 -23.70
C MET B 242 -3.79 17.47 -24.92
N ALA B 243 -2.67 17.52 -25.63
CA ALA B 243 -2.50 18.44 -26.76
C ALA B 243 -2.84 17.80 -28.10
N THR B 244 -3.16 16.51 -28.14
CA THR B 244 -3.39 15.82 -29.40
C THR B 244 -4.78 15.23 -29.56
N TYR B 245 -5.53 15.03 -28.47
CA TYR B 245 -6.83 14.40 -28.58
C TYR B 245 -7.88 15.38 -29.12
N LYS B 246 -8.85 14.82 -29.84
CA LYS B 246 -9.95 15.58 -30.40
C LYS B 246 -11.26 15.19 -29.73
N GLU B 247 -12.18 16.14 -29.64
CA GLU B 247 -13.46 15.91 -29.00
C GLU B 247 -14.44 15.19 -29.93
N ALA C 2 -19.98 8.68 1.94
CA ALA C 2 -21.07 9.63 2.08
C ALA C 2 -20.56 11.07 1.91
N THR C 3 -19.30 11.20 1.52
CA THR C 3 -18.67 12.49 1.30
C THR C 3 -17.94 12.47 -0.03
N THR C 4 -18.26 13.43 -0.90
CA THR C 4 -17.60 13.51 -2.19
C THR C 4 -16.17 14.02 -2.02
N ALA C 5 -15.39 13.92 -3.09
CA ALA C 5 -13.98 14.32 -3.03
C ALA C 5 -13.85 15.82 -2.75
N LYS C 6 -14.69 16.64 -3.37
CA LYS C 6 -14.62 18.08 -3.11
C LYS C 6 -15.05 18.41 -1.69
N GLU C 7 -16.00 17.66 -1.13
CA GLU C 7 -16.37 17.88 0.27
C GLU C 7 -15.25 17.47 1.21
N GLU C 8 -14.54 16.39 0.88
CA GLU C 8 -13.41 15.97 1.71
C GLU C 8 -12.27 16.97 1.65
N MET C 9 -12.03 17.57 0.48
CA MET C 9 -10.99 18.58 0.36
C MET C 9 -11.33 19.81 1.19
N ALA C 10 -12.59 20.27 1.13
CA ALA C 10 -13.00 21.43 1.89
C ALA C 10 -12.92 21.17 3.40
N ARG C 11 -13.28 19.96 3.82
CA ARG C 11 -13.17 19.61 5.23
C ARG C 11 -11.71 19.52 5.68
N PHE C 12 -10.81 19.13 4.78
CA PHE C 12 -9.40 19.06 5.11
C PHE C 12 -8.86 20.43 5.50
N TRP C 13 -9.02 21.43 4.63
CA TRP C 13 -8.55 22.77 4.93
C TRP C 13 -9.37 23.45 6.03
N GLU C 14 -10.61 23.00 6.24
CA GLU C 14 -11.46 23.57 7.28
C GLU C 14 -10.93 23.27 8.68
N MLZ C 15 -10.53 22.01 8.90
CA MLZ C 15 -10.14 21.57 10.22
CB MLZ C 15 -10.58 20.12 10.44
CG MLZ C 15 -9.59 19.12 9.86
CD MLZ C 15 -10.02 17.69 10.20
CE MLZ C 15 -8.89 16.70 9.95
NZ MLZ C 15 -8.62 16.50 8.54
CM MLZ C 15 -9.63 15.93 7.67
C MLZ C 15 -8.66 21.70 10.47
O MLZ C 15 -8.24 21.60 11.64
N ASN C 16 -7.87 21.91 9.42
CA ASN C 16 -6.42 22.01 9.59
C ASN C 16 -5.97 23.46 9.76
N THR C 17 -6.61 24.38 9.06
CA THR C 17 -6.23 25.79 9.17
C THR C 17 -6.67 26.40 10.50
N LYS C 18 -7.66 25.80 11.17
CA LYS C 18 -8.13 26.30 12.46
C LYS C 18 -7.53 25.54 13.64
N SER C 19 -6.84 24.44 13.39
CA SER C 19 -6.25 23.64 14.46
C SER C 19 -4.91 24.24 14.89
N SER C 20 -4.24 23.56 15.82
CA SER C 20 -2.91 23.94 16.27
C SER C 20 -1.83 23.01 15.72
N ARG C 21 -2.15 22.25 14.68
CA ARG C 21 -1.17 21.35 14.08
C ARG C 21 -0.09 22.13 13.36
N PRO C 22 1.18 21.74 13.49
CA PRO C 22 2.23 22.42 12.75
C PRO C 22 2.37 21.88 11.33
N LEU C 23 3.09 22.64 10.51
CA LEU C 23 3.42 22.24 9.15
C LEU C 23 4.82 21.67 9.15
N SER C 24 4.96 20.43 8.68
CA SER C 24 6.26 19.77 8.69
C SER C 24 7.24 20.50 7.79
N PRO C 25 8.52 20.54 8.14
CA PRO C 25 9.48 21.29 7.32
C PRO C 25 9.67 20.64 5.95
N HIS C 26 10.15 21.44 5.00
CA HIS C 26 10.30 21.00 3.63
C HIS C 26 11.58 21.51 2.98
N ILE C 27 11.60 22.78 2.58
CA ILE C 27 12.74 23.31 1.83
C ILE C 27 13.98 23.36 2.72
N SER C 28 13.82 23.60 4.01
CA SER C 28 14.97 23.72 4.91
C SER C 28 15.54 22.37 5.34
N ILE C 29 14.92 21.26 4.97
CA ILE C 29 15.39 19.95 5.38
C ILE C 29 15.61 18.98 4.23
N TYR C 30 15.00 19.20 3.06
CA TYR C 30 15.05 18.20 2.01
C TYR C 30 16.42 18.18 1.33
N LYS C 31 16.89 16.98 1.02
CA LYS C 31 18.21 16.82 0.41
C LYS C 31 18.19 17.33 -1.03
N TRP C 32 19.16 18.16 -1.37
CA TRP C 32 19.24 18.71 -2.72
C TRP C 32 19.89 17.71 -3.67
N SER C 33 19.58 17.87 -4.95
CA SER C 33 20.21 17.11 -6.02
C SER C 33 20.55 18.06 -7.16
N LEU C 34 21.31 17.56 -8.13
CA LEU C 34 21.67 18.40 -9.27
C LEU C 34 20.47 18.70 -10.16
N PRO C 35 19.60 17.74 -10.52
CA PRO C 35 18.41 18.12 -11.30
C PRO C 35 17.50 19.08 -10.58
N MET C 36 17.38 18.97 -9.25
CA MET C 36 16.56 19.92 -8.50
C MET C 36 17.20 21.30 -8.48
N ALA C 37 18.52 21.37 -8.27
CA ALA C 37 19.20 22.66 -8.27
C ALA C 37 19.20 23.29 -9.66
N MET C 38 19.19 22.46 -10.71
CA MET C 38 19.10 22.99 -12.07
C MET C 38 17.69 23.39 -12.45
N SER C 39 16.68 22.93 -11.70
CA SER C 39 15.31 23.34 -11.98
C SER C 39 15.06 24.78 -11.53
N ILE C 40 15.54 25.13 -10.32
CA ILE C 40 15.35 26.49 -9.82
C ILE C 40 16.25 27.46 -10.56
N THR C 41 17.43 27.00 -11.00
CA THR C 41 18.31 27.87 -11.77
C THR C 41 17.71 28.21 -13.13
N HIS C 42 16.97 27.28 -13.73
CA HIS C 42 16.29 27.59 -14.98
C HIS C 42 15.21 28.64 -14.77
N ARG C 43 14.53 28.59 -13.63
CA ARG C 43 13.54 29.62 -13.32
C ARG C 43 14.22 30.93 -12.94
N GLY C 44 15.35 30.86 -12.23
CA GLY C 44 16.06 32.08 -11.86
C GLY C 44 16.62 32.82 -13.06
N THR C 45 17.25 32.09 -13.98
CA THR C 45 17.75 32.73 -15.19
C THR C 45 16.62 33.24 -16.06
N GLY C 46 15.51 32.48 -16.13
CA GLY C 46 14.38 32.93 -16.92
C GLY C 46 13.83 34.26 -16.46
N VAL C 47 13.61 34.40 -15.15
CA VAL C 47 13.10 35.66 -14.61
C VAL C 47 14.13 36.77 -14.77
N ALA C 48 15.41 36.45 -14.56
CA ALA C 48 16.45 37.46 -14.71
C ALA C 48 16.56 37.97 -16.14
N LEU C 49 16.32 37.10 -17.12
CA LEU C 49 16.38 37.53 -18.51
C LEU C 49 15.18 38.40 -18.87
N SER C 50 13.99 38.08 -18.34
CA SER C 50 12.82 38.89 -18.60
C SER C 50 12.94 40.28 -17.98
N LEU C 51 13.50 40.35 -16.77
CA LEU C 51 13.70 41.65 -16.13
C LEU C 51 14.78 42.46 -16.83
N GLY C 52 15.73 41.79 -17.49
CA GLY C 52 16.73 42.51 -18.26
C GLY C 52 16.17 43.10 -19.54
N VAL C 53 15.29 42.34 -20.21
CA VAL C 53 14.63 42.87 -21.41
C VAL C 53 13.74 44.05 -21.04
N SER C 54 13.08 43.97 -19.89
CA SER C 54 12.19 45.05 -19.47
C SER C 54 12.97 46.30 -19.08
N LEU C 55 14.11 46.13 -18.41
CA LEU C 55 14.94 47.28 -18.06
C LEU C 55 15.53 47.94 -19.31
N PHE C 56 15.96 47.14 -20.28
CA PHE C 56 16.45 47.69 -21.53
C PHE C 56 15.33 48.40 -22.30
N SER C 57 14.11 47.85 -22.22
CA SER C 57 12.98 48.49 -22.89
C SER C 57 12.62 49.81 -22.22
N LEU C 58 12.73 49.87 -20.89
CA LEU C 58 12.45 51.12 -20.18
C LEU C 58 13.55 52.15 -20.43
N ALA C 59 14.79 51.71 -20.60
CA ALA C 59 15.88 52.64 -20.87
C ALA C 59 15.72 53.30 -22.23
N ALA C 60 15.21 52.56 -23.22
CA ALA C 60 15.01 53.14 -24.54
C ALA C 60 13.93 54.21 -24.54
N LEU C 61 13.00 54.15 -23.57
CA LEU C 61 11.91 55.10 -23.50
C LEU C 61 12.20 56.29 -22.61
N LEU C 62 13.20 56.20 -21.73
CA LEU C 62 13.43 57.23 -20.72
C LEU C 62 14.79 57.90 -20.80
N LEU C 63 15.81 57.23 -21.33
CA LEU C 63 17.14 57.84 -21.37
C LEU C 63 17.18 58.97 -22.41
N PRO C 64 17.81 60.09 -22.08
CA PRO C 64 17.84 61.22 -23.03
C PRO C 64 18.67 60.93 -24.27
N GLU C 65 19.67 60.07 -24.18
CA GLU C 65 20.54 59.76 -25.30
C GLU C 65 20.15 58.43 -25.93
N GLN C 66 20.73 58.16 -27.10
CA GLN C 66 20.49 56.92 -27.83
C GLN C 66 21.58 55.90 -27.52
N PHE C 67 21.40 54.70 -28.07
CA PHE C 67 22.33 53.61 -27.77
C PHE C 67 23.75 53.84 -28.25
N PRO C 68 24.00 54.35 -29.48
CA PRO C 68 25.39 54.56 -29.90
C PRO C 68 26.18 55.52 -29.02
N HIS C 69 25.50 56.42 -28.30
CA HIS C 69 26.22 57.35 -27.43
C HIS C 69 26.82 56.63 -26.24
N TYR C 70 26.03 55.77 -25.58
CA TYR C 70 26.52 55.06 -24.40
C TYR C 70 27.59 54.02 -24.75
N VAL C 71 27.62 53.53 -25.99
CA VAL C 71 28.68 52.62 -26.40
C VAL C 71 30.01 53.36 -26.46
N ALA C 72 30.00 54.59 -27.00
CA ALA C 72 31.23 55.37 -27.06
C ALA C 72 31.70 55.80 -25.68
N VAL C 73 30.77 56.02 -24.75
CA VAL C 73 31.15 56.40 -23.39
C VAL C 73 31.91 55.26 -22.72
N VAL C 74 31.41 54.03 -22.86
CA VAL C 74 32.10 52.88 -22.28
C VAL C 74 33.40 52.62 -23.02
N LYS C 75 33.40 52.79 -24.35
CA LYS C 75 34.61 52.53 -25.13
C LYS C 75 35.70 53.56 -24.87
N SER C 76 35.33 54.75 -24.37
CA SER C 76 36.33 55.77 -24.06
C SER C 76 36.97 55.57 -22.69
N LEU C 77 36.34 54.80 -21.80
CA LEU C 77 36.91 54.55 -20.49
C LEU C 77 38.14 53.65 -20.55
N SER C 78 38.33 52.93 -21.66
CA SER C 78 39.49 52.06 -21.87
C SER C 78 39.62 51.03 -20.75
N LEU C 79 38.62 50.16 -20.65
CA LEU C 79 38.63 49.13 -19.63
C LEU C 79 39.54 47.98 -20.04
N SER C 80 40.02 47.26 -19.04
CA SER C 80 40.95 46.16 -19.29
C SER C 80 40.23 45.02 -20.00
N PRO C 81 40.95 44.31 -20.89
CA PRO C 81 40.31 43.19 -21.62
C PRO C 81 39.82 42.08 -20.71
N ALA C 82 40.43 41.91 -19.54
CA ALA C 82 39.94 40.91 -18.59
C ALA C 82 38.61 41.32 -17.99
N LEU C 83 38.44 42.61 -17.68
CA LEU C 83 37.18 43.09 -17.15
C LEU C 83 36.08 43.06 -18.22
N ILE C 84 36.45 43.37 -19.46
CA ILE C 84 35.48 43.30 -20.56
C ILE C 84 35.06 41.86 -20.79
N TYR C 85 35.98 40.91 -20.65
CA TYR C 85 35.65 39.51 -20.82
C TYR C 85 34.73 39.02 -19.69
N SER C 86 34.95 39.50 -18.47
CA SER C 86 34.10 39.09 -17.35
C SER C 86 32.69 39.65 -17.48
N ALA C 87 32.57 40.87 -18.01
CA ALA C 87 31.24 41.46 -18.20
C ALA C 87 30.47 40.73 -19.29
N LYS C 88 31.14 40.39 -20.39
CA LYS C 88 30.47 39.64 -21.46
C LYS C 88 30.08 38.25 -20.98
N PHE C 89 30.93 37.61 -20.17
CA PHE C 89 30.62 36.29 -19.67
C PHE C 89 29.43 36.31 -18.73
N ALA C 90 29.35 37.32 -17.87
CA ALA C 90 28.24 37.40 -16.92
C ALA C 90 26.92 37.68 -17.62
N LEU C 91 26.96 38.30 -18.80
CA LEU C 91 25.73 38.59 -19.53
C LEU C 91 25.28 37.41 -20.38
N VAL C 92 26.23 36.64 -20.93
CA VAL C 92 25.88 35.52 -21.80
C VAL C 92 25.62 34.24 -21.02
N PHE C 93 26.11 34.13 -19.78
CA PHE C 93 25.93 32.90 -19.02
C PHE C 93 24.48 32.58 -18.72
N PRO C 94 23.66 33.49 -18.18
CA PRO C 94 22.24 33.13 -17.94
C PRO C 94 21.49 32.86 -19.23
N LEU C 95 21.80 33.56 -20.32
CA LEU C 95 21.15 33.27 -21.59
C LEU C 95 21.57 31.91 -22.11
N SER C 96 22.85 31.57 -21.99
CA SER C 96 23.33 30.30 -22.50
C SER C 96 22.75 29.13 -21.70
N TYR C 97 22.77 29.24 -20.37
CA TYR C 97 22.21 28.18 -19.53
C TYR C 97 20.73 27.98 -19.81
N HIS C 98 19.96 29.08 -19.84
CA HIS C 98 18.52 28.97 -20.06
C HIS C 98 18.21 28.42 -21.44
N THR C 99 19.05 28.72 -22.44
CA THR C 99 18.77 28.25 -23.80
C THR C 99 19.00 26.75 -23.92
N TRP C 100 20.13 26.25 -23.42
CA TRP C 100 20.40 24.82 -23.50
C TRP C 100 19.43 24.03 -22.64
N ASN C 101 19.19 24.48 -21.41
CA ASN C 101 18.23 23.79 -20.55
C ASN C 101 16.80 23.96 -21.06
N GLY C 102 16.52 25.01 -21.82
CA GLY C 102 15.24 25.11 -22.48
C GLY C 102 15.07 24.04 -23.56
N ILE C 103 16.13 23.78 -24.32
CA ILE C 103 16.14 22.66 -25.26
C ILE C 103 15.94 21.36 -24.50
N ARG C 104 16.58 21.24 -23.33
CA ARG C 104 16.40 20.06 -22.49
C ARG C 104 14.95 19.91 -22.05
N HIS C 105 14.27 21.02 -21.78
CA HIS C 105 12.85 20.96 -21.43
C HIS C 105 12.00 20.55 -22.64
N LEU C 106 12.36 21.03 -23.82
CA LEU C 106 11.58 20.70 -25.01
C LEU C 106 11.71 19.22 -25.38
N VAL C 107 12.87 18.63 -25.14
CA VAL C 107 13.02 17.18 -25.33
C VAL C 107 12.13 16.43 -24.35
N TRP C 108 12.06 16.90 -23.09
CA TRP C 108 11.16 16.30 -22.12
C TRP C 108 9.71 16.39 -22.56
N ASP C 109 9.32 17.54 -23.14
CA ASP C 109 7.95 17.71 -23.61
C ASP C 109 7.61 16.75 -24.73
N MET C 110 8.60 16.10 -25.35
CA MET C 110 8.37 15.03 -26.31
C MET C 110 8.33 13.66 -25.64
N GLY C 111 8.60 13.58 -24.34
CA GLY C 111 8.58 12.30 -23.66
C GLY C 111 9.83 11.48 -23.77
N LYS C 112 10.98 12.11 -23.98
CA LYS C 112 12.24 11.42 -24.15
C LYS C 112 13.21 11.82 -23.05
N GLY C 113 14.07 10.89 -22.66
CA GLY C 113 15.07 11.14 -21.64
C GLY C 113 14.52 11.30 -20.24
N PHE C 114 13.51 10.50 -19.88
CA PHE C 114 12.89 10.61 -18.56
C PHE C 114 13.42 9.61 -17.55
N LYS C 115 14.29 8.68 -17.96
CA LYS C 115 14.95 7.82 -16.99
C LYS C 115 15.85 8.67 -16.10
N LEU C 116 15.88 8.33 -14.80
CA LEU C 116 16.62 9.14 -13.84
C LEU C 116 18.08 9.29 -14.24
N SER C 117 18.69 8.22 -14.74
CA SER C 117 20.07 8.29 -15.20
C SER C 117 20.20 9.16 -16.45
N GLN C 118 19.17 9.17 -17.30
CA GLN C 118 19.18 10.04 -18.47
C GLN C 118 18.97 11.50 -18.07
N VAL C 119 18.22 11.73 -16.99
CA VAL C 119 18.05 13.09 -16.49
C VAL C 119 19.38 13.64 -15.99
N GLU C 120 20.18 12.80 -15.35
CA GLU C 120 21.49 13.23 -14.88
C GLU C 120 22.44 13.49 -16.04
N GLN C 121 22.38 12.66 -17.08
CA GLN C 121 23.25 12.85 -18.25
C GLN C 121 22.92 14.14 -18.98
N SER C 122 21.63 14.40 -19.23
CA SER C 122 21.25 15.60 -19.96
C SER C 122 21.60 16.86 -19.18
N GLY C 123 21.48 16.81 -17.85
CA GLY C 123 21.85 17.96 -17.04
C GLY C 123 23.34 18.28 -17.10
N VAL C 124 24.18 17.24 -17.05
CA VAL C 124 25.61 17.44 -17.16
C VAL C 124 25.99 17.94 -18.54
N VAL C 125 25.30 17.44 -19.57
CA VAL C 125 25.54 17.92 -20.94
C VAL C 125 25.20 19.41 -21.05
N VAL C 126 24.14 19.84 -20.37
CA VAL C 126 23.77 21.25 -20.40
C VAL C 126 24.81 22.10 -19.72
N LEU C 127 25.39 21.61 -18.62
CA LEU C 127 26.37 22.40 -17.87
C LEU C 127 27.64 22.63 -18.68
N ILE C 128 28.12 21.61 -19.40
CA ILE C 128 29.35 21.77 -20.16
C ILE C 128 29.11 22.61 -21.41
N LEU C 129 27.95 22.46 -22.05
CA LEU C 129 27.62 23.29 -23.19
C LEU C 129 27.42 24.74 -22.79
N THR C 130 26.89 24.98 -21.58
CA THR C 130 26.76 26.35 -21.09
C THR C 130 28.11 27.02 -20.92
N LEU C 131 29.08 26.29 -20.35
CA LEU C 131 30.41 26.85 -20.16
C LEU C 131 31.11 27.08 -21.50
N LEU C 132 31.03 26.11 -22.41
CA LEU C 132 31.71 26.23 -23.69
C LEU C 132 31.10 27.35 -24.54
N SER C 133 29.77 27.44 -24.57
CA SER C 133 29.14 28.49 -25.36
C SER C 133 29.40 29.87 -24.77
N SER C 134 29.37 29.98 -23.44
CA SER C 134 29.59 31.28 -22.79
C SER C 134 31.03 31.74 -22.95
N ALA C 135 32.00 30.83 -22.78
CA ALA C 135 33.39 31.21 -22.88
C ALA C 135 33.76 31.59 -24.32
N ALA C 136 33.18 30.90 -25.30
CA ALA C 136 33.49 31.20 -26.69
C ALA C 136 32.90 32.55 -27.11
N ILE C 137 31.65 32.81 -26.75
CA ILE C 137 31.01 34.07 -27.13
C ILE C 137 31.67 35.25 -26.41
N ALA C 138 32.04 35.06 -25.14
CA ALA C 138 32.70 36.13 -24.40
C ALA C 138 34.11 36.40 -24.91
N ALA C 139 34.72 35.44 -25.60
CA ALA C 139 36.06 35.60 -26.15
C ALA C 139 36.05 36.28 -27.53
N MET C 140 34.89 36.78 -27.97
CA MET C 140 34.79 37.44 -29.27
C MET C 140 34.89 38.95 -29.11
N SER D 2 -11.64 27.56 -26.09
CA SER D 2 -12.90 26.93 -25.75
C SER D 2 -12.75 26.04 -24.51
N SER D 3 -13.11 24.76 -24.66
CA SER D 3 -13.01 23.81 -23.55
C SER D 3 -11.61 23.23 -23.38
N LYS D 4 -10.69 23.54 -24.28
CA LYS D 4 -9.31 23.06 -24.20
C LYS D 4 -8.34 24.22 -24.03
N ALA D 5 -8.75 25.23 -23.25
CA ALA D 5 -7.92 26.43 -23.09
C ALA D 5 -6.60 26.12 -22.39
N ALA D 6 -6.59 25.13 -21.50
CA ALA D 6 -5.37 24.83 -20.74
C ALA D 6 -4.33 24.16 -21.62
N SER D 7 -4.75 23.18 -22.43
CA SER D 7 -3.79 22.45 -23.27
C SER D 7 -3.32 23.28 -24.46
N LEU D 8 -4.18 24.14 -25.01
CA LEU D 8 -3.77 25.00 -26.10
C LEU D 8 -2.73 26.02 -25.64
N HIS D 9 -2.90 26.56 -24.43
CA HIS D 9 -1.91 27.49 -23.90
C HIS D 9 -0.57 26.79 -23.65
N TRP D 10 -0.61 25.52 -23.23
CA TRP D 10 0.62 24.77 -23.04
C TRP D 10 1.32 24.51 -24.37
N THR D 11 0.55 24.22 -25.42
CA THR D 11 1.15 24.00 -26.74
C THR D 11 1.70 25.31 -27.31
N SER D 12 0.99 26.42 -27.11
CA SER D 12 1.47 27.71 -27.61
C SER D 12 2.77 28.13 -26.93
N GLU D 13 2.95 27.76 -25.66
CA GLU D 13 4.20 28.09 -24.97
C GLU D 13 5.38 27.38 -25.62
N ARG D 14 5.22 26.09 -25.91
CA ARG D 14 6.31 25.33 -26.52
C ARG D 14 6.58 25.80 -27.95
N ALA D 15 5.55 26.28 -28.65
CA ALA D 15 5.75 26.77 -30.01
C ALA D 15 6.50 28.09 -30.01
N VAL D 16 6.21 28.98 -29.06
CA VAL D 16 6.92 30.24 -28.97
C VAL D 16 8.37 30.02 -28.52
N SER D 17 8.57 29.06 -27.62
CA SER D 17 9.93 28.73 -27.18
C SER D 17 10.78 28.24 -28.34
N ALA D 18 10.21 27.38 -29.19
CA ALA D 18 10.94 26.91 -30.37
C ALA D 18 11.13 28.03 -31.38
N LEU D 19 10.12 28.88 -31.53
CA LEU D 19 10.26 30.04 -32.41
C LEU D 19 11.36 30.98 -31.92
N LEU D 20 11.35 31.29 -30.62
CA LEU D 20 12.40 32.12 -30.05
C LEU D 20 13.76 31.43 -30.15
N LEU D 21 13.79 30.10 -30.09
CA LEU D 21 15.04 29.37 -30.25
C LEU D 21 15.57 29.50 -31.68
N GLY D 22 14.67 29.54 -32.67
CA GLY D 22 15.09 29.69 -34.04
C GLY D 22 15.49 31.10 -34.42
N LEU D 23 15.06 32.11 -33.65
CA LEU D 23 15.44 33.49 -33.93
C LEU D 23 16.87 33.79 -33.50
N LEU D 24 17.43 33.00 -32.57
CA LEU D 24 18.81 33.25 -32.14
C LEU D 24 19.82 33.04 -33.27
N PRO D 25 19.79 31.93 -34.02
CA PRO D 25 20.68 31.84 -35.19
C PRO D 25 20.28 32.77 -36.32
N ALA D 26 18.98 33.08 -36.45
CA ALA D 26 18.54 33.99 -37.49
C ALA D 26 19.04 35.41 -37.23
N ALA D 27 19.16 35.80 -35.96
CA ALA D 27 19.68 37.12 -35.64
C ALA D 27 21.16 37.25 -35.98
N TYR D 28 21.89 36.13 -35.92
CA TYR D 28 23.32 36.14 -36.26
C TYR D 28 23.56 35.94 -37.74
N LEU D 29 22.72 35.16 -38.42
CA LEU D 29 22.90 34.89 -39.85
C LEU D 29 22.23 35.93 -40.73
N TYR D 30 21.02 36.37 -40.38
CA TYR D 30 20.27 37.35 -41.17
C TYR D 30 19.78 38.47 -40.27
N PRO D 31 20.70 39.31 -39.77
CA PRO D 31 20.26 40.44 -38.94
C PRO D 31 19.55 41.49 -39.79
N GLY D 32 18.49 42.05 -39.23
CA GLY D 32 17.71 43.05 -39.93
C GLY D 32 16.41 43.36 -39.23
N PRO D 33 15.59 44.23 -39.85
CA PRO D 33 14.33 44.64 -39.20
C PRO D 33 13.36 43.49 -38.99
N ALA D 34 13.31 42.52 -39.90
CA ALA D 34 12.36 41.42 -39.76
C ALA D 34 12.66 40.60 -38.50
N VAL D 35 13.94 40.34 -38.23
CA VAL D 35 14.31 39.60 -37.02
C VAL D 35 14.21 40.49 -35.79
N ASP D 36 14.46 41.80 -35.94
CA ASP D 36 14.35 42.72 -34.81
C ASP D 36 12.94 42.73 -34.24
N TYR D 37 11.93 42.89 -35.10
CA TYR D 37 10.55 42.91 -34.63
C TYR D 37 10.07 41.51 -34.26
N SER D 38 10.61 40.46 -34.90
CA SER D 38 10.27 39.10 -34.50
C SER D 38 10.78 38.81 -33.09
N LEU D 39 12.00 39.26 -32.79
CA LEU D 39 12.53 39.10 -31.44
C LEU D 39 11.71 39.92 -30.44
N ALA D 40 11.28 41.11 -30.82
CA ALA D 40 10.47 41.93 -29.93
C ALA D 40 9.16 41.23 -29.58
N ALA D 41 8.54 40.57 -30.55
CA ALA D 41 7.30 39.86 -30.29
C ALA D 41 7.53 38.56 -29.52
N ALA D 42 8.61 37.85 -29.83
CA ALA D 42 8.86 36.57 -29.19
C ALA D 42 9.32 36.75 -27.75
N LEU D 43 10.23 37.70 -27.51
CA LEU D 43 10.72 37.94 -26.16
C LEU D 43 9.59 38.40 -25.23
N THR D 44 8.67 39.22 -25.75
CA THR D 44 7.58 39.70 -24.92
C THR D 44 6.60 38.60 -24.59
N LEU D 45 6.18 37.83 -25.61
CA LEU D 45 5.18 36.79 -25.39
C LEU D 45 5.74 35.66 -24.53
N HIS D 46 6.95 35.19 -24.85
CA HIS D 46 7.55 34.12 -24.06
C HIS D 46 7.79 34.55 -22.62
N GLY D 47 8.24 35.79 -22.42
CA GLY D 47 8.46 36.27 -21.06
C GLY D 47 7.17 36.54 -20.31
N HIS D 48 6.14 37.00 -21.02
CA HIS D 48 4.85 37.27 -20.37
C HIS D 48 4.20 35.98 -19.89
N TRP D 49 4.22 34.93 -20.72
CA TRP D 49 3.67 33.65 -20.29
C TRP D 49 4.54 33.00 -19.22
N GLY D 50 5.86 33.20 -19.29
CA GLY D 50 6.74 32.61 -18.30
C GLY D 50 6.55 33.21 -16.92
N LEU D 51 6.52 34.54 -16.84
CA LEU D 51 6.25 35.20 -15.57
C LEU D 51 4.85 34.92 -15.06
N GLY D 52 3.91 34.59 -15.94
CA GLY D 52 2.58 34.20 -15.50
C GLY D 52 2.57 32.86 -14.78
N GLN D 53 3.43 31.93 -15.21
CA GLN D 53 3.56 30.66 -14.50
C GLN D 53 4.15 30.87 -13.11
N VAL D 54 5.09 31.82 -12.98
CA VAL D 54 5.67 32.12 -11.67
C VAL D 54 4.63 32.71 -10.74
N ILE D 55 3.78 33.59 -11.26
CA ILE D 55 2.72 34.18 -10.44
C ILE D 55 1.71 33.11 -10.03
N THR D 56 1.33 32.24 -10.96
CA THR D 56 0.37 31.18 -10.65
C THR D 56 0.88 30.26 -9.55
N ASP D 57 2.19 30.03 -9.49
CA ASP D 57 2.75 29.12 -8.51
C ASP D 57 2.88 29.77 -7.14
N TYR D 58 3.33 31.02 -7.08
CA TYR D 58 3.73 31.64 -5.82
C TYR D 58 2.74 32.66 -5.28
N VAL D 59 1.80 33.14 -6.07
CA VAL D 59 0.82 34.13 -5.64
C VAL D 59 -0.52 33.44 -5.42
N HIS D 60 -1.10 33.64 -4.23
CA HIS D 60 -2.36 33.03 -3.86
C HIS D 60 -3.29 34.08 -3.25
N GLY D 61 -4.58 33.87 -3.44
CA GLY D 61 -5.59 34.82 -3.01
C GLY D 61 -6.16 35.54 -4.23
N ASP D 62 -7.48 35.75 -4.21
CA ASP D 62 -8.15 36.33 -5.37
C ASP D 62 -7.63 37.73 -5.69
N THR D 63 -7.49 38.57 -4.66
CA THR D 63 -7.02 39.94 -4.91
C THR D 63 -5.53 39.97 -5.26
N PRO D 64 -4.62 39.31 -4.54
CA PRO D 64 -3.20 39.37 -4.95
C PRO D 64 -2.95 38.79 -6.33
N ILE D 65 -3.74 37.80 -6.75
CA ILE D 65 -3.55 37.22 -8.08
C ILE D 65 -3.92 38.22 -9.17
N LYS D 66 -5.06 38.90 -9.00
CA LYS D 66 -5.48 39.87 -10.01
C LYS D 66 -4.53 41.06 -10.09
N VAL D 67 -3.97 41.47 -8.94
CA VAL D 67 -3.05 42.60 -8.93
C VAL D 67 -1.74 42.23 -9.64
N ALA D 68 -1.21 41.04 -9.32
CA ALA D 68 0.04 40.62 -9.94
C ALA D 68 -0.13 40.40 -11.44
N ASN D 69 -1.26 39.83 -11.86
CA ASN D 69 -1.49 39.61 -13.29
C ASN D 69 -1.74 40.91 -14.02
N THR D 70 -2.40 41.88 -13.38
CA THR D 70 -2.62 43.17 -14.02
C THR D 70 -1.30 43.91 -14.21
N GLY D 71 -0.43 43.89 -13.20
CA GLY D 71 0.86 44.52 -13.33
C GLY D 71 1.76 43.85 -14.36
N LEU D 72 1.56 42.54 -14.57
CA LEU D 72 2.35 41.84 -15.58
C LEU D 72 1.93 42.25 -16.98
N TYR D 73 0.64 42.49 -17.20
CA TYR D 73 0.19 43.01 -18.48
C TYR D 73 0.79 44.39 -18.74
N VAL D 74 0.81 45.25 -17.73
CA VAL D 74 1.40 46.58 -17.88
C VAL D 74 2.89 46.45 -18.17
N LEU D 75 3.58 45.56 -17.45
CA LEU D 75 5.00 45.37 -17.67
C LEU D 75 5.29 44.85 -19.07
N SER D 76 4.51 43.87 -19.53
CA SER D 76 4.72 43.31 -20.86
C SER D 76 4.35 44.31 -21.95
N ALA D 77 3.29 45.09 -21.73
CA ALA D 77 2.88 46.07 -22.73
C ALA D 77 3.95 47.13 -22.93
N ILE D 78 4.50 47.65 -21.83
CA ILE D 78 5.56 48.65 -21.94
C ILE D 78 6.83 48.03 -22.50
N THR D 79 7.08 46.75 -22.21
CA THR D 79 8.27 46.09 -22.73
C THR D 79 8.21 45.97 -24.24
N PHE D 80 7.10 45.45 -24.77
CA PHE D 80 6.97 45.30 -26.22
C PHE D 80 6.96 46.65 -26.92
N THR D 81 6.34 47.66 -26.29
CA THR D 81 6.32 48.99 -26.88
C THR D 81 7.71 49.60 -26.94
N GLY D 82 8.51 49.41 -25.89
CA GLY D 82 9.85 49.96 -25.88
C GLY D 82 10.78 49.25 -26.86
N LEU D 83 10.64 47.93 -26.99
CA LEU D 83 11.44 47.20 -27.96
C LEU D 83 11.10 47.63 -29.38
N CYS D 84 9.81 47.87 -29.65
CA CYS D 84 9.42 48.36 -30.96
C CYS D 84 9.87 49.79 -31.19
N TYR D 85 9.94 50.59 -30.12
CA TYR D 85 10.52 51.94 -30.25
C TYR D 85 12.00 51.86 -30.58
N PHE D 86 12.73 50.96 -29.92
CA PHE D 86 14.16 50.83 -30.16
C PHE D 86 14.45 50.35 -31.57
N ASN D 87 13.59 49.50 -32.13
CA ASN D 87 13.81 48.98 -33.48
C ASN D 87 13.50 50.00 -34.55
N TYR D 88 12.63 50.98 -34.26
CA TYR D 88 12.25 51.99 -35.25
C TYR D 88 13.06 53.27 -35.13
N TYR D 89 13.29 53.75 -33.91
CA TYR D 89 14.00 55.01 -33.71
C TYR D 89 15.49 54.84 -33.43
N ASP D 90 15.94 53.63 -33.11
CA ASP D 90 17.36 53.40 -32.85
C ASP D 90 17.90 52.33 -33.78
N VAL D 91 19.04 51.73 -33.42
CA VAL D 91 19.73 50.79 -34.31
C VAL D 91 19.09 49.43 -34.37
N GLY D 92 18.19 49.10 -33.46
CA GLY D 92 17.56 47.80 -33.44
C GLY D 92 18.29 46.80 -32.56
N ILE D 93 17.62 45.67 -32.33
CA ILE D 93 18.14 44.68 -31.39
C ILE D 93 19.41 44.02 -31.93
N CYS D 94 19.37 43.57 -33.19
CA CYS D 94 20.52 42.84 -33.74
C CYS D 94 21.75 43.73 -33.82
N LYS D 95 21.58 45.01 -34.15
CA LYS D 95 22.71 45.91 -34.25
C LYS D 95 23.23 46.33 -32.88
N ALA D 96 22.33 46.47 -31.90
CA ALA D 96 22.77 46.89 -30.56
C ALA D 96 23.68 45.85 -29.92
N VAL D 97 23.41 44.56 -30.17
CA VAL D 97 24.23 43.51 -29.59
C VAL D 97 25.62 43.50 -30.21
N ALA D 98 25.70 43.69 -31.53
CA ALA D 98 27.00 43.73 -32.20
C ALA D 98 27.82 44.93 -31.73
N MET D 99 27.16 46.08 -31.50
CA MET D 99 27.87 47.24 -31.00
C MET D 99 28.34 47.04 -29.56
N LEU D 100 27.56 46.31 -28.76
CA LEU D 100 27.96 46.05 -27.38
C LEU D 100 29.16 45.11 -27.32
N TRP D 101 29.19 44.11 -28.20
CA TRP D 101 30.28 43.14 -28.20
C TRP D 101 31.54 43.68 -28.84
N SER D 102 31.47 44.78 -29.58
CA SER D 102 32.64 45.39 -30.17
C SER D 102 33.39 46.30 -29.20
N ILE D 103 32.90 46.45 -27.98
CA ILE D 103 33.56 47.29 -26.99
C ILE D 103 34.87 46.66 -26.56
PA FAD E . -6.96 -8.15 6.17
O1A FAD E . -5.76 -8.66 6.94
O2A FAD E . -6.85 -7.94 4.68
O5B FAD E . -7.44 -6.77 6.82
C5B FAD E . -8.00 -6.74 8.13
C4B FAD E . -8.78 -5.44 8.29
O4B FAD E . -9.37 -5.37 9.60
C3B FAD E . -7.85 -4.23 8.19
O3B FAD E . -8.35 -3.33 7.20
C2B FAD E . -7.90 -3.55 9.54
O2B FAD E . -7.96 -2.12 9.39
C1B FAD E . -9.18 -4.08 10.14
N9A FAD E . -9.08 -4.13 11.62
C8A FAD E . -8.33 -4.96 12.34
N7A FAD E . -8.49 -4.69 13.66
C5A FAD E . -9.38 -3.67 13.75
C6A FAD E . -9.98 -2.93 14.88
N6A FAD E . -9.68 -3.21 16.16
N1A FAD E . -10.87 -1.94 14.60
C2A FAD E . -11.14 -1.70 13.31
N3A FAD E . -10.64 -2.32 12.25
C4A FAD E . -9.74 -3.33 12.45
N1 FAD E . -3.96 -15.66 0.20
C2 FAD E . -4.17 -16.07 -1.06
O2 FAD E . -5.25 -16.63 -1.33
N3 FAD E . -3.27 -15.89 -2.05
C4 FAD E . -2.12 -15.30 -1.73
O4 FAD E . -1.27 -15.13 -2.63
C4X FAD E . -1.84 -14.85 -0.43
N5 FAD E . -0.68 -14.25 -0.15
C5X FAD E . -0.44 -13.83 1.12
C6 FAD E . 0.77 -13.21 1.40
C7 FAD E . 1.04 -12.76 2.69
C7M FAD E . 2.35 -12.08 3.00
C8 FAD E . 0.09 -12.94 3.72
C8M FAD E . 0.38 -12.46 5.13
C9 FAD E . -1.11 -13.56 3.45
C9A FAD E . -1.39 -14.00 2.16
N10 FAD E . -2.58 -14.62 1.86
C10 FAD E . -2.82 -15.06 0.55
C1' FAD E . -3.59 -14.80 2.92
C2' FAD E . -4.62 -13.69 2.70
O2' FAD E . -4.00 -12.59 2.02
C3' FAD E . -5.22 -13.19 4.00
O3' FAD E . -5.78 -14.28 4.74
C4' FAD E . -6.30 -12.16 3.68
O4' FAD E . -5.75 -11.14 2.83
C5' FAD E . -6.93 -11.52 4.91
O5' FAD E . -7.85 -10.54 4.43
P FAD E . -9.01 -9.95 5.37
O1P FAD E . -9.81 -8.96 4.55
O2P FAD E . -9.71 -11.09 6.03
O3P FAD E . -8.21 -9.12 6.50
O1 OAA F . -1.44 -18.08 1.22
O2 OAA F . -2.66 -18.56 -0.54
O4 OAA F . 1.88 -16.65 -2.54
O5 OAA F . 2.86 -18.26 -1.44
O3 OAA F . 0.80 -16.72 0.30
C1 OAA F . -1.56 -18.37 0.01
C2 OAA F . -0.32 -18.47 -0.84
C3 OAA F . 0.81 -17.49 -0.65
C4 OAA F . 1.91 -17.47 -1.60
K K G . -9.66 -18.44 9.09
MG MG H . 1.95 -11.32 39.91
C BCT I . -26.57 -17.00 0.51
O1 BCT I . -26.14 -15.94 0.07
O2 BCT I . -27.45 -17.30 1.31
O3 BCT I . -25.97 -18.12 -0.16
C2 PEG J . 5.93 -7.50 16.30
O2 PEG J . 4.76 -6.80 16.73
C3 PEG J . 5.03 -5.42 16.96
C4 PEG J . 3.83 -4.77 17.67
O4 PEG J . 4.10 -3.38 17.87
C1 UNL K . -2.92 2.81 15.05
C3 UNL K . -3.26 0.45 14.18
C5 UNL K . -1.39 -0.56 14.85
C6 UNL K . -1.44 0.77 15.21
C7 UNL K . -0.35 1.45 15.96
N2 UNL K . -2.54 1.39 14.82
N4 UNL K . -2.57 -0.73 14.19
O8 UNL K . 0.72 0.89 16.13
C UNL L . -8.27 -42.59 9.82
O1 UNL L . -9.25 -42.76 9.10
O2 UNL L . -7.16 -42.12 9.64
O3 UNL L . -8.39 -43.16 11.13
C UNL M . -15.44 -38.33 -6.75
O1 UNL M . -15.95 -39.06 -7.61
O2 UNL M . -14.49 -38.44 -6.00
O3 UNL M . -16.19 -37.14 -6.46
C1 UNL N . 9.08 -5.51 -13.85
C2 UNL N . 7.87 -4.64 -14.11
O1 UNL N . 8.78 -6.85 -14.13
S2 UNL N . 6.35 -5.36 -13.43
C1 UNL O . -18.51 -37.69 12.14
C2 UNL O . -19.26 -36.38 11.92
O1 UNL O . -19.45 -38.74 12.29
S2 UNL O . -18.19 -34.93 12.12
N1 UNL P . -12.80 -20.77 6.60
N2 UNL P . -12.07 -21.41 7.23
N3 UNL P . -11.34 -22.05 7.86
C UNL Q . -2.23 -21.78 35.20
O1 UNL Q . -1.05 -22.01 34.98
O2 UNL Q . -3.41 -21.55 35.41
C02 UNL R . 8.98 -9.35 11.88
C04 UNL R . 9.54 -8.65 13.12
C06 UNL R . 10.74 -9.23 13.84
C07 UNL R . 11.76 -9.82 12.86
C08 UNL R . 12.32 -11.16 13.37
O01 UNL R . 9.36 -9.01 10.73
O03 UNL R . 8.14 -10.28 12.02
O05 UNL R . 9.03 -7.65 13.50
O09 UNL R . 11.59 -11.97 13.98
O10 UNL R . 13.54 -11.43 13.17
O UNL S . -8.94 -23.19 20.83
C1 UNL S . -9.23 -23.66 19.53
C2 UNL S . -10.59 -23.18 19.04
N1 UNL T . 0.86 -10.37 -18.31
N2 UNL T . 1.21 -9.83 -17.34
N3 UNL T . 1.55 -9.31 -16.36
N1 UNL U . -23.14 -6.75 -4.04
N2 UNL U . -24.21 -6.75 -3.59
N3 UNL U . -25.28 -6.77 -3.14
N1 UNL V . 8.57 -4.81 -5.59
N2 UNL V . 8.49 -5.62 -4.76
N3 UNL V . 8.42 -6.42 -3.93
N1 UNL W . -22.95 -24.20 7.26
N2 UNL W . -21.79 -24.18 7.14
N3 UNL W . -20.64 -24.17 7.02
C1 UNL X . -26.96 -27.84 3.20
C2 UNL X . -27.25 -26.92 4.41
C3 UNL X . -28.18 -25.82 3.85
O1 UNL X . -28.20 -28.29 2.73
O2 UNL X . -26.09 -26.41 4.96
O3 UNL X . -28.62 -25.08 4.94
N1 UNL Y . -28.50 -12.80 11.60
N2 UNL Y . -27.43 -13.24 11.62
N3 UNL Y . -26.36 -13.68 11.63
C UNL Z . 5.33 -0.09 26.55
O1 UNL Z . 6.25 -0.61 25.95
O2 UNL Z . 4.41 0.43 27.15
O UNL AA . -23.25 -36.23 -7.20
C UNL BA . -25.23 -15.99 -5.63
O UNL BA . -25.18 -16.72 -4.42
O UNL CA . -29.72 4.53 8.70
C1 UNL CA . -30.33 3.60 9.56
C2 UNL CA . -31.85 3.60 9.42
C UNL DA . -3.73 -36.02 -5.99
O UNL DA . -3.59 -35.04 -4.98
O UNL EA . -10.64 10.63 12.17
O UNL FA . -13.00 11.08 11.92
O UNL GA . -10.82 9.00 9.86
O UNL HA . -2.15 -40.57 6.10
O UNL HA . -3.78 -39.56 6.12
O UNL IA . -20.42 -32.85 23.19
O UNL JA . -17.89 -33.75 22.51
FE1 FES KA . 6.95 0.25 5.30
FE2 FES KA . 4.30 -1.31 4.89
S1 FES KA . 5.50 -0.74 6.68
S2 FES KA . 5.55 0.01 3.58
FE1 SF4 LA . 4.49 8.23 -5.51
FE2 SF4 LA . 6.18 5.69 -6.24
FE3 SF4 LA . 3.04 5.47 -5.94
FE4 SF4 LA . 4.81 5.89 -3.39
S1 SF4 LA . 4.78 4.39 -5.05
S2 SF4 LA . 3.07 6.98 -4.29
S3 SF4 LA . 6.22 7.17 -4.56
S4 SF4 LA . 4.43 6.74 -7.18
FE1 F3S MA . 7.05 17.80 -9.08
FE3 F3S MA . 7.93 15.24 -10.44
FE4 F3S MA . 6.65 17.48 -12.08
S1 F3S MA . 8.32 16.11 -8.45
S2 F3S MA . 6.58 19.21 -10.71
S3 F3S MA . 6.02 16.33 -10.33
S4 F3S MA . 7.85 15.70 -12.60
C1 UNL NA . -0.93 19.23 2.06
C2 UNL NA . -1.30 20.39 2.99
O1 UNL NA . -1.28 19.56 0.74
S2 UNL NA . -0.18 21.79 2.81
N1 UNL OA . -1.76 5.27 6.01
N2 UNL OA . -2.37 6.22 6.26
N3 UNL OA . -2.99 7.17 6.51
N1 UNL PA . 8.88 30.30 0.41
N2 UNL PA . 8.35 30.20 1.44
N3 UNL PA . 7.83 30.11 2.48
N1 UNL QA . -3.92 1.96 -24.68
N2 UNL QA . -5.05 2.15 -24.86
N3 UNL QA . -6.18 2.35 -25.05
N1 UNL RA . 4.69 27.74 2.83
N2 UNL RA . 4.85 28.63 2.10
N3 UNL RA . 5.00 29.52 1.37
N1 UNL SA . 3.73 7.87 7.52
N2 UNL SA . 2.72 8.09 7.00
N3 UNL SA . 1.71 8.32 6.48
O UNL TA . 0.91 9.38 -24.47
C1 UNL TA . 1.09 8.04 -24.09
C2 UNL TA . -0.18 7.22 -24.21
N1 UNL UA . -9.83 22.50 -2.30
N2 UNL UA . -9.68 22.34 -3.44
N3 UNL UA . -9.54 22.17 -4.58
N1 UNL VA . -14.66 11.11 -15.74
N2 UNL VA . -13.73 11.07 -15.05
N3 UNL VA . -12.80 11.06 -14.36
N1 UNL WA . 16.48 2.90 0.00
N2 UNL WA . 15.38 2.67 0.28
N3 UNL WA . 14.28 2.44 0.56
N1 UNL XA . -15.59 -9.56 -22.61
N2 UNL XA . -16.65 -9.63 -22.12
N3 UNL XA . -17.69 -9.72 -21.63
N1 UNL YA . -12.36 -4.77 -23.30
N2 UNL YA . -13.01 -5.72 -23.42
N3 UNL YA . -13.66 -6.67 -23.55
C UNL ZA . 18.78 6.92 24.07
O1 UNL ZA . 19.72 6.14 24.19
O2 UNL ZA . 17.85 7.70 23.96
C UNL AB . 9.77 -2.36 -2.21
O UNL AB . 9.44 -0.99 -2.05
O UNL BB . 15.62 15.52 -6.17
C1 TTF CB . 9.96 25.47 -11.53
C2 TTF CB . 9.39 25.72 -10.29
C3 TTF CB . 10.31 25.60 -9.26
S1 TTF CB . 11.88 25.17 -9.85
C4 TTF CB . 11.32 25.14 -11.50
C5 TTF CB . 10.21 25.77 -7.78
O1 TTF CB . 9.13 26.03 -7.27
C6 TTF CB . 11.49 25.62 -6.99
C7 TTF CB . 11.28 25.22 -5.54
C8 TTF CB . 12.47 24.75 -4.73
O2 TTF CB . 10.19 25.29 -5.00
F1 TTF CB . 12.11 24.66 -3.46
F2 TTF CB . 13.46 25.61 -4.85
F3 TTF CB . 12.85 23.56 -5.15
CHA HEM DB . 10.69 29.34 -19.23
CHB HEM DB . 12.06 33.90 -20.20
CHC HEM DB . 14.93 32.20 -23.73
CHD HEM DB . 12.89 27.82 -23.27
C1A HEM DB . 10.88 30.70 -19.12
C2A HEM DB . 10.42 31.55 -18.03
C3A HEM DB . 10.81 32.81 -18.30
C4A HEM DB . 11.51 32.81 -19.56
CMA HEM DB . 10.53 34.03 -17.40
CAA HEM DB . 9.64 31.08 -16.79
CBA HEM DB . 10.54 30.20 -15.92
CGA HEM DB . 9.70 29.25 -15.11
O1A HEM DB . 10.27 28.49 -14.29
O2A HEM DB . 8.45 29.24 -15.29
C1B HEM DB . 12.97 33.85 -21.24
C2B HEM DB . 13.65 34.97 -21.84
C3B HEM DB . 14.44 34.50 -22.82
C4B HEM DB . 14.30 33.06 -22.86
CMB HEM DB . 13.49 36.45 -21.43
CAB HEM DB . 15.36 35.35 -23.73
C1C HEM DB . 14.59 30.88 -23.96
C2C HEM DB . 15.08 30.04 -25.04
C3C HEM DB . 14.52 28.83 -24.91
C4C HEM DB . 13.65 28.87 -23.75
CMC HEM DB . 16.08 30.45 -26.13
CAC HEM DB . 14.74 27.62 -25.83
C1D HEM DB . 12.08 27.85 -22.16
C2D HEM DB . 11.20 26.80 -21.71
C3D HEM DB . 10.59 27.21 -20.59
C4D HEM DB . 11.06 28.55 -20.29
CMD HEM DB . 11.00 25.43 -22.39
CAD HEM DB . 9.56 26.37 -19.77
CBD HEM DB . 10.06 26.11 -18.37
CGD HEM DB . 9.13 25.18 -17.64
O1D HEM DB . 8.12 24.73 -18.25
O2D HEM DB . 9.37 24.88 -16.44
NA HEM DB . 11.53 31.51 -20.03
NB HEM DB . 13.38 32.70 -21.88
NC HEM DB . 13.72 30.13 -23.20
ND HEM DB . 11.96 28.90 -21.27
FE HEM DB . 12.63 30.83 -21.61
C2 UMQ EB . 22.61 10.81 -4.82
C4 UMQ EB . 24.19 9.18 -5.87
C5 UMQ EB . 24.31 10.16 -7.04
C6 UMQ EB . 24.61 9.41 -8.33
O2 UMQ EB . 22.34 11.59 -3.65
O4 UMQ EB . 25.43 8.50 -5.67
C1 UMQ EB . 22.83 11.71 -6.03
C3 UMQ EB . 23.82 9.92 -4.59
O1 UMQ EB . 23.94 12.59 -5.81
O3 UMQ EB . 23.52 8.97 -3.55
O5 UMQ EB . 23.11 10.91 -7.18
O6 UMQ EB . 23.52 8.55 -8.65
C1' UMQ EB . 24.19 16.72 -5.22
C2' UMQ EB . 23.60 15.90 -4.09
C3' UMQ EB . 23.93 14.42 -4.25
C4' UMQ EB . 23.54 13.95 -5.66
C5' UMQ EB . 24.19 14.85 -6.70
C6' UMQ EB . 23.83 14.43 -8.12
O1' UMQ EB . 23.75 18.07 -5.09
O3' UMQ EB . 23.21 13.66 -3.27
O5' UMQ EB . 23.77 16.20 -6.48
O6' UMQ EB . 22.44 14.67 -8.37
O2' UMQ EB . 24.12 16.37 -2.83
CA UMQ EB . 24.51 18.98 -5.87
CB UMQ EB . 23.90 20.37 -5.77
CC UMQ EB . 24.88 21.44 -6.24
CD UMQ EB . 24.23 22.39 -7.24
CF UMQ EB . 25.15 23.56 -7.57
CG UMQ EB . 24.54 24.43 -8.66
CH UMQ EB . 24.46 23.68 -9.98
CI UMQ EB . 23.83 24.53 -11.07
CJ UMQ EB . 24.62 25.82 -11.27
CK UMQ EB . 24.00 26.67 -12.37
CL UMQ EB . 24.73 27.97 -12.54
C1 UNL FB . -11.38 8.77 1.03
C2 UNL FB . -12.78 8.20 1.24
O1 UNL FB . -11.43 9.73 0.00
S2 UNL FB . -12.75 6.72 2.30
C UNL GB . -7.07 26.78 0.51
O1 UNL GB . -8.15 26.32 0.88
O2 UNL GB . -5.92 26.38 0.51
O3 UNL GB . -7.14 28.15 0.08
C11 UNL HB . 26.81 45.10 -18.05
C12 UNL HB . 25.34 45.21 -18.45
C14 UNL HB . 23.93 45.51 -20.33
C15 UNL HB . 23.99 45.77 -21.84
C17 UNL HB . 22.77 45.72 -23.85
C18 UNL HB . 21.38 45.76 -24.46
C2 UNL HB . 34.15 41.65 -12.61
C20 UNL HB . 19.50 44.47 -25.06
C21 UNL HB . 18.81 43.13 -24.90
C23 UNL HB . 16.86 41.92 -25.50
C3 UNL HB . 32.96 40.84 -13.11
C5 UNL HB . 30.69 40.97 -13.73
C6 UNL HB . 29.48 41.88 -13.75
C8 UNL HB . 28.26 43.38 -15.11
C9 UNL HB . 28.24 44.10 -16.45
O1 UNL HB . 35.24 40.77 -12.33
O10 UNL HB . 26.91 44.50 -16.75
O13 UNL HB . 25.26 45.61 -19.81
O16 UNL HB . 22.70 45.60 -22.42
O19 UNL HB . 20.75 44.48 -24.36
O22 UNL HB . 17.57 43.16 -25.61
O4 UNL HB . 31.86 41.71 -13.36
O7 UNL HB . 29.51 42.71 -14.92
C1 UNL IB . 17.95 26.19 -33.50
C2 UNL IB . 19.42 26.42 -33.18
C3 UNL IB . 20.90 27.03 -31.44
C4 UNL IB . 20.95 27.36 -29.95
C5 UNL IB . 22.31 28.21 -28.23
C6 UNL IB . 23.61 28.97 -27.96
C7 UNL IB . 24.53 30.71 -26.67
C8 UNL IB . 24.14 31.85 -25.73
O1 UNL IB . 17.82 25.71 -34.85
O2 UNL IB . 19.55 26.80 -31.81
O3 UNL IB . 22.27 27.77 -29.58
O4 UNL IB . 23.40 29.85 -26.87
N1 UNL JB . 27.32 34.58 -14.04
N2 UNL JB . 26.20 34.80 -13.79
N3 UNL JB . 25.09 35.01 -13.54
O UNL KB . 9.21 17.27 7.47
C UNL LB . 21.66 16.68 -13.66
O UNL LB . 20.75 17.76 -13.59
N1 UNL MB . 31.53 44.69 -22.13
N2 UNL MB . 30.83 45.49 -21.66
N3 UNL MB . 30.13 46.29 -21.21
P 3PE NB . 30.13 40.22 -34.46
N 3PE NB . 28.94 38.07 -38.04
O11 3PE NB . 28.55 40.28 -34.15
O12 3PE NB . 30.63 41.64 -34.60
O13 3PE NB . 30.21 39.53 -35.91
O14 3PE NB . 30.77 39.29 -33.46
C11 3PE NB . 29.76 40.20 -37.09
C12 3PE NB . 29.84 39.24 -38.27
C1 3PE NB . 27.73 39.14 -34.38
C2 3PE NB . 26.78 38.93 -33.19
C3 3PE NB . 27.64 38.80 -31.94
O31 3PE NB . 26.81 38.60 -30.79
O32 3PE NB . 28.61 37.98 -29.50
C31 3PE NB . 27.43 38.25 -29.52
C32 3PE NB . 26.61 38.24 -28.25
C33 3PE NB . 25.58 37.12 -28.30
C34 3PE NB . 24.86 37.00 -26.96
C35 3PE NB . 24.01 38.25 -26.69
C36 3PE NB . 23.62 38.34 -25.22
C37 3PE NB . 22.74 39.55 -24.96
C38 3PE NB . 22.59 39.82 -23.46
C39 3PE NB . 22.06 38.58 -22.74
O21 3PE NB . 25.88 40.03 -33.04
O22 3PE NB . 24.76 39.86 -35.06
C21 3PE NB . 24.67 39.90 -33.85
C22 3PE NB . 23.33 39.80 -33.17
C23 3PE NB . 23.11 38.36 -32.72
C24 3PE NB . 22.63 38.28 -31.27
C25 3PE NB . 21.20 38.78 -31.13
C26 3PE NB . 20.63 38.40 -29.76
C27 3PE NB . 19.20 38.91 -29.63
C28 3PE NB . 18.50 38.33 -28.39
C29 3PE NB . 19.15 38.82 -27.10
C2A 3PE NB . 18.24 38.50 -25.91
C2B 3PE NB . 18.86 38.96 -24.60
C2C 3PE NB . 17.83 38.87 -23.48
C2D 3PE NB . 18.46 39.14 -22.11
C2E 3PE NB . 19.05 40.53 -22.03
C2F 3PE NB . 19.77 40.72 -20.69
C2G 3PE NB . 20.51 42.05 -20.63
C2H 3PE NB . 19.53 43.22 -20.62
C2I 3PE NB . 20.26 44.53 -20.41
C02 UNL OB . -3.18 33.91 -21.87
C03 UNL OB . -2.60 35.01 -22.46
C05 UNL OB . -3.26 33.68 -24.00
C06 UNL OB . -2.17 35.76 -24.77
C07 UNL OB . -1.99 36.22 -21.74
C09 UNL OB . -3.53 33.08 -25.38
C10 UNL OB . -4.88 33.54 -25.93
C11 UNL OB . -3.43 31.56 -25.36
N01 UNL OB . -3.56 33.11 -22.85
N04 UNL OB . -2.66 34.84 -23.77
O08 UNL OB . -2.12 36.33 -20.56
O UNL PB . 9.58 41.20 -20.47
C1 UNL PB . 8.34 40.97 -19.84
C2 UNL PB . 7.43 40.11 -20.71
O UNL QB . 9.68 29.80 -3.71
C1 UNL QB . 10.94 29.15 -3.81
C2 UNL QB . 11.54 29.29 -5.20
N1 UNL RB . -1.25 25.77 -19.39
N2 UNL RB . -0.11 25.84 -19.28
N3 UNL RB . 1.05 25.90 -19.15
O UNL SB . 13.14 52.73 -39.72
C1 UNL SB . 12.60 53.99 -40.02
C2 UNL SB . 12.66 54.30 -41.52
O UNL TB . 4.68 30.24 -1.86
C1 UNL TB . 5.76 31.14 -1.89
C2 UNL TB . 5.33 32.56 -1.54
C3 UNL UB . 8.59 35.00 -36.05
C4 UNL UB . 7.44 35.99 -36.21
O2 UNL UB . 9.05 34.60 -37.35
O4 UNL UB . 7.05 36.49 -34.92
C2 UNL VB . 8.40 40.01 -39.25
C3 UNL VB . 7.31 39.56 -37.20
C4 UNL VB . 6.07 39.89 -36.37
O2 UNL VB . 7.27 40.31 -38.41
O4 UNL VB . 5.97 41.30 -36.18
C1 UNL WB . 15.78 40.06 -42.12
C2 UNL WB . 15.78 41.19 -43.16
C3 UNL WB . 14.42 42.84 -44.13
C4 UNL WB . 13.32 43.86 -43.87
C5 UNL WB . 10.96 43.97 -43.77
C6 UNL WB . 9.80 43.57 -42.88
C7 UNL WB . 8.67 44.19 -40.89
C8 UNL WB . 8.70 45.20 -39.75
O1 UNL WB . 15.73 40.61 -40.80
O2 UNL WB . 14.62 42.00 -43.00
O3 UNL WB . 12.13 43.20 -43.44
O4 UNL WB . 9.86 44.33 -41.67
O5 UNL WB . 7.47 45.14 -39.02
C3 UNL XB . 12.42 48.26 -42.55
C4 UNL XB . 11.00 48.61 -42.98
C5 UNL XB . 9.06 49.77 -42.29
C6 UNL XB . 8.42 50.53 -41.15
C7 UNL XB . 7.46 50.29 -39.01
C8 UNL XB . 7.12 49.28 -37.92
O2 UNL XB . 13.06 47.53 -43.61
O3 UNL XB . 10.36 49.32 -41.92
O4 UNL XB . 8.19 49.65 -40.05
O5 UNL XB . 6.30 49.90 -36.91
C1 UNL YB . 5.95 53.53 -40.29
C2 UNL YB . 5.61 54.75 -39.45
C3 UNL YB . 6.03 54.52 -37.15
C4 UNL YB . 5.27 54.56 -35.83
C5 UNL YB . 6.02 53.26 -34.02
C6 UNL YB . 6.86 53.33 -32.75
O1 UNL YB . 6.66 53.95 -41.45
O2 UNL YB . 5.10 54.34 -38.20
O3 UNL YB . 6.18 54.45 -34.76
O4 UNL YB . 6.75 52.09 -32.07
O UNL ZB . 5.62 19.68 -28.19
O UNL AC . -3.80 30.15 0.04
O UNL BC . -2.26 33.83 0.65
#